data_3N95
#
_entry.id   3N95
#
_cell.length_a   54.311
_cell.length_b   212.068
_cell.length_c   107.319
_cell.angle_alpha   90.000
_cell.angle_beta   104.540
_cell.angle_gamma   90.000
#
_symmetry.space_group_name_H-M   'P 1 21 1'
#
loop_
_entity.id
_entity.type
_entity.pdbx_description
1 polymer 'Maltose binding protein-CRFR2 alpha extracellular domain'
2 polymer Urocortin-2
3 branched alpha-D-glucopyranose-(1-4)-alpha-D-glucopyranose
4 water water
#
loop_
_entity_poly.entity_id
_entity_poly.type
_entity_poly.pdbx_seq_one_letter_code
_entity_poly.pdbx_strand_id
1 'polypeptide(L)'
;MAKIEEGKLVIWINGDKGYNGLAEVGKKFEKDTGIKVTVEHPDKLEEKFPQVAATGDGPDIIFWAHDRFGGYAQSGLLAE
ITPDKAFQDKLYPFTWDAVRYNGKLIAYPIAVEALSLIYNKDLLPNPPKTWEEIPALDKELKAKGKSALMFNLQEPYFTW
PLIAADGGYAFKYENGKYDIKDVGVDNAGAKAGLTFLVDLIKNKHMNADTDYSIAEAAFNKGETAMTINGPWAWSNIDTS
KVNYGVTVLPTFKGQPSKPFVGVLSAGINAASPNKELAKEFLENYLLTDEGLEAVNKDKPLGAVALKSYEEELAKDPRIA
ATMENAQKGEIMPNIPQMSAFWYAVRTAVINAASGRQTVDEALKDAQTNAAAEFAALLHSLLEANCSLALAEELLLDGWG
PPLDPEGPYSYCNTTLDQIGTCWPRSAAGALVERPCPEYFNGVKYNTTRNAYRECLENGTWASKINYSQCEPILDDHHHH
HH
;
A,B,C,D
2 'polypeptide(L)' AAREQATTNARILARV(NH2) E,F
#
# COMPACT_ATOMS: atom_id res chain seq x y z
N LYS A 3 16.13 -8.60 27.21
CA LYS A 3 15.92 -7.19 26.76
C LYS A 3 16.74 -6.79 25.50
N ILE A 4 16.04 -6.77 24.35
CA ILE A 4 16.67 -6.39 23.08
C ILE A 4 16.84 -4.86 23.05
N GLU A 5 17.97 -4.41 22.52
CA GLU A 5 18.34 -2.98 22.51
C GLU A 5 17.55 -2.17 21.48
N GLU A 6 16.92 -1.08 21.92
CA GLU A 6 16.19 -0.21 21.02
C GLU A 6 17.19 0.62 20.23
N GLY A 7 17.01 0.71 18.91
CA GLY A 7 17.83 1.59 18.07
C GLY A 7 18.98 0.89 17.36
N LYS A 8 18.97 -0.42 17.38
CA LYS A 8 19.90 -1.22 16.58
C LYS A 8 19.24 -2.53 16.15
N LEU A 9 19.92 -3.30 15.30
CA LEU A 9 19.41 -4.59 14.87
C LEU A 9 20.44 -5.67 15.13
N VAL A 10 20.06 -6.70 15.89
CA VAL A 10 20.89 -7.87 16.05
C VAL A 10 20.32 -8.98 15.20
N ILE A 11 21.14 -9.63 14.40
CA ILE A 11 20.67 -10.64 13.48
C ILE A 11 21.39 -11.99 13.69
N TRP A 12 20.61 -13.07 13.81
CA TRP A 12 21.14 -14.45 13.91
C TRP A 12 20.98 -15.22 12.61
N ILE A 13 22.08 -15.80 12.15
CA ILE A 13 22.09 -16.66 10.99
C ILE A 13 23.09 -17.82 11.25
N ASN A 14 22.89 -18.95 10.58
CA ASN A 14 23.76 -20.09 10.78
C ASN A 14 25.18 -19.85 10.22
N GLY A 15 26.16 -20.40 10.94
CA GLY A 15 27.58 -20.23 10.59
C GLY A 15 28.02 -20.81 9.25
N ASP A 16 27.15 -21.60 8.61
CA ASP A 16 27.47 -22.18 7.31
C ASP A 16 27.04 -21.29 6.15
N LYS A 17 26.24 -20.25 6.44
CA LYS A 17 25.68 -19.38 5.41
C LYS A 17 26.54 -18.14 5.20
N GLY A 18 26.15 -17.27 4.27
CA GLY A 18 26.99 -16.12 3.93
C GLY A 18 26.84 -14.92 4.84
N TYR A 19 27.25 -15.07 6.09
CA TYR A 19 27.02 -14.03 7.09
C TYR A 19 27.89 -12.80 6.95
N ASN A 20 29.06 -12.93 6.33
CA ASN A 20 29.86 -11.75 6.05
C ASN A 20 29.24 -10.93 4.92
N GLY A 21 28.68 -11.64 3.94
CA GLY A 21 27.83 -11.02 2.93
C GLY A 21 26.71 -10.19 3.56
N LEU A 22 25.96 -10.82 4.46
CA LEU A 22 24.92 -10.14 5.20
C LEU A 22 25.39 -8.92 6.02
N ALA A 23 26.57 -9.02 6.63
CA ALA A 23 27.12 -7.89 7.37
C ALA A 23 27.45 -6.69 6.47
N GLU A 24 27.81 -6.96 5.21
CA GLU A 24 28.00 -5.93 4.21
C GLU A 24 26.67 -5.23 3.94
N VAL A 25 25.59 -5.99 3.86
CA VAL A 25 24.27 -5.40 3.64
C VAL A 25 23.91 -4.57 4.86
N GLY A 26 24.24 -5.09 6.03
CA GLY A 26 24.12 -4.34 7.29
C GLY A 26 24.98 -3.08 7.37
N LYS A 27 26.10 -3.11 6.67
CA LYS A 27 27.03 -2.00 6.64
C LYS A 27 26.43 -0.87 5.80
N LYS A 28 25.79 -1.22 4.68
CA LYS A 28 25.09 -0.25 3.85
C LYS A 28 23.89 0.37 4.56
N PHE A 29 23.18 -0.44 5.35
CA PHE A 29 22.03 0.02 6.11
C PHE A 29 22.46 1.05 7.16
N GLU A 30 23.57 0.76 7.83
CA GLU A 30 24.14 1.67 8.80
C GLU A 30 24.58 3.02 8.17
N LYS A 31 25.27 2.98 7.03
CA LYS A 31 25.66 4.20 6.33
C LYS A 31 24.48 5.15 6.12
N ASP A 32 23.36 4.59 5.65
CA ASP A 32 22.20 5.37 5.24
C ASP A 32 21.40 5.86 6.43
N THR A 33 21.16 4.98 7.41
CA THR A 33 20.22 5.26 8.51
C THR A 33 20.90 5.62 9.83
N GLY A 34 22.18 5.26 9.94
CA GLY A 34 22.92 5.42 11.19
C GLY A 34 22.67 4.30 12.17
N ILE A 35 21.93 3.27 11.74
CA ILE A 35 21.54 2.18 12.60
C ILE A 35 22.52 1.01 12.50
N LYS A 36 23.18 0.76 13.62
CA LYS A 36 24.18 -0.28 13.73
C LYS A 36 23.52 -1.66 13.62
N VAL A 37 24.03 -2.49 12.72
CA VAL A 37 23.51 -3.82 12.46
C VAL A 37 24.55 -4.88 12.82
N THR A 38 24.27 -5.68 13.83
CA THR A 38 25.20 -6.73 14.25
C THR A 38 24.74 -8.12 13.79
N VAL A 39 25.58 -8.79 13.00
CA VAL A 39 25.30 -10.15 12.56
C VAL A 39 26.08 -11.19 13.39
N GLU A 40 25.35 -12.08 14.05
CA GLU A 40 25.92 -13.14 14.88
C GLU A 40 25.57 -14.52 14.34
N HIS A 41 26.40 -15.51 14.64
CA HIS A 41 26.15 -16.88 14.18
C HIS A 41 26.38 -17.89 15.30
N PRO A 42 25.45 -17.94 16.29
CA PRO A 42 25.58 -18.85 17.45
C PRO A 42 25.40 -20.30 17.06
N ASP A 43 26.06 -21.18 17.80
CA ASP A 43 25.86 -22.62 17.66
C ASP A 43 24.45 -23.01 18.09
N LYS A 44 23.83 -23.92 17.35
CA LYS A 44 22.51 -24.45 17.70
C LYS A 44 21.52 -23.30 17.87
N LEU A 45 21.47 -22.42 16.86
CA LEU A 45 20.71 -21.19 17.01
C LEU A 45 19.20 -21.44 16.98
N GLU A 46 18.80 -22.43 16.18
CA GLU A 46 17.39 -22.82 16.06
C GLU A 46 16.84 -23.44 17.36
N GLU A 47 17.72 -23.90 18.25
CA GLU A 47 17.27 -24.27 19.59
C GLU A 47 17.42 -23.13 20.57
N LYS A 48 18.41 -22.26 20.35
CA LYS A 48 18.67 -21.17 21.29
C LYS A 48 17.60 -20.09 21.17
N PHE A 49 17.18 -19.81 19.95
CA PHE A 49 16.21 -18.75 19.70
C PHE A 49 14.91 -18.89 20.52
N PRO A 50 14.23 -20.06 20.44
CA PRO A 50 13.01 -20.22 21.27
C PRO A 50 13.25 -20.23 22.78
N GLN A 51 14.47 -20.57 23.21
CA GLN A 51 14.79 -20.47 24.63
C GLN A 51 14.88 -19.03 25.07
N VAL A 52 15.60 -18.20 24.31
CA VAL A 52 15.87 -16.84 24.75
C VAL A 52 14.75 -15.89 24.35
N ALA A 53 14.11 -16.15 23.22
CA ALA A 53 13.02 -15.30 22.74
C ALA A 53 11.82 -15.43 23.66
N ALA A 54 11.64 -16.64 24.21
CA ALA A 54 10.62 -16.89 25.23
C ALA A 54 10.66 -15.93 26.44
N THR A 55 11.77 -15.20 26.62
CA THR A 55 11.91 -14.25 27.75
C THR A 55 12.06 -12.78 27.30
N GLY A 56 11.68 -12.49 26.06
CA GLY A 56 11.76 -11.12 25.52
C GLY A 56 13.19 -10.71 25.23
N ASP A 57 13.97 -11.68 24.77
CA ASP A 57 15.40 -11.52 24.56
C ASP A 57 15.75 -12.14 23.20
N GLY A 58 17.00 -12.03 22.78
CA GLY A 58 17.44 -12.63 21.53
C GLY A 58 17.51 -11.64 20.39
N PRO A 59 17.72 -12.13 19.16
CA PRO A 59 17.97 -11.26 18.00
C PRO A 59 16.73 -10.49 17.58
N ASP A 60 16.93 -9.39 16.85
CA ASP A 60 15.81 -8.72 16.19
C ASP A 60 15.29 -9.57 15.03
N ILE A 61 16.23 -10.13 14.28
CA ILE A 61 15.88 -10.93 13.11
C ILE A 61 16.54 -12.31 13.19
N ILE A 62 15.77 -13.36 12.90
CA ILE A 62 16.32 -14.70 12.87
C ILE A 62 16.21 -15.32 11.48
N PHE A 63 17.29 -15.95 11.03
CA PHE A 63 17.35 -16.63 9.74
C PHE A 63 17.50 -18.13 9.94
N TRP A 64 16.57 -18.88 9.38
CA TRP A 64 16.63 -20.32 9.32
C TRP A 64 15.70 -20.77 8.19
N ALA A 65 15.74 -22.06 7.87
CA ALA A 65 14.77 -22.67 6.97
C ALA A 65 13.39 -22.62 7.62
N HIS A 66 12.37 -22.47 6.79
CA HIS A 66 11.02 -22.26 7.24
C HIS A 66 10.43 -23.33 8.17
N ASP A 67 10.93 -24.57 8.14
CA ASP A 67 10.29 -25.64 8.93
C ASP A 67 10.14 -25.39 10.45
N ARG A 68 11.09 -24.63 11.01
CA ARG A 68 11.11 -24.32 12.44
C ARG A 68 10.23 -23.13 12.80
N PHE A 69 9.75 -22.40 11.78
CA PHE A 69 9.04 -21.13 12.00
C PHE A 69 7.60 -21.31 12.45
N GLY A 70 6.96 -22.38 11.99
CA GLY A 70 5.62 -22.72 12.47
C GLY A 70 5.54 -22.88 13.97
N GLY A 71 6.52 -23.58 14.56
CA GLY A 71 6.56 -23.77 16.02
C GLY A 71 6.85 -22.47 16.74
N TYR A 72 7.65 -21.62 16.10
CA TYR A 72 7.98 -20.31 16.67
C TYR A 72 6.74 -19.43 16.68
N ALA A 73 6.01 -19.42 15.57
CA ALA A 73 4.83 -18.57 15.45
C ALA A 73 3.76 -19.06 16.41
N GLN A 74 3.62 -20.38 16.49
CA GLN A 74 2.72 -21.03 17.44
C GLN A 74 2.98 -20.56 18.87
N SER A 75 4.24 -20.60 19.28
CA SER A 75 4.66 -20.16 20.60
C SER A 75 4.61 -18.65 20.78
N GLY A 76 4.21 -17.91 19.75
CA GLY A 76 4.04 -16.44 19.82
C GLY A 76 5.33 -15.62 19.73
N LEU A 77 6.38 -16.19 19.15
CA LEU A 77 7.70 -15.58 19.20
C LEU A 77 8.02 -14.76 17.97
N LEU A 78 7.20 -14.92 16.91
CA LEU A 78 7.39 -14.16 15.69
C LEU A 78 6.35 -13.05 15.51
N ALA A 79 6.80 -11.90 15.01
CA ALA A 79 5.91 -10.81 14.69
C ALA A 79 5.33 -11.00 13.30
N GLU A 80 4.03 -10.73 13.14
CA GLU A 80 3.39 -10.91 11.85
C GLU A 80 3.95 -9.87 10.91
N ILE A 81 4.29 -10.26 9.70
CA ILE A 81 4.90 -9.32 8.78
C ILE A 81 3.87 -8.75 7.82
N THR A 82 4.09 -7.50 7.41
CA THR A 82 3.11 -6.82 6.61
C THR A 82 3.72 -6.24 5.34
N PRO A 83 4.03 -7.11 4.37
CA PRO A 83 4.48 -6.55 3.09
C PRO A 83 3.28 -6.13 2.26
N ASP A 84 3.47 -5.13 1.41
CA ASP A 84 2.39 -4.67 0.55
C ASP A 84 2.29 -5.49 -0.75
N LYS A 85 1.25 -5.23 -1.54
CA LYS A 85 0.96 -6.03 -2.74
C LYS A 85 2.18 -6.07 -3.66
N ALA A 86 2.69 -4.89 -3.98
CA ALA A 86 3.84 -4.71 -4.85
C ALA A 86 5.06 -5.51 -4.39
N PHE A 87 5.31 -5.54 -3.08
CA PHE A 87 6.45 -6.32 -2.59
C PHE A 87 6.24 -7.81 -2.71
N GLN A 88 5.02 -8.27 -2.46
CA GLN A 88 4.70 -9.68 -2.58
C GLN A 88 4.81 -10.20 -4.01
N ASP A 89 4.51 -9.34 -4.99
CA ASP A 89 4.67 -9.69 -6.39
C ASP A 89 6.13 -9.86 -6.77
N LYS A 90 7.06 -9.35 -5.97
CA LYS A 90 8.49 -9.43 -6.29
C LYS A 90 9.08 -10.81 -6.00
N LEU A 91 8.37 -11.60 -5.19
CA LEU A 91 8.84 -12.93 -4.82
C LEU A 91 7.88 -14.01 -5.28
N TYR A 92 8.43 -15.20 -5.57
CA TYR A 92 7.63 -16.34 -6.01
C TYR A 92 6.54 -16.73 -5.01
N PRO A 93 5.32 -16.98 -5.51
CA PRO A 93 4.21 -17.38 -4.63
C PRO A 93 4.51 -18.59 -3.74
N PHE A 94 5.16 -19.62 -4.29
CA PHE A 94 5.44 -20.84 -3.50
C PHE A 94 6.40 -20.59 -2.34
N THR A 95 7.22 -19.54 -2.45
CA THR A 95 8.08 -19.16 -1.36
C THR A 95 7.28 -18.50 -0.22
N TRP A 96 6.24 -17.73 -0.56
CA TRP A 96 5.37 -17.15 0.49
C TRP A 96 4.58 -18.28 1.17
N ASP A 97 4.23 -19.31 0.41
CA ASP A 97 3.42 -20.40 0.95
C ASP A 97 4.16 -21.03 2.10
N ALA A 98 5.47 -21.22 1.92
CA ALA A 98 6.31 -21.85 2.92
C ALA A 98 6.36 -21.10 4.24
N VAL A 99 6.19 -19.78 4.20
CA VAL A 99 6.26 -18.98 5.40
C VAL A 99 4.87 -18.57 5.91
N ARG A 100 3.85 -19.26 5.40
CA ARG A 100 2.49 -18.99 5.89
C ARG A 100 2.18 -19.96 7.02
N TYR A 101 1.69 -19.42 8.13
CA TYR A 101 1.24 -20.21 9.26
C TYR A 101 -0.07 -19.65 9.79
N ASN A 102 -1.10 -20.50 9.78
CA ASN A 102 -2.42 -20.06 10.18
C ASN A 102 -2.97 -18.89 9.35
N GLY A 103 -2.65 -18.84 8.07
CA GLY A 103 -3.12 -17.77 7.21
C GLY A 103 -2.38 -16.45 7.35
N LYS A 104 -1.53 -16.31 8.37
CA LYS A 104 -0.70 -15.12 8.55
C LYS A 104 0.69 -15.37 7.98
N LEU A 105 1.30 -14.34 7.42
CA LEU A 105 2.69 -14.44 6.99
C LEU A 105 3.65 -14.13 8.12
N ILE A 106 4.51 -15.08 8.45
CA ILE A 106 5.34 -14.98 9.65
C ILE A 106 6.86 -14.82 9.44
N ALA A 107 7.28 -14.59 8.20
CA ALA A 107 8.68 -14.42 7.87
C ALA A 107 8.84 -14.02 6.42
N TYR A 108 10.02 -13.53 6.07
CA TYR A 108 10.35 -13.23 4.67
C TYR A 108 11.12 -14.38 4.02
N PRO A 109 10.60 -14.93 2.90
CA PRO A 109 11.38 -15.95 2.18
C PRO A 109 12.67 -15.36 1.59
N ILE A 110 13.77 -16.09 1.64
CA ILE A 110 15.02 -15.58 1.08
C ILE A 110 15.49 -16.43 -0.09
N ALA A 111 15.53 -17.75 0.08
CA ALA A 111 16.08 -18.66 -0.95
C ALA A 111 15.65 -20.09 -0.74
N VAL A 112 15.62 -20.84 -1.84
CA VAL A 112 15.25 -22.25 -1.81
C VAL A 112 16.49 -23.12 -1.78
N GLU A 113 16.50 -24.08 -0.84
CA GLU A 113 17.68 -24.91 -0.55
C GLU A 113 17.36 -26.39 -0.73
N ALA A 114 18.10 -27.06 -1.58
CA ALA A 114 18.02 -28.50 -1.65
C ALA A 114 19.42 -29.08 -1.69
N LEU A 115 19.58 -30.28 -1.18
CA LEU A 115 20.85 -31.00 -1.25
C LEU A 115 21.08 -31.55 -2.65
N SER A 116 22.32 -31.63 -3.07
CA SER A 116 22.65 -32.23 -4.36
C SER A 116 23.91 -33.05 -4.19
N LEU A 117 24.14 -33.95 -5.14
CA LEU A 117 25.37 -34.72 -5.14
C LEU A 117 26.49 -33.83 -5.68
N ILE A 118 27.52 -33.65 -4.88
CA ILE A 118 28.69 -32.92 -5.34
C ILE A 118 29.77 -33.95 -5.54
N TYR A 119 30.39 -33.95 -6.70
CA TYR A 119 31.40 -34.94 -7.05
C TYR A 119 32.65 -34.31 -7.66
N ASN A 120 33.77 -35.01 -7.52
CA ASN A 120 35.07 -34.60 -8.02
C ASN A 120 35.28 -35.11 -9.46
N LYS A 121 35.27 -34.20 -10.42
CA LYS A 121 35.37 -34.56 -11.84
C LYS A 121 36.67 -35.24 -12.25
N ASP A 122 37.73 -34.99 -11.49
CA ASP A 122 39.02 -35.60 -11.77
C ASP A 122 39.07 -37.05 -11.31
N LEU A 123 38.47 -37.35 -10.16
CA LEU A 123 38.42 -38.71 -9.66
C LEU A 123 37.24 -39.50 -10.25
N LEU A 124 36.12 -38.83 -10.44
CA LEU A 124 34.95 -39.40 -11.10
C LEU A 124 34.49 -38.54 -12.27
N PRO A 125 34.85 -38.91 -13.51
CA PRO A 125 34.24 -38.19 -14.61
C PRO A 125 32.73 -38.43 -14.74
N ASN A 126 32.27 -39.64 -14.39
CA ASN A 126 30.87 -40.01 -14.52
C ASN A 126 30.27 -40.43 -13.17
N PRO A 127 29.64 -39.50 -12.45
CA PRO A 127 29.09 -39.84 -11.14
C PRO A 127 28.01 -40.91 -11.25
N PRO A 128 27.86 -41.76 -10.21
CA PRO A 128 26.92 -42.87 -10.30
C PRO A 128 25.50 -42.36 -10.38
N LYS A 129 24.65 -43.12 -11.06
CA LYS A 129 23.23 -42.76 -11.15
C LYS A 129 22.46 -43.32 -9.96
N THR A 130 23.03 -44.33 -9.30
CA THR A 130 22.35 -45.09 -8.26
C THR A 130 23.20 -45.26 -7.00
N TRP A 131 22.54 -45.24 -5.84
CA TRP A 131 23.18 -45.53 -4.57
C TRP A 131 23.84 -46.91 -4.56
N GLU A 132 23.22 -47.85 -5.25
CA GLU A 132 23.64 -49.25 -5.23
C GLU A 132 25.03 -49.46 -5.79
N GLU A 133 25.45 -48.60 -6.74
CA GLU A 133 26.79 -48.73 -7.34
C GLU A 133 27.93 -48.16 -6.50
N ILE A 134 27.56 -47.48 -5.41
CA ILE A 134 28.54 -46.80 -4.59
C ILE A 134 29.48 -47.76 -3.87
N PRO A 135 28.97 -48.85 -3.26
CA PRO A 135 29.88 -49.84 -2.68
C PRO A 135 31.02 -50.29 -3.61
N ALA A 136 30.69 -50.78 -4.80
CA ALA A 136 31.70 -51.18 -5.77
C ALA A 136 32.64 -50.02 -6.08
N LEU A 137 32.07 -48.84 -6.19
CA LEU A 137 32.82 -47.64 -6.56
C LEU A 137 33.86 -47.26 -5.49
N ASP A 138 33.47 -47.44 -4.22
CA ASP A 138 34.35 -47.22 -3.11
C ASP A 138 35.50 -48.23 -3.13
N LYS A 139 35.22 -49.46 -3.54
CA LYS A 139 36.27 -50.47 -3.59
C LYS A 139 37.32 -50.10 -4.64
N GLU A 140 36.86 -49.60 -5.80
CA GLU A 140 37.75 -49.13 -6.86
C GLU A 140 38.60 -47.96 -6.36
N LEU A 141 38.00 -47.10 -5.54
CA LEU A 141 38.69 -45.90 -5.09
C LEU A 141 39.58 -46.10 -3.87
N LYS A 142 39.23 -47.05 -2.99
CA LYS A 142 40.08 -47.41 -1.84
C LYS A 142 41.43 -47.93 -2.31
N ALA A 143 41.44 -48.43 -3.55
CA ALA A 143 42.64 -48.93 -4.21
C ALA A 143 43.48 -47.79 -4.77
N LYS A 144 42.94 -46.58 -4.73
CA LYS A 144 43.70 -45.40 -5.12
C LYS A 144 43.92 -44.49 -3.91
N GLY A 145 43.79 -45.06 -2.71
CA GLY A 145 43.98 -44.33 -1.48
C GLY A 145 42.95 -43.23 -1.32
N LYS A 146 41.79 -43.42 -1.93
CA LYS A 146 40.68 -42.47 -1.84
C LYS A 146 39.42 -43.14 -1.32
N SER A 147 38.32 -42.42 -1.36
CA SER A 147 37.03 -42.94 -0.91
C SER A 147 35.86 -42.42 -1.77
N ALA A 148 34.79 -43.20 -1.88
CA ALA A 148 33.67 -42.88 -2.78
C ALA A 148 32.84 -41.66 -2.35
N LEU A 149 32.43 -41.67 -1.08
CA LEU A 149 31.43 -40.76 -0.58
C LEU A 149 31.60 -40.44 0.90
N MET A 150 31.51 -39.15 1.22
CA MET A 150 31.43 -38.71 2.61
C MET A 150 30.46 -37.55 2.76
N PHE A 151 29.64 -37.61 3.78
CA PHE A 151 28.72 -36.52 4.05
C PHE A 151 28.27 -36.60 5.49
N ASN A 152 27.63 -35.53 5.94
CA ASN A 152 27.28 -35.38 7.33
C ASN A 152 26.31 -36.42 7.86
N LEU A 153 26.80 -37.36 8.67
CA LEU A 153 25.96 -38.42 9.24
C LEU A 153 25.34 -38.02 10.58
N GLN A 154 25.62 -36.81 11.03
CA GLN A 154 25.16 -36.38 12.34
C GLN A 154 23.88 -35.55 12.31
N GLU A 155 23.46 -35.14 11.12
CA GLU A 155 22.23 -34.37 10.97
C GLU A 155 21.31 -35.11 10.00
N PRO A 156 20.12 -35.52 10.49
CA PRO A 156 19.14 -36.29 9.71
C PRO A 156 18.79 -35.68 8.35
N TYR A 157 18.89 -34.36 8.24
CA TYR A 157 18.73 -33.67 6.97
C TYR A 157 19.53 -34.26 5.83
N PHE A 158 20.70 -34.83 6.11
CA PHE A 158 21.54 -35.37 5.02
C PHE A 158 21.21 -36.79 4.57
N THR A 159 20.58 -37.58 5.44
CA THR A 159 20.34 -38.95 5.10
C THR A 159 18.89 -39.13 4.68
N TRP A 160 18.08 -38.11 4.99
CA TRP A 160 16.66 -38.11 4.67
C TRP A 160 16.37 -38.40 3.20
N PRO A 161 17.11 -37.77 2.26
CA PRO A 161 16.82 -38.02 0.85
C PRO A 161 16.78 -39.52 0.51
N LEU A 162 17.64 -40.30 1.15
CA LEU A 162 17.75 -41.71 0.89
C LEU A 162 16.71 -42.49 1.69
N ILE A 163 16.37 -41.99 2.87
CA ILE A 163 15.36 -42.64 3.68
C ILE A 163 13.97 -42.46 3.08
N ALA A 164 13.80 -41.36 2.35
CA ALA A 164 12.51 -41.02 1.74
C ALA A 164 12.36 -41.68 0.39
N ALA A 165 13.48 -41.90 -0.30
CA ALA A 165 13.52 -42.39 -1.69
C ALA A 165 12.51 -43.50 -2.01
N ASP A 166 12.51 -44.54 -1.19
CA ASP A 166 11.73 -45.74 -1.46
C ASP A 166 10.40 -45.76 -0.71
N GLY A 167 10.05 -44.69 -0.03
CA GLY A 167 8.73 -44.57 0.59
C GLY A 167 8.63 -43.94 1.97
N GLY A 168 9.75 -43.60 2.61
CA GLY A 168 9.70 -42.96 3.91
C GLY A 168 9.16 -41.56 3.74
N TYR A 169 8.38 -41.10 4.73
CA TYR A 169 7.87 -39.73 4.73
C TYR A 169 7.71 -39.20 6.16
N ALA A 170 7.68 -37.88 6.29
CA ALA A 170 7.47 -37.26 7.58
C ALA A 170 5.99 -37.39 7.94
N PHE A 171 5.16 -36.45 7.48
CA PHE A 171 3.73 -36.46 7.74
C PHE A 171 2.94 -36.52 6.45
N LYS A 172 1.95 -37.41 6.41
CA LYS A 172 1.15 -37.60 5.20
C LYS A 172 0.34 -36.38 4.84
N TYR A 173 0.47 -35.94 3.60
CA TYR A 173 -0.23 -34.73 3.15
C TYR A 173 -1.45 -35.10 2.31
N GLU A 174 -2.59 -34.54 2.67
CA GLU A 174 -3.81 -34.72 1.89
C GLU A 174 -4.91 -33.78 2.37
N ASN A 175 -5.76 -33.39 1.42
CA ASN A 175 -6.83 -32.44 1.69
C ASN A 175 -6.27 -31.14 2.27
N GLY A 176 -5.13 -30.68 1.73
CA GLY A 176 -4.52 -29.40 2.17
C GLY A 176 -3.93 -29.40 3.58
N LYS A 177 -3.79 -30.60 4.16
CA LYS A 177 -3.40 -30.73 5.56
C LYS A 177 -2.38 -31.85 5.78
N TYR A 178 -1.52 -31.66 6.76
CA TYR A 178 -0.64 -32.71 7.17
C TYR A 178 -1.34 -33.50 8.26
N ASP A 179 -1.41 -34.81 8.06
CA ASP A 179 -2.03 -35.64 9.06
C ASP A 179 -0.98 -36.02 10.08
N ILE A 180 -1.04 -35.36 11.24
CA ILE A 180 -0.07 -35.59 12.30
C ILE A 180 -0.18 -36.98 12.93
N LYS A 181 -1.24 -37.73 12.58
CA LYS A 181 -1.41 -39.09 13.07
C LYS A 181 -0.86 -40.11 12.08
N ASP A 182 -0.38 -39.64 10.95
CA ASP A 182 0.12 -40.53 9.90
C ASP A 182 1.57 -40.20 9.59
N VAL A 183 2.47 -40.92 10.28
CA VAL A 183 3.92 -40.72 10.19
C VAL A 183 4.57 -41.89 9.44
N GLY A 184 5.41 -41.58 8.47
CA GLY A 184 5.97 -42.61 7.61
C GLY A 184 7.46 -42.80 7.81
N VAL A 185 7.85 -42.88 9.06
CA VAL A 185 9.24 -42.97 9.44
C VAL A 185 9.65 -44.45 9.68
N ASP A 186 8.68 -45.34 9.78
CA ASP A 186 8.95 -46.73 10.09
C ASP A 186 8.33 -47.67 9.04
N ASN A 187 8.01 -47.14 7.87
CA ASN A 187 7.46 -47.98 6.81
C ASN A 187 8.56 -48.79 6.08
N ALA A 188 8.14 -49.60 5.11
CA ALA A 188 9.06 -50.44 4.35
C ALA A 188 10.16 -49.61 3.70
N GLY A 189 9.77 -48.54 3.02
CA GLY A 189 10.71 -47.65 2.34
C GLY A 189 11.76 -47.05 3.23
N ALA A 190 11.32 -46.47 4.35
CA ALA A 190 12.23 -45.87 5.35
C ALA A 190 13.25 -46.90 5.83
N LYS A 191 12.76 -48.08 6.21
CA LYS A 191 13.61 -49.18 6.64
C LYS A 191 14.66 -49.58 5.62
N ALA A 192 14.27 -49.64 4.34
CA ALA A 192 15.18 -50.05 3.28
C ALA A 192 16.27 -49.02 3.18
N GLY A 193 15.88 -47.74 3.12
CA GLY A 193 16.82 -46.61 3.03
C GLY A 193 17.89 -46.60 4.12
N LEU A 194 17.46 -46.75 5.37
CA LEU A 194 18.37 -46.73 6.49
C LEU A 194 19.25 -47.97 6.56
N THR A 195 18.68 -49.12 6.20
CA THR A 195 19.45 -50.36 6.10
C THR A 195 20.60 -50.17 5.12
N PHE A 196 20.31 -49.62 3.95
CA PHE A 196 21.38 -49.43 2.98
C PHE A 196 22.51 -48.58 3.55
N LEU A 197 22.15 -47.51 4.26
CA LEU A 197 23.09 -46.65 4.89
C LEU A 197 23.88 -47.36 5.99
N VAL A 198 23.19 -48.11 6.84
CA VAL A 198 23.88 -48.86 7.87
C VAL A 198 24.81 -49.91 7.26
N ASP A 199 24.38 -50.50 6.16
CA ASP A 199 25.21 -51.49 5.46
C ASP A 199 26.48 -50.90 4.86
N LEU A 200 26.39 -49.68 4.31
CA LEU A 200 27.60 -48.99 3.82
C LEU A 200 28.62 -48.86 4.94
N ILE A 201 28.17 -48.54 6.14
CA ILE A 201 29.03 -48.41 7.28
C ILE A 201 29.55 -49.76 7.73
N LYS A 202 28.67 -50.75 7.87
CA LYS A 202 29.12 -52.11 8.26
C LYS A 202 30.21 -52.59 7.31
N ASN A 203 30.04 -52.28 6.02
CA ASN A 203 31.00 -52.71 5.02
C ASN A 203 32.17 -51.73 4.85
N LYS A 204 32.25 -50.74 5.72
CA LYS A 204 33.40 -49.85 5.78
C LYS A 204 33.55 -49.01 4.50
N HIS A 205 32.43 -48.62 3.92
CA HIS A 205 32.46 -47.62 2.86
C HIS A 205 32.19 -46.22 3.43
N MET A 206 31.63 -46.18 4.63
CA MET A 206 31.47 -44.92 5.37
C MET A 206 31.71 -45.12 6.85
N ASN A 207 31.83 -44.00 7.55
CA ASN A 207 32.18 -43.98 8.95
C ASN A 207 31.09 -43.30 9.76
N ALA A 208 30.56 -44.01 10.76
CA ALA A 208 29.53 -43.43 11.63
C ALA A 208 29.89 -42.05 12.17
N ASP A 209 31.16 -41.83 12.49
CA ASP A 209 31.62 -40.58 13.11
C ASP A 209 31.53 -39.37 12.19
N THR A 210 31.45 -39.58 10.88
CA THR A 210 31.60 -38.52 9.89
C THR A 210 30.57 -37.40 10.10
N ASP A 211 31.08 -36.17 10.19
CA ASP A 211 30.24 -35.01 10.39
C ASP A 211 30.49 -33.96 9.32
N TYR A 212 29.86 -32.80 9.45
CA TYR A 212 29.99 -31.75 8.48
C TYR A 212 31.44 -31.36 8.15
N SER A 213 32.29 -31.14 9.17
CA SER A 213 33.66 -30.69 8.93
C SER A 213 34.49 -31.77 8.30
N ILE A 214 34.30 -32.99 8.77
CA ILE A 214 35.14 -34.07 8.31
C ILE A 214 34.90 -34.21 6.83
N ALA A 215 33.63 -34.37 6.45
CA ALA A 215 33.21 -34.49 5.06
C ALA A 215 33.67 -33.34 4.18
N GLU A 216 33.44 -32.11 4.63
CA GLU A 216 33.85 -30.95 3.86
C GLU A 216 35.35 -30.92 3.62
N ALA A 217 36.12 -31.13 4.70
CA ALA A 217 37.56 -31.11 4.63
C ALA A 217 38.06 -32.24 3.76
N ALA A 218 37.39 -33.39 3.81
CA ALA A 218 37.82 -34.55 3.03
C ALA A 218 37.53 -34.34 1.55
N PHE A 219 36.35 -33.80 1.25
CA PHE A 219 36.04 -33.50 -0.13
C PHE A 219 36.91 -32.38 -0.68
N ASN A 220 37.12 -31.33 0.10
CA ASN A 220 37.82 -30.17 -0.42
C ASN A 220 39.32 -30.40 -0.59
N LYS A 221 39.82 -31.45 0.03
CA LYS A 221 41.20 -31.87 -0.08
C LYS A 221 41.42 -32.96 -1.13
N GLY A 222 40.38 -33.27 -1.90
CA GLY A 222 40.43 -34.33 -2.90
C GLY A 222 40.61 -35.74 -2.36
N GLU A 223 40.08 -36.03 -1.17
CA GLU A 223 40.30 -37.34 -0.52
C GLU A 223 39.13 -38.29 -0.70
N THR A 224 37.97 -37.70 -0.91
CA THR A 224 36.77 -38.44 -1.19
C THR A 224 36.24 -37.92 -2.51
N ALA A 225 35.61 -38.81 -3.30
CA ALA A 225 35.19 -38.49 -4.66
C ALA A 225 33.86 -37.73 -4.71
N MET A 226 33.03 -37.94 -3.70
CA MET A 226 31.71 -37.35 -3.70
C MET A 226 31.31 -36.91 -2.34
N THR A 227 30.50 -35.87 -2.30
CA THR A 227 29.85 -35.45 -1.08
C THR A 227 28.37 -35.08 -1.34
N ILE A 228 27.62 -34.90 -0.24
CA ILE A 228 26.25 -34.44 -0.30
C ILE A 228 26.13 -33.18 0.53
N ASN A 229 25.79 -32.07 -0.14
CA ASN A 229 25.73 -30.78 0.53
C ASN A 229 24.89 -29.79 -0.26
N GLY A 230 24.65 -28.61 0.32
CA GLY A 230 23.80 -27.60 -0.27
C GLY A 230 24.59 -26.50 -0.94
N PRO A 231 23.88 -25.50 -1.49
CA PRO A 231 24.56 -24.45 -2.25
C PRO A 231 25.60 -23.67 -1.43
N TRP A 232 25.37 -23.56 -0.11
CA TRP A 232 26.30 -22.79 0.74
C TRP A 232 27.72 -23.36 0.74
N ALA A 233 27.84 -24.61 0.32
CA ALA A 233 29.11 -25.31 0.37
C ALA A 233 29.99 -25.08 -0.84
N TRP A 234 29.42 -24.57 -1.93
CA TRP A 234 30.14 -24.43 -3.20
C TRP A 234 31.33 -23.48 -3.09
N SER A 235 31.15 -22.43 -2.29
CA SER A 235 32.14 -21.39 -2.09
C SER A 235 33.49 -21.94 -1.66
N ASN A 236 33.49 -22.78 -0.63
CA ASN A 236 34.73 -23.36 -0.12
C ASN A 236 35.36 -24.31 -1.11
N ILE A 237 34.52 -24.96 -1.92
CA ILE A 237 35.01 -25.83 -2.98
C ILE A 237 35.74 -25.01 -4.05
N ASP A 238 35.15 -23.88 -4.46
CA ASP A 238 35.80 -22.93 -5.39
C ASP A 238 37.22 -22.56 -4.94
N THR A 239 37.35 -22.23 -3.65
CA THR A 239 38.62 -21.88 -3.00
C THR A 239 39.61 -23.03 -3.04
N SER A 240 39.12 -24.23 -2.73
CA SER A 240 39.94 -25.44 -2.69
C SER A 240 40.41 -25.89 -4.06
N LYS A 241 39.86 -25.31 -5.12
CA LYS A 241 40.30 -25.61 -6.50
C LYS A 241 40.12 -27.07 -6.96
N VAL A 242 39.20 -27.78 -6.31
CA VAL A 242 38.76 -29.07 -6.77
C VAL A 242 37.84 -28.80 -7.96
N ASN A 243 38.06 -29.52 -9.04
CA ASN A 243 37.20 -29.47 -10.22
C ASN A 243 35.92 -30.25 -9.92
N TYR A 244 34.87 -29.54 -9.53
CA TYR A 244 33.68 -30.23 -9.04
C TYR A 244 32.46 -30.03 -9.93
N GLY A 245 31.57 -31.01 -9.88
CA GLY A 245 30.26 -30.92 -10.49
C GLY A 245 29.16 -30.99 -9.43
N VAL A 246 28.00 -30.48 -9.78
CA VAL A 246 26.83 -30.55 -8.93
C VAL A 246 25.73 -31.18 -9.74
N THR A 247 25.25 -32.32 -9.27
CA THR A 247 24.37 -33.17 -10.08
C THR A 247 23.19 -33.75 -9.28
N VAL A 248 22.30 -34.42 -9.99
CA VAL A 248 21.17 -35.12 -9.41
C VAL A 248 21.68 -36.18 -8.43
N LEU A 249 21.00 -36.26 -7.28
CA LEU A 249 21.21 -37.30 -6.27
C LEU A 249 20.95 -38.67 -6.87
N PRO A 250 21.69 -39.68 -6.41
CA PRO A 250 21.52 -41.01 -6.98
C PRO A 250 20.20 -41.62 -6.59
N THR A 251 19.62 -42.43 -7.46
CA THR A 251 18.40 -43.17 -7.15
C THR A 251 18.62 -44.31 -6.16
N PHE A 252 17.52 -44.78 -5.55
CA PHE A 252 17.57 -45.94 -4.66
C PHE A 252 16.42 -46.87 -5.03
N LYS A 253 16.75 -48.11 -5.41
CA LYS A 253 15.78 -49.06 -5.95
C LYS A 253 15.00 -48.44 -7.09
N GLY A 254 15.70 -47.64 -7.90
CA GLY A 254 15.10 -47.00 -9.05
C GLY A 254 14.46 -45.65 -8.76
N GLN A 255 14.16 -45.39 -7.49
CA GLN A 255 13.39 -44.22 -7.13
C GLN A 255 14.34 -43.04 -6.85
N PRO A 256 13.94 -41.81 -7.24
CA PRO A 256 14.73 -40.65 -6.96
C PRO A 256 14.93 -40.48 -5.46
N SER A 257 16.08 -39.94 -5.05
CA SER A 257 16.25 -39.50 -3.68
C SER A 257 15.38 -38.28 -3.50
N LYS A 258 14.82 -38.12 -2.30
CA LYS A 258 13.81 -37.09 -2.09
C LYS A 258 14.18 -36.13 -0.98
N PRO A 259 15.03 -35.15 -1.29
CA PRO A 259 15.47 -34.21 -0.26
C PRO A 259 14.31 -33.38 0.28
N PHE A 260 14.40 -33.06 1.56
CA PHE A 260 13.47 -32.13 2.15
C PHE A 260 13.87 -30.72 1.79
N VAL A 261 13.05 -30.03 0.99
CA VAL A 261 13.41 -28.73 0.51
C VAL A 261 13.19 -27.67 1.59
N GLY A 262 14.20 -26.83 1.82
CA GLY A 262 14.08 -25.70 2.75
C GLY A 262 13.96 -24.36 2.05
N VAL A 263 13.25 -23.43 2.69
CA VAL A 263 13.22 -22.04 2.27
C VAL A 263 13.85 -21.21 3.40
N LEU A 264 15.05 -20.69 3.14
CA LEU A 264 15.76 -19.87 4.12
C LEU A 264 14.94 -18.62 4.30
N SER A 265 14.60 -18.32 5.54
CA SER A 265 13.64 -17.28 5.85
C SER A 265 14.13 -16.35 6.95
N ALA A 266 13.63 -15.13 6.93
CA ALA A 266 13.97 -14.13 7.93
C ALA A 266 12.72 -13.77 8.74
N GLY A 267 12.72 -14.12 10.03
CA GLY A 267 11.61 -13.80 10.92
C GLY A 267 11.94 -12.68 11.90
N ILE A 268 10.97 -11.82 12.18
CA ILE A 268 11.15 -10.76 13.14
C ILE A 268 10.64 -11.17 14.50
N ASN A 269 11.50 -11.04 15.51
CA ASN A 269 11.18 -11.34 16.90
C ASN A 269 9.99 -10.53 17.39
N ALA A 270 9.02 -11.23 17.96
CA ALA A 270 7.80 -10.58 18.45
C ALA A 270 8.07 -9.57 19.56
N ALA A 271 9.15 -9.79 20.30
CA ALA A 271 9.52 -8.91 21.43
C ALA A 271 10.43 -7.76 21.02
N SER A 272 10.89 -7.76 19.77
CA SER A 272 11.79 -6.73 19.28
C SER A 272 11.12 -5.36 19.25
N PRO A 273 11.80 -4.33 19.80
CA PRO A 273 11.30 -2.96 19.71
C PRO A 273 11.68 -2.27 18.39
N ASN A 274 12.36 -2.98 17.51
CA ASN A 274 12.80 -2.39 16.27
C ASN A 274 12.16 -3.02 15.03
N LYS A 275 10.88 -3.36 15.12
CA LYS A 275 10.18 -4.03 14.03
C LYS A 275 10.16 -3.26 12.70
N GLU A 276 9.98 -1.94 12.78
CA GLU A 276 10.02 -1.10 11.59
C GLU A 276 11.38 -1.08 10.91
N LEU A 277 12.44 -0.97 11.71
CA LEU A 277 13.81 -1.04 11.18
C LEU A 277 14.06 -2.39 10.51
N ALA A 278 13.64 -3.47 11.16
CA ALA A 278 13.81 -4.81 10.63
C ALA A 278 13.17 -4.95 9.26
N LYS A 279 11.93 -4.49 9.17
CA LYS A 279 11.19 -4.49 7.93
C LYS A 279 11.90 -3.69 6.84
N GLU A 280 12.33 -2.47 7.17
CA GLU A 280 13.06 -1.67 6.21
C GLU A 280 14.30 -2.40 5.72
N PHE A 281 15.04 -2.98 6.65
CA PHE A 281 16.26 -3.64 6.31
C PHE A 281 16.00 -4.79 5.37
N LEU A 282 15.00 -5.59 5.71
CA LEU A 282 14.75 -6.81 4.95
C LEU A 282 14.21 -6.51 3.56
N GLU A 283 13.23 -5.62 3.50
CA GLU A 283 12.55 -5.28 2.25
C GLU A 283 13.38 -4.39 1.33
N ASN A 284 14.01 -3.34 1.88
CA ASN A 284 14.65 -2.32 1.05
C ASN A 284 16.13 -2.51 0.86
N TYR A 285 16.75 -3.36 1.68
CA TYR A 285 18.19 -3.58 1.58
C TYR A 285 18.60 -5.00 1.20
N LEU A 286 18.09 -6.00 1.91
CA LEU A 286 18.40 -7.41 1.63
C LEU A 286 17.69 -7.95 0.40
N LEU A 287 16.36 -7.93 0.40
CA LEU A 287 15.60 -8.46 -0.74
C LEU A 287 15.68 -7.58 -2.00
N THR A 288 16.91 -7.29 -2.38
CA THR A 288 17.23 -6.52 -3.57
C THR A 288 18.29 -7.30 -4.30
N ASP A 289 18.48 -7.04 -5.58
CA ASP A 289 19.57 -7.67 -6.29
C ASP A 289 20.90 -7.48 -5.57
N GLU A 290 21.19 -6.25 -5.16
CA GLU A 290 22.46 -5.94 -4.48
C GLU A 290 22.58 -6.64 -3.14
N GLY A 291 21.49 -6.70 -2.40
CA GLY A 291 21.49 -7.29 -1.06
C GLY A 291 21.72 -8.77 -1.18
N LEU A 292 20.98 -9.41 -2.07
CA LEU A 292 21.11 -10.83 -2.26
C LEU A 292 22.47 -11.17 -2.86
N GLU A 293 22.91 -10.38 -3.86
CA GLU A 293 24.20 -10.59 -4.49
C GLU A 293 25.36 -10.51 -3.52
N ALA A 294 25.28 -9.57 -2.58
CA ALA A 294 26.28 -9.46 -1.52
C ALA A 294 26.38 -10.75 -0.68
N VAL A 295 25.25 -11.37 -0.36
CA VAL A 295 25.27 -12.57 0.48
C VAL A 295 25.68 -13.78 -0.33
N ASN A 296 25.16 -13.84 -1.57
CA ASN A 296 25.42 -14.94 -2.48
C ASN A 296 26.88 -15.07 -2.86
N LYS A 297 27.56 -13.93 -2.93
CA LYS A 297 28.98 -13.91 -3.26
C LYS A 297 29.83 -14.37 -2.10
N ASP A 298 29.25 -14.39 -0.90
CA ASP A 298 29.93 -14.95 0.24
C ASP A 298 29.66 -16.48 0.27
N LYS A 299 28.41 -16.88 0.48
CA LYS A 299 28.02 -18.28 0.31
C LYS A 299 26.76 -18.31 -0.52
N PRO A 300 26.78 -19.09 -1.62
CA PRO A 300 25.59 -19.18 -2.48
C PRO A 300 24.32 -19.55 -1.70
N LEU A 301 23.26 -18.82 -2.00
CA LEU A 301 21.99 -19.00 -1.35
C LEU A 301 21.18 -20.14 -1.95
N GLY A 302 21.42 -20.47 -3.22
CA GLY A 302 20.55 -21.40 -3.92
C GLY A 302 19.64 -20.63 -4.87
N ALA A 303 18.40 -21.09 -5.05
CA ALA A 303 17.46 -20.39 -5.92
C ALA A 303 16.74 -19.33 -5.08
N VAL A 304 17.06 -18.06 -5.31
CA VAL A 304 16.57 -17.02 -4.41
C VAL A 304 15.07 -16.78 -4.62
N ALA A 305 14.42 -16.30 -3.57
CA ALA A 305 12.98 -16.02 -3.63
C ALA A 305 12.63 -14.81 -4.50
N LEU A 306 13.58 -13.91 -4.69
CA LEU A 306 13.37 -12.69 -5.42
C LEU A 306 13.39 -12.98 -6.93
N LYS A 307 12.23 -12.78 -7.58
CA LYS A 307 12.06 -13.03 -9.01
C LYS A 307 13.19 -12.50 -9.88
N SER A 308 13.50 -11.21 -9.77
CA SER A 308 14.44 -10.54 -10.68
C SER A 308 15.88 -11.04 -10.60
N TYR A 309 16.30 -11.45 -9.41
CA TYR A 309 17.65 -11.99 -9.21
C TYR A 309 17.73 -13.47 -9.58
N GLU A 310 16.64 -14.21 -9.34
CA GLU A 310 16.63 -15.63 -9.64
C GLU A 310 16.74 -15.86 -11.13
N GLU A 311 16.24 -14.91 -11.92
CA GLU A 311 16.32 -14.97 -13.38
C GLU A 311 17.77 -14.92 -13.89
N GLU A 312 18.69 -14.51 -13.04
CA GLU A 312 20.11 -14.51 -13.40
C GLU A 312 20.81 -15.75 -12.91
N LEU A 313 20.42 -16.22 -11.73
CA LEU A 313 21.04 -17.40 -11.17
C LEU A 313 20.55 -18.65 -11.86
N ALA A 314 19.32 -18.61 -12.40
CA ALA A 314 18.70 -19.80 -13.02
C ALA A 314 19.56 -20.45 -14.10
N LYS A 315 20.36 -19.61 -14.77
CA LYS A 315 21.37 -20.00 -15.77
C LYS A 315 22.32 -21.06 -15.27
N ASP A 316 22.89 -20.84 -14.07
CA ASP A 316 23.93 -21.68 -13.48
C ASP A 316 23.47 -23.14 -13.36
N PRO A 317 24.15 -24.07 -14.04
CA PRO A 317 23.76 -25.49 -13.97
C PRO A 317 23.74 -26.04 -12.55
N ARG A 318 24.50 -25.43 -11.64
CA ARG A 318 24.52 -25.85 -10.24
C ARG A 318 23.17 -25.50 -9.62
N ILE A 319 22.60 -24.36 -10.02
CA ILE A 319 21.27 -23.98 -9.57
C ILE A 319 20.23 -24.88 -10.22
N ALA A 320 20.44 -25.21 -11.49
CA ALA A 320 19.57 -26.13 -12.22
C ALA A 320 19.50 -27.48 -11.50
N ALA A 321 20.65 -28.01 -11.07
CA ALA A 321 20.73 -29.28 -10.29
C ALA A 321 20.02 -29.18 -8.92
N THR A 322 20.29 -28.09 -8.20
CA THR A 322 19.58 -27.77 -6.98
C THR A 322 18.06 -27.89 -7.19
N MET A 323 17.54 -27.32 -8.28
CA MET A 323 16.08 -27.25 -8.53
C MET A 323 15.49 -28.57 -9.02
N GLU A 324 16.28 -29.31 -9.79
CA GLU A 324 15.92 -30.68 -10.15
C GLU A 324 15.78 -31.59 -8.93
N ASN A 325 16.78 -31.58 -8.05
CA ASN A 325 16.68 -32.31 -6.80
C ASN A 325 15.51 -31.83 -5.96
N ALA A 326 15.32 -30.51 -5.93
CA ALA A 326 14.19 -29.90 -5.22
C ALA A 326 12.87 -30.42 -5.71
N GLN A 327 12.75 -30.64 -7.01
CA GLN A 327 11.50 -31.08 -7.59
C GLN A 327 11.20 -32.54 -7.26
N LYS A 328 12.26 -33.35 -7.22
CA LYS A 328 12.11 -34.78 -6.87
C LYS A 328 11.88 -34.95 -5.38
N GLY A 329 12.24 -33.92 -4.61
CA GLY A 329 11.93 -33.87 -3.20
C GLY A 329 10.61 -33.18 -2.94
N GLU A 330 10.54 -32.51 -1.80
CA GLU A 330 9.28 -32.12 -1.22
C GLU A 330 9.53 -30.94 -0.29
N ILE A 331 8.70 -29.91 -0.38
CA ILE A 331 8.82 -28.81 0.57
C ILE A 331 8.55 -29.32 2.00
N MET A 332 9.40 -28.94 2.92
CA MET A 332 9.17 -29.26 4.32
C MET A 332 7.87 -28.68 4.90
N PRO A 333 7.14 -29.47 5.71
CA PRO A 333 6.08 -28.87 6.53
C PRO A 333 6.65 -27.79 7.44
N ASN A 334 5.81 -26.85 7.88
CA ASN A 334 6.24 -25.86 8.88
C ASN A 334 5.52 -26.00 10.21
N ILE A 335 4.78 -27.08 10.35
CA ILE A 335 3.98 -27.36 11.52
C ILE A 335 4.88 -27.53 12.75
N PRO A 336 4.35 -27.26 13.97
CA PRO A 336 5.22 -27.27 15.14
C PRO A 336 5.79 -28.64 15.47
N GLN A 337 5.23 -29.68 14.89
CA GLN A 337 5.64 -31.05 15.20
C GLN A 337 6.92 -31.40 14.49
N MET A 338 7.38 -30.52 13.59
CA MET A 338 8.64 -30.74 12.85
C MET A 338 9.85 -30.87 13.78
N SER A 339 9.78 -30.18 14.90
CA SER A 339 10.84 -30.19 15.87
C SER A 339 10.99 -31.60 16.49
N ALA A 340 9.90 -32.22 16.89
CA ALA A 340 9.94 -33.56 17.45
C ALA A 340 10.32 -34.58 16.38
N PHE A 341 9.83 -34.38 15.16
CA PHE A 341 10.14 -35.25 14.03
C PHE A 341 11.64 -35.33 13.78
N TRP A 342 12.30 -34.17 13.68
CA TRP A 342 13.75 -34.13 13.43
C TRP A 342 14.56 -34.76 14.56
N TYR A 343 14.24 -34.41 15.80
CA TYR A 343 14.88 -35.01 16.96
C TYR A 343 14.77 -36.55 16.95
N ALA A 344 13.60 -37.06 16.59
CA ALA A 344 13.39 -38.50 16.50
C ALA A 344 14.25 -39.17 15.42
N VAL A 345 14.33 -38.52 14.25
CA VAL A 345 15.04 -39.08 13.09
C VAL A 345 16.55 -38.96 13.28
N ARG A 346 16.99 -37.89 13.95
CA ARG A 346 18.40 -37.71 14.38
C ARG A 346 18.86 -38.87 15.25
N THR A 347 18.06 -39.23 16.25
CA THR A 347 18.40 -40.29 17.16
C THR A 347 18.38 -41.64 16.46
N ALA A 348 17.45 -41.81 15.51
CA ALA A 348 17.29 -43.09 14.82
C ALA A 348 18.50 -43.33 13.96
N VAL A 349 18.88 -42.30 13.18
CA VAL A 349 20.03 -42.40 12.32
C VAL A 349 21.32 -42.61 13.09
N ILE A 350 21.56 -41.82 14.13
CA ILE A 350 22.74 -42.02 14.94
C ILE A 350 22.82 -43.45 15.55
N ASN A 351 21.76 -43.87 16.23
CA ASN A 351 21.72 -45.19 16.87
C ASN A 351 21.91 -46.36 15.90
N ALA A 352 21.31 -46.25 14.71
CA ALA A 352 21.38 -47.33 13.74
C ALA A 352 22.77 -47.37 13.13
N ALA A 353 23.30 -46.19 12.86
CA ALA A 353 24.66 -46.03 12.34
C ALA A 353 25.78 -46.51 13.29
N SER A 354 25.62 -46.29 14.59
CA SER A 354 26.63 -46.66 15.56
C SER A 354 26.44 -48.11 16.02
N GLY A 355 25.28 -48.67 15.68
CA GLY A 355 24.98 -50.05 16.00
C GLY A 355 24.42 -50.20 17.40
N ARG A 356 24.02 -49.07 18.00
CA ARG A 356 23.36 -49.11 19.30
C ARG A 356 22.00 -49.76 19.22
N GLN A 357 21.33 -49.57 18.09
CA GLN A 357 20.07 -50.26 17.80
C GLN A 357 20.14 -50.79 16.39
N THR A 358 19.39 -51.85 16.13
CA THR A 358 19.11 -52.27 14.76
C THR A 358 18.30 -51.17 14.03
N VAL A 359 18.30 -51.24 12.70
CA VAL A 359 17.45 -50.35 11.92
C VAL A 359 15.99 -50.44 12.40
N ASP A 360 15.47 -51.66 12.55
CA ASP A 360 14.09 -51.87 13.02
C ASP A 360 13.79 -51.20 14.37
N GLU A 361 14.69 -51.37 15.34
CA GLU A 361 14.51 -50.80 16.68
C GLU A 361 14.57 -49.27 16.66
N ALA A 362 15.54 -48.72 15.95
CA ALA A 362 15.70 -47.26 15.86
C ALA A 362 14.46 -46.58 15.28
N LEU A 363 13.99 -47.12 14.16
CA LEU A 363 12.85 -46.53 13.46
C LEU A 363 11.52 -46.77 14.19
N LYS A 364 11.41 -47.89 14.90
CA LYS A 364 10.27 -48.11 15.77
C LYS A 364 10.16 -46.99 16.82
N ASP A 365 11.28 -46.73 17.52
CA ASP A 365 11.34 -45.61 18.47
C ASP A 365 11.09 -44.27 17.80
N ALA A 366 11.48 -44.12 16.55
CA ALA A 366 11.21 -42.87 15.87
C ALA A 366 9.70 -42.73 15.66
N GLN A 367 9.07 -43.83 15.23
CA GLN A 367 7.63 -43.88 15.03
C GLN A 367 6.89 -43.52 16.29
N THR A 368 7.36 -44.09 17.40
CA THR A 368 6.74 -43.95 18.73
C THR A 368 7.00 -42.59 19.37
N ASN A 369 8.03 -41.89 18.91
CA ASN A 369 8.52 -40.65 19.53
C ASN A 369 9.18 -40.86 20.89
N ALA A 370 9.73 -42.06 21.09
CA ALA A 370 10.36 -42.49 22.33
C ALA A 370 11.58 -41.65 22.76
N ALA A 371 12.40 -41.20 21.82
CA ALA A 371 13.51 -40.31 22.15
C ALA A 371 13.01 -39.01 22.82
N ALA A 372 12.16 -38.26 22.14
CA ALA A 372 11.65 -37.00 22.69
C ALA A 372 10.85 -37.17 23.98
N GLU A 373 10.27 -38.35 24.17
CA GLU A 373 9.48 -38.61 25.37
C GLU A 373 10.34 -38.89 26.59
N PHE A 374 11.40 -39.67 26.40
CA PHE A 374 12.33 -39.87 27.49
C PHE A 374 13.01 -38.54 27.88
N ALA A 375 13.42 -37.73 26.90
CA ALA A 375 14.02 -36.43 27.20
C ALA A 375 13.06 -35.58 27.99
N ALA A 376 11.77 -35.75 27.68
CA ALA A 376 10.74 -34.96 28.32
C ALA A 376 10.39 -35.49 29.72
N LEU A 377 10.56 -36.79 29.91
CA LEU A 377 10.40 -37.41 31.22
C LEU A 377 11.47 -36.88 32.19
N LEU A 378 12.74 -37.08 31.85
CA LEU A 378 13.82 -36.60 32.70
C LEU A 378 13.65 -35.12 32.95
N HIS A 379 13.38 -34.39 31.87
CA HIS A 379 13.28 -32.95 31.96
C HIS A 379 12.21 -32.47 32.94
N SER A 380 11.03 -33.09 32.91
CA SER A 380 9.94 -32.65 33.77
C SER A 380 10.16 -33.02 35.25
N LEU A 381 11.00 -34.01 35.49
CA LEU A 381 11.43 -34.35 36.84
C LEU A 381 12.34 -33.26 37.38
N LEU A 382 13.29 -32.84 36.56
CA LEU A 382 14.21 -31.76 36.91
C LEU A 382 13.47 -30.46 37.09
N GLU A 383 12.42 -30.27 36.31
CA GLU A 383 11.58 -29.08 36.36
C GLU A 383 10.81 -29.10 37.67
N ALA A 384 10.21 -30.24 37.98
CA ALA A 384 9.44 -30.40 39.19
C ALA A 384 10.31 -30.14 40.39
N ASN A 385 11.53 -30.69 40.38
CA ASN A 385 12.49 -30.56 41.48
C ASN A 385 12.96 -29.15 41.74
N CYS A 386 13.19 -28.40 40.67
CA CYS A 386 13.64 -27.05 40.82
C CYS A 386 12.49 -26.15 41.25
N SER A 387 11.27 -26.49 40.84
CA SER A 387 10.07 -25.79 41.33
C SER A 387 9.84 -26.00 42.80
N LEU A 388 10.07 -27.21 43.28
CA LEU A 388 10.03 -27.52 44.70
C LEU A 388 11.08 -26.75 45.49
N ALA A 389 12.34 -26.80 45.06
CA ALA A 389 13.36 -25.99 45.71
C ALA A 389 12.91 -24.52 45.83
N LEU A 390 12.27 -24.00 44.79
CA LEU A 390 11.72 -22.66 44.82
C LEU A 390 10.61 -22.54 45.87
N ALA A 391 9.72 -23.51 45.89
CA ALA A 391 8.65 -23.51 46.88
C ALA A 391 9.23 -23.35 48.29
N GLU A 392 10.20 -24.22 48.62
CA GLU A 392 10.85 -24.23 49.95
C GLU A 392 11.49 -22.89 50.34
N GLU A 393 12.25 -22.30 49.41
CA GLU A 393 12.81 -20.99 49.60
C GLU A 393 11.74 -19.96 49.91
N LEU A 394 10.70 -19.92 49.10
CA LEU A 394 9.63 -18.96 49.29
C LEU A 394 8.86 -19.16 50.60
N LEU A 395 8.58 -20.41 50.95
CA LEU A 395 7.91 -20.71 52.22
C LEU A 395 8.69 -20.20 53.43
N LEU A 396 9.95 -20.63 53.53
CA LEU A 396 10.85 -20.17 54.58
C LEU A 396 10.99 -18.65 54.63
N ASP A 397 11.27 -18.04 53.48
CA ASP A 397 11.40 -16.60 53.36
C ASP A 397 10.19 -15.84 53.91
N GLY A 398 8.99 -16.20 53.48
CA GLY A 398 7.80 -15.49 53.85
C GLY A 398 7.21 -15.85 55.20
N TRP A 399 7.15 -17.13 55.52
CA TRP A 399 6.40 -17.56 56.68
C TRP A 399 7.27 -18.23 57.73
N GLY A 400 8.57 -18.27 57.47
CA GLY A 400 9.54 -18.88 58.37
C GLY A 400 10.03 -17.87 59.39
N PRO A 401 10.72 -18.36 60.45
CA PRO A 401 11.33 -17.53 61.49
C PRO A 401 12.06 -16.30 60.96
N PRO A 402 11.84 -15.13 61.59
CA PRO A 402 12.42 -13.84 61.17
C PRO A 402 13.86 -13.97 60.70
N LEU A 403 14.10 -13.75 59.41
CA LEU A 403 15.42 -13.96 58.80
C LEU A 403 16.48 -12.95 59.28
N ASP A 404 17.70 -13.14 58.80
CA ASP A 404 18.88 -12.40 59.28
C ASP A 404 18.74 -10.87 59.06
N PRO A 405 18.45 -10.10 60.15
CA PRO A 405 18.36 -8.65 60.03
C PRO A 405 19.54 -8.04 59.26
N GLU A 406 20.74 -8.59 59.43
CA GLU A 406 21.95 -8.08 58.79
C GLU A 406 22.56 -9.01 57.73
N GLY A 407 21.73 -9.93 57.22
CA GLY A 407 22.08 -10.72 56.04
C GLY A 407 21.96 -9.85 54.80
N PRO A 408 22.18 -10.41 53.60
CA PRO A 408 21.92 -9.58 52.40
C PRO A 408 20.43 -9.47 52.17
N TYR A 409 20.01 -8.57 51.30
CA TYR A 409 18.59 -8.40 51.09
C TYR A 409 18.10 -9.02 49.78
N SER A 410 18.87 -8.83 48.71
CA SER A 410 18.45 -9.22 47.36
C SER A 410 19.15 -10.48 46.86
N TYR A 411 18.36 -11.48 46.45
CA TYR A 411 18.89 -12.76 46.01
C TYR A 411 18.61 -13.00 44.55
N CYS A 412 19.42 -13.85 43.93
CA CYS A 412 19.05 -14.45 42.65
C CYS A 412 18.18 -15.64 43.02
N ASN A 413 17.04 -15.76 42.35
CA ASN A 413 16.09 -16.80 42.68
C ASN A 413 16.47 -18.14 42.06
N THR A 414 16.05 -19.21 42.72
CA THR A 414 16.22 -20.57 42.21
C THR A 414 15.70 -20.69 40.77
N THR A 415 16.56 -21.11 39.84
CA THR A 415 16.17 -21.38 38.46
C THR A 415 16.83 -22.63 37.93
N LEU A 416 16.28 -23.12 36.81
CA LEU A 416 16.82 -24.26 36.10
C LEU A 416 17.28 -23.81 34.74
N ASP A 417 18.54 -24.04 34.43
CA ASP A 417 19.04 -23.70 33.10
C ASP A 417 18.70 -24.82 32.13
N GLN A 418 19.03 -24.61 30.86
CA GLN A 418 18.64 -25.52 29.78
C GLN A 418 19.45 -26.82 29.73
N ILE A 419 20.45 -26.92 30.60
CA ILE A 419 21.22 -28.14 30.75
C ILE A 419 20.58 -29.03 31.83
N GLY A 420 19.76 -28.43 32.69
CA GLY A 420 19.10 -29.17 33.76
C GLY A 420 19.67 -28.93 35.15
N THR A 421 20.60 -27.98 35.27
CA THR A 421 21.16 -27.65 36.56
C THR A 421 20.20 -26.71 37.27
N CYS A 422 19.89 -27.01 38.53
CA CYS A 422 19.08 -26.15 39.38
C CYS A 422 19.99 -25.27 40.23
N TRP A 423 20.04 -23.99 39.89
CA TRP A 423 20.83 -23.02 40.61
C TRP A 423 20.05 -22.55 41.81
N PRO A 424 20.60 -22.75 43.01
CA PRO A 424 19.83 -22.45 44.23
C PRO A 424 19.73 -20.94 44.46
N ARG A 425 18.83 -20.54 45.37
CA ARG A 425 18.74 -19.13 45.75
C ARG A 425 20.09 -18.66 46.29
N SER A 426 20.57 -17.52 45.79
CA SER A 426 21.93 -17.08 46.11
C SER A 426 22.02 -15.57 46.29
N ALA A 427 22.92 -15.14 47.18
CA ALA A 427 23.09 -13.72 47.46
C ALA A 427 23.71 -12.96 46.29
N ALA A 428 23.24 -11.73 46.08
CA ALA A 428 23.82 -10.88 45.05
C ALA A 428 25.33 -10.78 45.26
N GLY A 429 26.09 -11.03 44.19
CA GLY A 429 27.55 -10.97 44.23
C GLY A 429 28.23 -12.33 44.39
N ALA A 430 27.44 -13.37 44.60
CA ALA A 430 27.95 -14.71 44.86
C ALA A 430 28.30 -15.48 43.58
N LEU A 431 29.43 -16.19 43.61
CA LEU A 431 29.76 -17.13 42.56
C LEU A 431 29.37 -18.55 43.02
N VAL A 432 28.38 -19.13 42.37
CA VAL A 432 27.80 -20.39 42.83
C VAL A 432 28.30 -21.61 42.04
N GLU A 433 28.70 -22.66 42.78
CA GLU A 433 29.08 -23.94 42.19
C GLU A 433 27.91 -24.94 42.26
N ARG A 434 27.74 -25.73 41.20
CA ARG A 434 26.90 -26.92 41.25
C ARG A 434 27.67 -28.04 40.60
N PRO A 435 27.43 -29.30 41.02
CA PRO A 435 28.16 -30.39 40.38
C PRO A 435 27.66 -30.53 38.95
N CYS A 436 28.56 -30.96 38.04
CA CYS A 436 28.21 -31.13 36.63
C CYS A 436 27.08 -32.12 36.47
N PRO A 437 26.17 -31.88 35.52
CA PRO A 437 25.01 -32.73 35.45
C PRO A 437 25.44 -34.14 35.11
N GLU A 438 24.69 -35.13 35.58
CA GLU A 438 25.10 -36.53 35.43
C GLU A 438 24.83 -36.99 34.01
N TYR A 439 23.83 -36.39 33.39
CA TYR A 439 23.40 -36.77 32.06
C TYR A 439 23.01 -35.53 31.27
N PHE A 440 23.52 -35.44 30.04
CA PHE A 440 23.08 -34.40 29.13
C PHE A 440 23.21 -34.82 27.68
N ASN A 441 22.06 -34.84 26.99
CA ASN A 441 21.96 -35.25 25.60
C ASN A 441 22.62 -36.59 25.37
N GLY A 442 22.13 -37.62 26.06
CA GLY A 442 22.57 -39.01 25.88
C GLY A 442 24.03 -39.26 26.24
N VAL A 443 24.61 -38.32 26.97
CA VAL A 443 26.02 -38.36 27.38
C VAL A 443 26.14 -38.18 28.88
N LYS A 444 26.94 -39.04 29.50
CA LYS A 444 27.19 -38.96 30.93
C LYS A 444 28.48 -38.19 31.24
N TYR A 445 28.43 -37.43 32.33
CA TYR A 445 29.55 -36.57 32.72
C TYR A 445 30.08 -36.96 34.10
N ASN A 446 31.27 -36.43 34.43
CA ASN A 446 31.91 -36.64 35.72
C ASN A 446 31.37 -35.64 36.75
N THR A 447 30.49 -36.11 37.63
CA THR A 447 29.79 -35.26 38.61
C THR A 447 30.66 -34.65 39.72
N THR A 448 31.88 -35.16 39.88
CA THR A 448 32.82 -34.63 40.88
C THR A 448 33.50 -33.31 40.42
N ARG A 449 33.19 -32.87 39.20
CA ARG A 449 33.58 -31.55 38.70
C ARG A 449 32.39 -30.62 38.84
N ASN A 450 32.66 -29.31 38.85
CA ASN A 450 31.60 -28.32 39.05
C ASN A 450 31.34 -27.42 37.85
N ALA A 451 30.12 -26.92 37.77
CA ALA A 451 29.78 -25.84 36.88
C ALA A 451 29.73 -24.57 37.72
N TYR A 452 29.86 -23.42 37.07
CA TYR A 452 29.95 -22.16 37.80
C TYR A 452 29.00 -21.11 37.23
N ARG A 453 28.33 -20.38 38.11
CA ARG A 453 27.47 -19.29 37.66
C ARG A 453 27.44 -18.16 38.67
N GLU A 454 27.43 -16.95 38.14
CA GLU A 454 27.49 -15.77 38.97
C GLU A 454 26.12 -15.17 39.19
N CYS A 455 25.81 -14.91 40.44
CA CYS A 455 24.69 -14.08 40.81
C CYS A 455 25.20 -12.63 40.86
N LEU A 456 24.75 -11.81 39.93
CA LEU A 456 25.24 -10.43 39.81
C LEU A 456 24.81 -9.57 40.99
N GLU A 457 25.53 -8.47 41.21
CA GLU A 457 25.32 -7.56 42.36
C GLU A 457 23.90 -6.99 42.41
N ASN A 458 23.23 -6.98 41.25
CA ASN A 458 21.87 -6.47 41.14
C ASN A 458 20.77 -7.50 41.45
N GLY A 459 21.18 -8.70 41.82
CA GLY A 459 20.23 -9.74 42.18
C GLY A 459 19.71 -10.52 41.00
N THR A 460 20.35 -10.34 39.84
CA THR A 460 20.04 -11.16 38.64
C THR A 460 21.14 -12.18 38.35
N TRP A 461 20.76 -13.30 37.75
CA TRP A 461 21.74 -14.29 37.31
C TRP A 461 22.52 -13.79 36.08
N ALA A 462 23.83 -14.05 36.05
CA ALA A 462 24.62 -13.90 34.83
C ALA A 462 23.95 -14.77 33.77
N SER A 463 23.97 -14.29 32.53
CA SER A 463 23.41 -15.05 31.42
C SER A 463 24.35 -16.19 31.00
N LYS A 464 25.66 -16.00 31.15
CA LYS A 464 26.61 -17.04 30.80
C LYS A 464 26.95 -17.96 31.96
N ILE A 465 26.90 -19.25 31.69
CA ILE A 465 27.13 -20.29 32.69
C ILE A 465 28.35 -21.13 32.29
N ASN A 466 29.29 -21.23 33.21
CA ASN A 466 30.55 -21.89 32.96
C ASN A 466 30.51 -23.41 33.12
N TYR A 467 30.39 -24.10 31.99
CA TYR A 467 30.38 -25.56 31.99
C TYR A 467 31.71 -26.17 31.52
N SER A 468 32.74 -25.34 31.42
CA SER A 468 34.03 -25.72 30.83
C SER A 468 34.70 -26.93 31.49
N GLN A 469 34.39 -27.19 32.76
CA GLN A 469 35.04 -28.25 33.52
C GLN A 469 34.33 -29.59 33.44
N CYS A 470 33.17 -29.62 32.79
CA CYS A 470 32.37 -30.84 32.73
C CYS A 470 32.76 -31.76 31.57
N GLU A 471 33.37 -32.90 31.93
CA GLU A 471 33.87 -33.87 30.97
C GLU A 471 33.10 -35.18 31.10
N PRO A 472 33.27 -36.10 30.13
CA PRO A 472 32.79 -37.47 30.34
C PRO A 472 33.93 -38.39 30.80
N LYS B 3 -2.34 10.49 -24.01
CA LYS B 3 -2.34 9.05 -23.63
C LYS B 3 -2.09 8.80 -22.12
N ILE B 4 -3.19 8.50 -21.40
CA ILE B 4 -3.12 8.17 -19.98
C ILE B 4 -2.59 6.73 -19.78
N GLU B 5 -1.70 6.57 -18.80
CA GLU B 5 -1.04 5.27 -18.53
C GLU B 5 -1.99 4.25 -17.90
N GLU B 6 -2.06 3.06 -18.50
CA GLU B 6 -2.90 2.00 -17.96
C GLU B 6 -2.19 1.36 -16.77
N GLY B 7 -2.92 1.14 -15.67
CA GLY B 7 -2.36 0.43 -14.51
C GLY B 7 -1.87 1.35 -13.40
N LYS B 8 -2.25 2.62 -13.48
CA LYS B 8 -1.99 3.58 -12.41
C LYS B 8 -3.07 4.65 -12.38
N LEU B 9 -3.04 5.51 -11.36
CA LEU B 9 -3.98 6.62 -11.29
C LEU B 9 -3.22 7.93 -11.13
N VAL B 10 -3.48 8.87 -12.03
CA VAL B 10 -2.97 10.24 -11.88
C VAL B 10 -4.14 11.12 -11.43
N ILE B 11 -3.95 11.88 -10.36
CA ILE B 11 -5.00 12.70 -9.78
C ILE B 11 -4.62 14.19 -9.74
N TRP B 12 -5.52 15.05 -10.22
CA TRP B 12 -5.35 16.52 -10.19
C TRP B 12 -6.26 17.15 -9.15
N ILE B 13 -5.65 17.94 -8.26
CA ILE B 13 -6.39 18.69 -7.26
C ILE B 13 -5.75 20.08 -7.14
N ASN B 14 -6.49 21.07 -6.68
CA ASN B 14 -5.96 22.43 -6.55
C ASN B 14 -4.96 22.55 -5.40
N GLY B 15 -3.95 23.41 -5.61
CA GLY B 15 -2.81 23.54 -4.69
C GLY B 15 -3.14 24.10 -3.32
N ASP B 16 -4.37 24.61 -3.17
CA ASP B 16 -4.81 25.15 -1.90
C ASP B 16 -5.49 24.10 -1.03
N LYS B 17 -5.81 22.93 -1.60
CA LYS B 17 -6.48 21.87 -0.87
C LYS B 17 -5.51 20.88 -0.25
N GLY B 18 -6.02 19.91 0.49
CA GLY B 18 -5.17 18.96 1.25
C GLY B 18 -4.60 17.82 0.44
N TYR B 19 -3.70 18.16 -0.50
CA TYR B 19 -3.20 17.16 -1.44
C TYR B 19 -2.20 16.17 -0.87
N ASN B 20 -1.55 16.54 0.21
CA ASN B 20 -0.67 15.58 0.87
C ASN B 20 -1.48 14.56 1.64
N GLY B 21 -2.60 15.00 2.19
CA GLY B 21 -3.59 14.10 2.78
C GLY B 21 -4.06 13.10 1.75
N LEU B 22 -4.42 13.60 0.57
CA LEU B 22 -4.87 12.76 -0.53
C LEU B 22 -3.82 11.73 -0.98
N ALA B 23 -2.56 12.15 -1.03
CA ALA B 23 -1.48 11.24 -1.38
C ALA B 23 -1.32 10.12 -0.34
N GLU B 24 -1.67 10.42 0.93
CA GLU B 24 -1.67 9.40 1.98
C GLU B 24 -2.75 8.36 1.69
N VAL B 25 -3.91 8.80 1.24
CA VAL B 25 -4.98 7.87 0.89
C VAL B 25 -4.54 7.07 -0.32
N GLY B 26 -3.87 7.74 -1.25
CA GLY B 26 -3.25 7.07 -2.39
C GLY B 26 -2.19 6.06 -2.01
N LYS B 27 -1.50 6.32 -0.90
CA LYS B 27 -0.44 5.46 -0.40
C LYS B 27 -1.06 4.16 0.13
N LYS B 28 -2.20 4.28 0.81
CA LYS B 28 -2.93 3.13 1.32
C LYS B 28 -3.50 2.28 0.20
N PHE B 29 -3.92 2.93 -0.89
CA PHE B 29 -4.44 2.26 -2.07
C PHE B 29 -3.35 1.43 -2.75
N GLU B 30 -2.17 2.03 -2.86
CA GLU B 30 -1.00 1.36 -3.41
C GLU B 30 -0.57 0.13 -2.59
N LYS B 31 -0.48 0.27 -1.27
CA LYS B 31 -0.18 -0.87 -0.40
C LYS B 31 -1.09 -2.06 -0.69
N ASP B 32 -2.39 -1.79 -0.78
CA ASP B 32 -3.39 -2.82 -0.90
C ASP B 32 -3.42 -3.43 -2.29
N THR B 33 -3.43 -2.60 -3.32
CA THR B 33 -3.65 -3.07 -4.69
C THR B 33 -2.38 -3.16 -5.55
N GLY B 34 -1.31 -2.51 -5.10
CA GLY B 34 -0.09 -2.40 -5.90
C GLY B 34 -0.17 -1.32 -6.95
N ILE B 35 -1.26 -0.56 -6.95
CA ILE B 35 -1.48 0.46 -7.97
C ILE B 35 -0.98 1.82 -7.52
N LYS B 36 0.05 2.30 -8.21
CA LYS B 36 0.70 3.58 -7.91
C LYS B 36 -0.26 4.73 -8.17
N VAL B 37 -0.43 5.60 -7.17
CA VAL B 37 -1.32 6.74 -7.25
C VAL B 37 -0.51 8.04 -7.17
N THR B 38 -0.53 8.82 -8.24
CA THR B 38 0.19 10.09 -8.27
C THR B 38 -0.76 11.27 -8.14
N VAL B 39 -0.55 12.09 -7.12
CA VAL B 39 -1.33 13.31 -6.94
C VAL B 39 -0.54 14.55 -7.38
N GLU B 40 -1.09 15.29 -8.35
CA GLU B 40 -0.49 16.51 -8.86
C GLU B 40 -1.38 17.72 -8.58
N HIS B 41 -0.79 18.90 -8.53
CA HIS B 41 -1.54 20.15 -8.34
C HIS B 41 -1.09 21.25 -9.31
N PRO B 42 -1.45 21.12 -10.61
CA PRO B 42 -1.05 22.11 -11.63
C PRO B 42 -1.76 23.44 -11.46
N ASP B 43 -1.08 24.52 -11.85
CA ASP B 43 -1.67 25.85 -11.90
C ASP B 43 -2.79 25.88 -12.93
N LYS B 44 -3.87 26.58 -12.61
CA LYS B 44 -4.96 26.78 -13.55
C LYS B 44 -5.53 25.44 -14.06
N LEU B 45 -5.77 24.51 -13.12
CA LEU B 45 -6.03 23.13 -13.52
C LEU B 45 -7.41 22.99 -14.16
N GLU B 46 -8.35 23.83 -13.72
CA GLU B 46 -9.70 23.84 -14.26
C GLU B 46 -9.78 24.37 -15.69
N GLU B 47 -8.71 25.01 -16.17
CA GLU B 47 -8.62 25.38 -17.58
C GLU B 47 -7.74 24.40 -18.34
N LYS B 48 -6.75 23.83 -17.66
CA LYS B 48 -5.86 22.86 -18.32
C LYS B 48 -6.59 21.57 -18.62
N PHE B 49 -7.39 21.10 -17.66
CA PHE B 49 -8.10 19.83 -17.82
C PHE B 49 -8.89 19.72 -19.13
N PRO B 50 -9.80 20.67 -19.43
CA PRO B 50 -10.52 20.58 -20.72
C PRO B 50 -9.65 20.72 -21.95
N GLN B 51 -8.49 21.38 -21.83
CA GLN B 51 -7.55 21.45 -22.94
C GLN B 51 -6.91 20.09 -23.21
N VAL B 52 -6.39 19.45 -22.17
CA VAL B 52 -5.63 18.20 -22.35
C VAL B 52 -6.54 16.99 -22.46
N ALA B 53 -7.64 16.99 -21.70
CA ALA B 53 -8.61 15.89 -21.75
C ALA B 53 -9.27 15.80 -23.11
N ALA B 54 -9.43 16.96 -23.76
CA ALA B 54 -9.94 17.01 -25.13
C ALA B 54 -9.16 16.13 -26.12
N THR B 55 -7.93 15.72 -25.78
CA THR B 55 -7.06 14.91 -26.68
C THR B 55 -6.76 13.50 -26.15
N GLY B 56 -7.58 13.01 -25.21
CA GLY B 56 -7.39 11.68 -24.62
C GLY B 56 -6.21 11.65 -23.67
N ASP B 57 -6.00 12.77 -22.98
CA ASP B 57 -4.84 12.96 -22.13
C ASP B 57 -5.29 13.56 -20.80
N GLY B 58 -4.36 13.70 -19.85
CA GLY B 58 -4.70 14.32 -18.57
C GLY B 58 -4.87 13.32 -17.45
N PRO B 59 -5.41 13.76 -16.31
CA PRO B 59 -5.48 12.91 -15.12
C PRO B 59 -6.56 11.84 -15.23
N ASP B 60 -6.44 10.79 -14.44
CA ASP B 60 -7.52 9.79 -14.34
C ASP B 60 -8.69 10.40 -13.56
N ILE B 61 -8.39 11.18 -12.54
CA ILE B 61 -9.41 11.76 -11.69
C ILE B 61 -9.15 13.26 -11.51
N ILE B 62 -10.20 14.06 -11.61
CA ILE B 62 -10.05 15.48 -11.43
C ILE B 62 -10.91 16.00 -10.31
N PHE B 63 -10.32 16.83 -9.47
CA PHE B 63 -11.00 17.44 -8.32
C PHE B 63 -11.20 18.92 -8.52
N TRP B 64 -12.46 19.36 -8.47
CA TRP B 64 -12.79 20.78 -8.48
C TRP B 64 -14.17 20.94 -7.88
N ALA B 65 -14.59 22.17 -7.65
CA ALA B 65 -15.98 22.45 -7.28
C ALA B 65 -16.87 22.14 -8.48
N HIS B 66 -18.08 21.71 -8.18
CA HIS B 66 -19.00 21.18 -9.18
C HIS B 66 -19.38 22.11 -10.33
N ASP B 67 -19.31 23.43 -10.15
CA ASP B 67 -19.74 24.36 -11.21
C ASP B 67 -19.10 24.13 -12.61
N ARG B 68 -17.85 23.70 -12.64
CA ARG B 68 -17.14 23.49 -13.91
C ARG B 68 -17.47 22.15 -14.56
N PHE B 69 -18.08 21.25 -13.80
CA PHE B 69 -18.29 19.87 -14.24
C PHE B 69 -19.37 19.72 -15.32
N GLY B 70 -20.41 20.54 -15.25
CA GLY B 70 -21.43 20.57 -16.29
C GLY B 70 -20.85 20.82 -17.67
N GLY B 71 -19.95 21.80 -17.78
CA GLY B 71 -19.29 22.10 -19.05
C GLY B 71 -18.39 20.98 -19.53
N TYR B 72 -17.73 20.31 -18.57
CA TYR B 72 -16.92 19.15 -18.86
C TYR B 72 -17.76 18.00 -19.37
N ALA B 73 -18.88 17.74 -18.71
CA ALA B 73 -19.75 16.60 -19.09
C ALA B 73 -20.33 16.82 -20.45
N GLN B 74 -20.77 18.06 -20.69
CA GLN B 74 -21.30 18.51 -21.95
C GLN B 74 -20.32 18.26 -23.10
N SER B 75 -19.05 18.58 -22.87
CA SER B 75 -18.01 18.38 -23.86
C SER B 75 -17.60 16.92 -24.00
N GLY B 76 -18.23 16.04 -23.20
CA GLY B 76 -17.98 14.59 -23.23
C GLY B 76 -16.70 14.13 -22.56
N LEU B 77 -16.19 14.89 -21.60
CA LEU B 77 -14.87 14.63 -21.00
C LEU B 77 -14.95 13.83 -19.72
N LEU B 78 -16.13 13.72 -19.15
CA LEU B 78 -16.32 12.96 -17.91
C LEU B 78 -17.02 11.63 -18.15
N ALA B 79 -16.55 10.59 -17.48
CA ALA B 79 -17.22 9.29 -17.50
C ALA B 79 -18.41 9.28 -16.56
N GLU B 80 -19.48 8.61 -16.95
CA GLU B 80 -20.66 8.53 -16.09
C GLU B 80 -20.35 7.62 -14.93
N ILE B 81 -20.69 8.04 -13.72
CA ILE B 81 -20.33 7.24 -12.54
C ILE B 81 -21.50 6.38 -12.11
N THR B 82 -21.18 5.18 -11.61
CA THR B 82 -22.21 4.20 -11.31
C THR B 82 -22.13 3.69 -9.86
N PRO B 83 -22.48 4.54 -8.88
CA PRO B 83 -22.54 4.03 -7.51
C PRO B 83 -23.84 3.30 -7.26
N ASP B 84 -23.80 2.30 -6.41
CA ASP B 84 -25.03 1.55 -6.10
C ASP B 84 -25.90 2.28 -5.07
N LYS B 85 -27.11 1.76 -4.83
CA LYS B 85 -28.08 2.37 -3.90
C LYS B 85 -27.43 2.64 -2.56
N ALA B 86 -26.83 1.59 -1.99
CA ALA B 86 -26.19 1.62 -0.68
C ALA B 86 -25.16 2.73 -0.56
N PHE B 87 -24.34 2.91 -1.60
CA PHE B 87 -23.33 3.96 -1.58
C PHE B 87 -23.95 5.33 -1.63
N GLN B 88 -25.01 5.48 -2.41
CA GLN B 88 -25.69 6.76 -2.52
C GLN B 88 -26.32 7.22 -1.21
N ASP B 89 -26.83 6.27 -0.44
CA ASP B 89 -27.38 6.55 0.88
C ASP B 89 -26.32 7.05 1.86
N LYS B 90 -25.04 6.80 1.58
CA LYS B 90 -23.97 7.23 2.49
C LYS B 90 -23.66 8.73 2.40
N LEU B 91 -24.09 9.35 1.30
CA LEU B 91 -23.88 10.78 1.10
C LEU B 91 -25.19 11.55 1.06
N TYR B 92 -25.15 12.81 1.47
CA TYR B 92 -26.33 13.67 1.48
C TYR B 92 -26.90 13.87 0.08
N PRO B 93 -28.23 13.76 -0.07
CA PRO B 93 -28.89 13.94 -1.37
C PRO B 93 -28.53 15.24 -2.10
N PHE B 94 -28.52 16.37 -1.39
CA PHE B 94 -28.22 17.67 -2.03
C PHE B 94 -26.81 17.75 -2.62
N THR B 95 -25.88 16.95 -2.08
CA THR B 95 -24.55 16.88 -2.66
C THR B 95 -24.56 16.11 -3.98
N TRP B 96 -25.40 15.08 -4.09
CA TRP B 96 -25.57 14.39 -5.39
C TRP B 96 -26.23 15.32 -6.41
N ASP B 97 -27.19 16.14 -5.96
CA ASP B 97 -27.88 17.06 -6.86
C ASP B 97 -26.89 17.94 -7.59
N ALA B 98 -25.87 18.41 -6.86
CA ALA B 98 -24.86 19.31 -7.41
C ALA B 98 -24.00 18.69 -8.51
N VAL B 99 -23.88 17.36 -8.49
CA VAL B 99 -23.09 16.66 -9.49
C VAL B 99 -23.97 15.98 -10.53
N ARG B 100 -25.25 16.34 -10.58
CA ARG B 100 -26.13 15.79 -11.60
C ARG B 100 -26.15 16.71 -12.82
N TYR B 101 -25.92 16.14 -14.00
CA TYR B 101 -26.02 16.87 -15.24
C TYR B 101 -26.77 16.03 -16.27
N ASN B 102 -27.89 16.57 -16.74
CA ASN B 102 -28.72 15.84 -17.67
C ASN B 102 -29.28 14.55 -17.09
N GLY B 103 -29.56 14.53 -15.80
CA GLY B 103 -30.04 13.31 -15.15
C GLY B 103 -28.99 12.26 -14.88
N LYS B 104 -27.80 12.41 -15.46
CA LYS B 104 -26.68 11.49 -15.22
C LYS B 104 -25.80 12.03 -14.10
N LEU B 105 -25.30 11.14 -13.25
CA LEU B 105 -24.32 11.53 -12.24
C LEU B 105 -22.92 11.52 -12.84
N ILE B 106 -22.23 12.66 -12.76
CA ILE B 106 -20.98 12.84 -13.49
C ILE B 106 -19.74 13.05 -12.60
N ALA B 107 -19.89 12.84 -11.30
CA ALA B 107 -18.78 13.00 -10.36
C ALA B 107 -19.20 12.60 -8.97
N TYR B 108 -18.21 12.38 -8.12
CA TYR B 108 -18.47 12.10 -6.71
C TYR B 108 -18.38 13.37 -5.88
N PRO B 109 -19.43 13.69 -5.09
CA PRO B 109 -19.33 14.81 -4.15
C PRO B 109 -18.35 14.48 -3.01
N ILE B 110 -17.53 15.46 -2.63
CA ILE B 110 -16.61 15.28 -1.53
C ILE B 110 -16.95 16.14 -0.31
N ALA B 111 -17.17 17.44 -0.52
CA ALA B 111 -17.39 18.38 0.59
C ALA B 111 -17.98 19.69 0.13
N VAL B 112 -18.70 20.34 1.04
CA VAL B 112 -19.34 21.62 0.76
C VAL B 112 -18.45 22.75 1.27
N GLU B 113 -18.19 23.71 0.37
CA GLU B 113 -17.33 24.87 0.65
C GLU B 113 -18.09 26.18 0.57
N ALA B 114 -18.01 26.97 1.62
CA ALA B 114 -18.50 28.35 1.56
C ALA B 114 -17.47 29.26 2.21
N LEU B 115 -17.41 30.51 1.75
CA LEU B 115 -16.51 31.49 2.33
C LEU B 115 -17.10 31.99 3.63
N SER B 116 -16.25 32.36 4.56
CA SER B 116 -16.68 32.92 5.84
C SER B 116 -15.75 34.06 6.15
N LEU B 117 -16.16 34.91 7.09
CA LEU B 117 -15.30 35.94 7.62
C LEU B 117 -14.35 35.32 8.65
N ILE B 118 -13.04 35.47 8.41
CA ILE B 118 -12.05 35.03 9.37
C ILE B 118 -11.43 36.28 9.97
N TYR B 119 -11.40 36.35 11.29
CA TYR B 119 -10.96 37.53 11.99
C TYR B 119 -9.99 37.23 13.12
N ASN B 120 -9.15 38.21 13.44
CA ASN B 120 -8.16 38.10 14.49
C ASN B 120 -8.74 38.56 15.86
N LYS B 121 -8.93 37.60 16.77
CA LYS B 121 -9.60 37.88 18.05
C LYS B 121 -8.84 38.84 18.93
N ASP B 122 -7.52 38.91 18.75
CA ASP B 122 -6.69 39.83 19.54
C ASP B 122 -6.79 41.27 19.07
N LEU B 123 -6.86 41.48 17.75
CA LEU B 123 -7.04 42.79 17.18
C LEU B 123 -8.50 43.23 17.16
N LEU B 124 -9.40 42.28 16.87
CA LEU B 124 -10.84 42.51 16.89
C LEU B 124 -11.55 41.50 17.76
N PRO B 125 -11.86 41.83 19.02
CA PRO B 125 -12.68 40.89 19.79
C PRO B 125 -14.09 40.78 19.23
N ASN B 126 -14.62 41.86 18.67
CA ASN B 126 -15.98 41.88 18.14
C ASN B 126 -15.99 42.24 16.66
N PRO B 127 -16.00 41.22 15.78
CA PRO B 127 -15.99 41.50 14.33
C PRO B 127 -17.24 42.27 13.90
N PRO B 128 -17.12 43.11 12.87
CA PRO B 128 -18.26 43.92 12.46
C PRO B 128 -19.41 43.06 11.91
N LYS B 129 -20.63 43.52 12.11
CA LYS B 129 -21.78 42.83 11.57
C LYS B 129 -22.08 43.25 10.14
N THR B 130 -21.53 44.40 9.72
CA THR B 130 -21.86 45.02 8.44
C THR B 130 -20.60 45.46 7.66
N TRP B 131 -20.69 45.41 6.34
CA TRP B 131 -19.63 45.93 5.46
C TRP B 131 -19.42 47.43 5.66
N GLU B 132 -20.48 48.13 6.02
CA GLU B 132 -20.44 49.58 6.13
C GLU B 132 -19.54 50.08 7.26
N GLU B 133 -19.36 49.27 8.31
CA GLU B 133 -18.52 49.72 9.42
C GLU B 133 -17.04 49.50 9.19
N ILE B 134 -16.72 48.83 8.09
CA ILE B 134 -15.34 48.48 7.78
C ILE B 134 -14.45 49.69 7.53
N PRO B 135 -14.90 50.66 6.72
CA PRO B 135 -14.09 51.89 6.54
C PRO B 135 -13.63 52.53 7.86
N ALA B 136 -14.57 52.82 8.75
CA ALA B 136 -14.24 53.40 10.04
C ALA B 136 -13.27 52.50 10.81
N LEU B 137 -13.54 51.20 10.75
CA LEU B 137 -12.73 50.22 11.45
C LEU B 137 -11.29 50.18 10.95
N ASP B 138 -11.11 50.35 9.64
CA ASP B 138 -9.80 50.42 9.04
C ASP B 138 -9.06 51.66 9.53
N LYS B 139 -9.78 52.77 9.71
CA LYS B 139 -9.15 54.00 10.16
C LYS B 139 -8.64 53.85 11.58
N GLU B 140 -9.41 53.18 12.42
CA GLU B 140 -8.98 52.87 13.80
C GLU B 140 -7.75 51.98 13.79
N LEU B 141 -7.67 51.05 12.85
CA LEU B 141 -6.57 50.09 12.81
C LEU B 141 -5.31 50.60 12.12
N LYS B 142 -5.45 51.48 11.13
CA LYS B 142 -4.29 52.10 10.44
C LYS B 142 -3.49 52.92 11.43
N ALA B 143 -4.16 53.39 12.47
CA ALA B 143 -3.53 54.13 13.57
C ALA B 143 -2.76 53.20 14.51
N LYS B 144 -2.94 51.90 14.36
CA LYS B 144 -2.14 50.95 15.11
C LYS B 144 -1.19 50.19 14.18
N GLY B 145 -0.93 50.76 13.00
CA GLY B 145 -0.04 50.14 12.02
C GLY B 145 -0.59 48.83 11.47
N LYS B 146 -1.89 48.65 11.56
CA LYS B 146 -2.54 47.47 11.03
C LYS B 146 -3.55 47.85 9.94
N SER B 147 -4.33 46.87 9.49
CA SER B 147 -5.39 47.13 8.55
C SER B 147 -6.65 46.29 8.86
N ALA B 148 -7.80 46.71 8.35
CA ALA B 148 -9.05 46.05 8.69
C ALA B 148 -9.27 44.70 8.02
N LEU B 149 -9.06 44.66 6.71
CA LEU B 149 -9.52 43.57 5.87
C LEU B 149 -8.65 43.41 4.61
N MET B 150 -8.22 42.18 4.36
CA MET B 150 -7.56 41.80 3.11
C MET B 150 -8.05 40.45 2.65
N PHE B 151 -8.43 40.37 1.38
CA PHE B 151 -8.78 39.11 0.77
C PHE B 151 -8.49 39.16 -0.71
N ASN B 152 -8.52 37.99 -1.35
CA ASN B 152 -8.18 37.88 -2.75
C ASN B 152 -9.10 38.68 -3.67
N LEU B 153 -8.55 39.73 -4.28
CA LEU B 153 -9.31 40.59 -5.18
C LEU B 153 -9.19 40.16 -6.63
N GLN B 154 -8.42 39.11 -6.87
CA GLN B 154 -8.13 38.68 -8.24
C GLN B 154 -9.05 37.55 -8.74
N GLU B 155 -9.81 36.95 -7.82
CA GLU B 155 -10.73 35.87 -8.18
C GLU B 155 -12.15 36.27 -7.78
N PRO B 156 -13.07 36.38 -8.75
CA PRO B 156 -14.42 36.87 -8.53
C PRO B 156 -15.18 36.13 -7.43
N TYR B 157 -14.80 34.87 -7.21
CA TYR B 157 -15.32 34.05 -6.14
C TYR B 157 -15.33 34.74 -4.78
N PHE B 158 -14.35 35.59 -4.52
CA PHE B 158 -14.24 36.27 -3.20
C PHE B 158 -15.07 37.55 -3.01
N THR B 159 -15.40 38.23 -4.10
CA THR B 159 -16.12 39.48 -4.00
C THR B 159 -17.60 39.28 -4.34
N TRP B 160 -17.89 38.13 -4.94
CA TRP B 160 -19.24 37.74 -5.25
C TRP B 160 -20.21 37.84 -4.08
N PRO B 161 -19.84 37.33 -2.88
CA PRO B 161 -20.80 37.43 -1.76
C PRO B 161 -21.36 38.85 -1.56
N LEU B 162 -20.52 39.86 -1.77
CA LEU B 162 -20.88 41.23 -1.58
C LEU B 162 -21.61 41.77 -2.80
N ILE B 163 -21.24 41.32 -3.99
CA ILE B 163 -21.96 41.70 -5.20
C ILE B 163 -23.38 41.11 -5.24
N ALA B 164 -23.58 39.96 -4.61
CA ALA B 164 -24.85 39.28 -4.61
C ALA B 164 -25.77 39.78 -3.50
N ALA B 165 -25.15 40.27 -2.42
CA ALA B 165 -25.87 40.64 -1.19
C ALA B 165 -27.16 41.44 -1.42
N ASP B 166 -27.07 42.49 -2.23
CA ASP B 166 -28.15 43.42 -2.40
C ASP B 166 -28.94 43.17 -3.68
N GLY B 167 -28.65 42.07 -4.37
CA GLY B 167 -29.50 41.67 -5.49
C GLY B 167 -28.82 41.13 -6.75
N GLY B 168 -27.49 41.11 -6.77
CA GLY B 168 -26.79 40.58 -7.91
C GLY B 168 -26.96 39.08 -7.94
N TYR B 169 -27.10 38.52 -9.14
CA TYR B 169 -27.19 37.06 -9.30
C TYR B 169 -26.55 36.62 -10.59
N ALA B 170 -26.22 35.33 -10.68
CA ALA B 170 -25.68 34.78 -11.89
C ALA B 170 -26.80 34.57 -12.91
N PHE B 171 -27.46 33.42 -12.83
CA PHE B 171 -28.56 33.07 -13.71
C PHE B 171 -29.82 32.85 -12.89
N LYS B 172 -30.92 33.43 -13.36
CA LYS B 172 -32.18 33.37 -12.63
C LYS B 172 -32.75 31.97 -12.61
N TYR B 173 -33.04 31.47 -11.42
CA TYR B 173 -33.58 30.12 -11.25
C TYR B 173 -35.10 30.16 -11.09
N GLU B 174 -35.80 29.33 -11.86
CA GLU B 174 -37.24 29.14 -11.73
C GLU B 174 -37.74 28.01 -12.60
N ASN B 175 -38.79 27.35 -12.12
CA ASN B 175 -39.33 26.15 -12.77
C ASN B 175 -38.24 25.10 -13.00
N GLY B 176 -37.43 24.86 -11.97
CA GLY B 176 -36.38 23.83 -12.02
C GLY B 176 -35.27 24.08 -13.02
N LYS B 177 -35.17 25.32 -13.52
CA LYS B 177 -34.24 25.63 -14.61
C LYS B 177 -33.56 26.97 -14.41
N TYR B 178 -32.32 27.05 -14.85
CA TYR B 178 -31.64 28.33 -14.90
C TYR B 178 -31.94 28.99 -16.23
N ASP B 179 -32.41 30.24 -16.17
CA ASP B 179 -32.71 30.97 -17.38
C ASP B 179 -31.43 31.65 -17.86
N ILE B 180 -30.82 31.09 -18.90
CA ILE B 180 -29.56 31.61 -19.42
C ILE B 180 -29.72 32.96 -20.13
N LYS B 181 -30.96 33.41 -20.28
CA LYS B 181 -31.25 34.70 -20.88
C LYS B 181 -31.48 35.76 -19.81
N ASP B 182 -31.46 35.32 -18.55
CA ASP B 182 -31.71 36.24 -17.44
C ASP B 182 -30.52 36.31 -16.49
N VAL B 183 -29.62 37.26 -16.75
CA VAL B 183 -28.36 37.42 -16.04
C VAL B 183 -28.45 38.63 -15.13
N GLY B 184 -28.03 38.48 -13.88
CA GLY B 184 -28.23 39.51 -12.88
C GLY B 184 -26.93 40.13 -12.41
N VAL B 185 -26.06 40.43 -13.36
CA VAL B 185 -24.72 40.90 -13.07
C VAL B 185 -24.64 42.43 -13.20
N ASP B 186 -25.70 43.03 -13.74
CA ASP B 186 -25.69 44.45 -14.01
C ASP B 186 -26.90 45.15 -13.39
N ASN B 187 -27.56 44.50 -12.44
CA ASN B 187 -28.71 45.10 -11.77
C ASN B 187 -28.29 46.08 -10.67
N ALA B 188 -29.27 46.76 -10.08
CA ALA B 188 -29.03 47.74 -9.02
C ALA B 188 -28.17 47.14 -7.89
N GLY B 189 -28.52 45.94 -7.43
CA GLY B 189 -27.79 45.29 -6.35
C GLY B 189 -26.33 45.04 -6.66
N ALA B 190 -26.05 44.42 -7.81
CA ALA B 190 -24.69 44.16 -8.25
C ALA B 190 -23.86 45.46 -8.31
N LYS B 191 -24.44 46.51 -8.91
CA LYS B 191 -23.79 47.81 -8.98
C LYS B 191 -23.46 48.37 -7.60
N ALA B 192 -24.39 48.23 -6.66
CA ALA B 192 -24.18 48.76 -5.33
C ALA B 192 -23.00 48.05 -4.67
N GLY B 193 -23.00 46.73 -4.76
CA GLY B 193 -21.97 45.89 -4.14
C GLY B 193 -20.58 46.22 -4.67
N LEU B 194 -20.46 46.32 -5.99
CA LEU B 194 -19.17 46.57 -6.59
C LEU B 194 -18.72 47.98 -6.33
N THR B 195 -19.66 48.93 -6.31
CA THR B 195 -19.33 50.30 -5.97
C THR B 195 -18.74 50.38 -4.57
N PHE B 196 -19.32 49.66 -3.63
CA PHE B 196 -18.78 49.71 -2.28
C PHE B 196 -17.33 49.22 -2.26
N LEU B 197 -17.07 48.12 -2.96
CA LEU B 197 -15.75 47.55 -3.07
C LEU B 197 -14.79 48.53 -3.72
N VAL B 198 -15.18 49.12 -4.85
CA VAL B 198 -14.34 50.08 -5.52
C VAL B 198 -14.07 51.29 -4.62
N ASP B 199 -15.08 51.72 -3.87
CA ASP B 199 -14.88 52.82 -2.93
C ASP B 199 -13.88 52.50 -1.80
N LEU B 200 -13.89 51.26 -1.28
CA LEU B 200 -12.94 50.88 -0.25
C LEU B 200 -11.55 51.10 -0.78
N ILE B 201 -11.35 50.76 -2.05
CA ILE B 201 -10.06 50.89 -2.70
C ILE B 201 -9.72 52.35 -2.95
N LYS B 202 -10.66 53.11 -3.51
CA LYS B 202 -10.42 54.55 -3.74
C LYS B 202 -10.05 55.21 -2.43
N ASN B 203 -10.70 54.79 -1.35
CA ASN B 203 -10.43 55.37 -0.04
C ASN B 203 -9.25 54.73 0.69
N LYS B 204 -8.54 53.84 0.01
CA LYS B 204 -7.30 53.27 0.52
C LYS B 204 -7.50 52.42 1.77
N HIS B 205 -8.64 51.75 1.85
CA HIS B 205 -8.86 50.73 2.87
C HIS B 205 -8.52 49.34 2.31
N MET B 206 -8.39 49.24 0.98
CA MET B 206 -7.88 48.03 0.31
C MET B 206 -7.05 48.39 -0.91
N ASN B 207 -6.34 47.38 -1.39
CA ASN B 207 -5.41 47.54 -2.48
C ASN B 207 -5.80 46.64 -3.63
N ALA B 208 -5.98 47.22 -4.81
CA ALA B 208 -6.42 46.50 -6.00
C ALA B 208 -5.54 45.29 -6.33
N ASP B 209 -4.24 45.41 -6.03
CA ASP B 209 -3.25 44.36 -6.27
C ASP B 209 -3.43 43.10 -5.43
N THR B 210 -4.13 43.21 -4.31
CA THR B 210 -4.16 42.16 -3.29
C THR B 210 -4.66 40.83 -3.84
N ASP B 211 -3.85 39.78 -3.65
CA ASP B 211 -4.21 38.46 -4.14
C ASP B 211 -4.23 37.44 -3.01
N TYR B 212 -4.38 36.16 -3.37
CA TYR B 212 -4.46 35.11 -2.39
C TYR B 212 -3.26 35.06 -1.44
N SER B 213 -2.04 35.13 -1.96
CA SER B 213 -0.88 34.96 -1.07
C SER B 213 -0.71 36.18 -0.20
N ILE B 214 -0.97 37.36 -0.78
CA ILE B 214 -0.72 38.60 -0.07
C ILE B 214 -1.65 38.61 1.13
N ALA B 215 -2.93 38.37 0.88
CA ALA B 215 -3.94 38.33 1.93
C ALA B 215 -3.64 37.28 3.01
N GLU B 216 -3.29 36.07 2.58
CA GLU B 216 -3.03 35.00 3.51
C GLU B 216 -1.83 35.31 4.40
N ALA B 217 -0.75 35.81 3.79
CA ALA B 217 0.45 36.12 4.51
C ALA B 217 0.22 37.28 5.48
N ALA B 218 -0.60 38.24 5.05
CA ALA B 218 -0.86 39.43 5.87
C ALA B 218 -1.70 39.04 7.08
N PHE B 219 -2.72 38.21 6.86
CA PHE B 219 -3.54 37.76 7.95
C PHE B 219 -2.78 36.87 8.90
N ASN B 220 -2.00 35.93 8.37
CA ASN B 220 -1.32 34.95 9.22
C ASN B 220 -0.14 35.53 9.99
N LYS B 221 0.24 36.74 9.60
CA LYS B 221 1.29 37.48 10.23
C LYS B 221 0.75 38.53 11.22
N GLY B 222 -0.57 38.53 11.43
CA GLY B 222 -1.18 39.50 12.32
C GLY B 222 -1.15 40.94 11.85
N GLU B 223 -1.11 41.16 10.55
CA GLU B 223 -0.99 42.52 9.99
C GLU B 223 -2.34 43.13 9.60
N THR B 224 -3.27 42.24 9.29
CA THR B 224 -4.63 42.62 8.97
C THR B 224 -5.58 41.92 9.95
N ALA B 225 -6.68 42.58 10.28
CA ALA B 225 -7.56 42.09 11.34
C ALA B 225 -8.53 41.02 10.82
N MET B 226 -8.87 41.08 9.54
CA MET B 226 -9.85 40.18 8.97
C MET B 226 -9.47 39.74 7.60
N THR B 227 -9.95 38.56 7.24
CA THR B 227 -9.83 38.05 5.88
C THR B 227 -11.10 37.31 5.49
N ILE B 228 -11.23 37.01 4.20
CA ILE B 228 -12.32 36.22 3.68
C ILE B 228 -11.73 35.03 2.96
N ASN B 229 -12.02 33.82 3.45
CA ASN B 229 -11.46 32.61 2.90
C ASN B 229 -12.29 31.40 3.26
N GLY B 230 -11.93 30.25 2.71
CA GLY B 230 -12.68 29.01 2.95
C GLY B 230 -12.00 28.08 3.94
N PRO B 231 -12.61 26.91 4.17
CA PRO B 231 -12.10 26.00 5.17
C PRO B 231 -10.65 25.58 4.96
N TRP B 232 -10.24 25.45 3.70
CA TRP B 232 -8.87 25.02 3.40
C TRP B 232 -7.80 25.93 4.00
N ALA B 233 -8.20 27.16 4.32
CA ALA B 233 -7.30 28.16 4.84
C ALA B 233 -7.01 28.07 6.33
N TRP B 234 -7.85 27.35 7.09
CA TRP B 234 -7.74 27.31 8.57
C TRP B 234 -6.44 26.67 9.07
N SER B 235 -5.97 25.67 8.34
CA SER B 235 -4.77 24.92 8.64
C SER B 235 -3.55 25.82 8.80
N ASN B 236 -3.33 26.70 7.82
CA ASN B 236 -2.19 27.62 7.90
C ASN B 236 -2.33 28.64 9.01
N ILE B 237 -3.56 29.03 9.34
CA ILE B 237 -3.80 29.92 10.47
C ILE B 237 -3.46 29.22 11.80
N ASP B 238 -3.83 27.94 11.92
CA ASP B 238 -3.48 27.12 13.10
C ASP B 238 -1.97 27.14 13.34
N THR B 239 -1.21 27.00 12.26
CA THR B 239 0.26 26.98 12.29
C THR B 239 0.80 28.33 12.69
N SER B 240 0.20 29.39 12.15
CA SER B 240 0.63 30.76 12.41
C SER B 240 0.34 31.22 13.83
N LYS B 241 -0.48 30.47 14.57
CA LYS B 241 -0.77 30.79 15.98
C LYS B 241 -1.52 32.09 16.24
N VAL B 242 -2.09 32.69 15.19
CA VAL B 242 -3.05 33.77 15.33
C VAL B 242 -4.31 33.20 15.96
N ASN B 243 -4.77 33.85 17.03
CA ASN B 243 -6.02 33.51 17.68
C ASN B 243 -7.20 33.96 16.82
N TYR B 244 -7.73 33.05 16.03
CA TYR B 244 -8.72 33.44 15.02
C TYR B 244 -10.12 32.90 15.27
N GLY B 245 -11.11 33.65 14.79
CA GLY B 245 -12.48 33.18 14.74
C GLY B 245 -12.98 33.08 13.29
N VAL B 246 -13.99 32.24 13.11
CA VAL B 246 -14.63 32.07 11.82
C VAL B 246 -16.09 32.36 12.06
N THR B 247 -16.60 33.35 11.34
CA THR B 247 -17.94 33.89 11.62
C THR B 247 -18.74 34.20 10.35
N VAL B 248 -19.99 34.60 10.56
CA VAL B 248 -20.89 35.02 9.50
C VAL B 248 -20.33 36.23 8.77
N LEU B 249 -20.45 36.22 7.45
CA LEU B 249 -20.03 37.33 6.60
C LEU B 249 -20.85 38.58 6.93
N PRO B 250 -20.26 39.78 6.79
CA PRO B 250 -20.97 40.97 7.17
C PRO B 250 -22.10 41.25 6.21
N THR B 251 -23.15 41.91 6.69
CA THR B 251 -24.27 42.32 5.83
C THR B 251 -23.93 43.51 4.95
N PHE B 252 -24.69 43.71 3.87
CA PHE B 252 -24.55 44.91 3.05
C PHE B 252 -25.95 45.48 2.79
N LYS B 253 -26.15 46.74 3.19
CA LYS B 253 -27.47 47.37 3.18
C LYS B 253 -28.49 46.50 3.88
N GLY B 254 -28.04 45.88 4.97
CA GLY B 254 -28.90 45.03 5.79
C GLY B 254 -29.04 43.60 5.31
N GLN B 255 -28.60 43.34 4.08
CA GLN B 255 -28.82 42.04 3.48
C GLN B 255 -27.60 41.17 3.71
N PRO B 256 -27.79 39.85 3.94
CA PRO B 256 -26.69 38.94 4.13
C PRO B 256 -25.81 38.91 2.91
N SER B 257 -24.51 38.67 3.08
CA SER B 257 -23.66 38.39 1.95
C SER B 257 -24.03 37.00 1.47
N LYS B 258 -23.95 36.78 0.16
CA LYS B 258 -24.47 35.56 -0.43
C LYS B 258 -23.39 34.80 -1.18
N PRO B 259 -22.56 34.02 -0.46
CA PRO B 259 -21.49 33.33 -1.12
C PRO B 259 -22.03 32.28 -2.08
N PHE B 260 -21.32 32.07 -3.19
CA PHE B 260 -21.61 30.97 -4.07
C PHE B 260 -21.05 29.70 -3.46
N VAL B 261 -21.93 28.79 -3.06
CA VAL B 261 -21.51 27.55 -2.42
C VAL B 261 -20.98 26.52 -3.44
N GLY B 262 -19.79 25.99 -3.17
CA GLY B 262 -19.20 24.95 -4.00
C GLY B 262 -19.29 23.57 -3.37
N VAL B 263 -19.36 22.53 -4.19
CA VAL B 263 -19.23 21.17 -3.73
C VAL B 263 -18.00 20.60 -4.40
N LEU B 264 -16.94 20.38 -3.61
CA LEU B 264 -15.70 19.79 -4.13
C LEU B 264 -16.04 18.38 -4.61
N SER B 265 -15.67 18.09 -5.85
CA SER B 265 -16.10 16.87 -6.49
C SER B 265 -14.95 16.15 -7.21
N ALA B 266 -15.10 14.85 -7.35
CA ALA B 266 -14.13 14.01 -8.04
C ALA B 266 -14.73 13.41 -9.29
N GLY B 267 -14.25 13.84 -10.45
CA GLY B 267 -14.74 13.35 -11.73
C GLY B 267 -13.74 12.40 -12.39
N ILE B 268 -14.25 11.36 -13.04
CA ILE B 268 -13.41 10.43 -13.77
C ILE B 268 -13.32 10.83 -15.24
N ASN B 269 -12.08 10.93 -15.74
CA ASN B 269 -11.80 11.25 -17.14
C ASN B 269 -12.40 10.21 -18.08
N ALA B 270 -13.19 10.66 -19.05
CA ALA B 270 -13.83 9.76 -20.00
C ALA B 270 -12.85 8.91 -20.78
N ALA B 271 -11.64 9.43 -20.99
CA ALA B 271 -10.61 8.78 -21.79
C ALA B 271 -9.70 7.89 -20.93
N SER B 272 -9.91 7.90 -19.62
CA SER B 272 -9.08 7.11 -18.73
C SER B 272 -9.32 5.60 -18.91
N PRO B 273 -8.23 4.81 -19.07
CA PRO B 273 -8.38 3.36 -19.16
C PRO B 273 -8.47 2.67 -17.78
N ASN B 274 -8.48 3.46 -16.72
CA ASN B 274 -8.48 2.94 -15.36
C ASN B 274 -9.72 3.30 -14.58
N LYS B 275 -10.87 3.32 -15.25
CA LYS B 275 -12.12 3.74 -14.63
C LYS B 275 -12.51 2.92 -13.41
N GLU B 276 -12.33 1.60 -13.47
CA GLU B 276 -12.63 0.72 -12.35
C GLU B 276 -11.77 1.02 -11.13
N LEU B 277 -10.48 1.23 -11.38
CA LEU B 277 -9.53 1.58 -10.33
C LEU B 277 -9.93 2.89 -9.66
N ALA B 278 -10.26 3.88 -10.48
CA ALA B 278 -10.71 5.19 -10.00
C ALA B 278 -11.93 5.09 -9.09
N LYS B 279 -12.90 4.28 -9.52
CA LYS B 279 -14.12 4.02 -8.77
C LYS B 279 -13.80 3.35 -7.44
N GLU B 280 -12.96 2.32 -7.48
CA GLU B 280 -12.53 1.67 -6.25
C GLU B 280 -11.91 2.66 -5.30
N PHE B 281 -10.99 3.46 -5.82
CA PHE B 281 -10.25 4.41 -5.02
C PHE B 281 -11.19 5.40 -4.37
N LEU B 282 -12.11 5.93 -5.15
CA LEU B 282 -12.99 6.97 -4.64
C LEU B 282 -14.00 6.43 -3.64
N GLU B 283 -14.59 5.29 -3.96
CA GLU B 283 -15.65 4.72 -3.15
C GLU B 283 -15.14 4.00 -1.92
N ASN B 284 -14.07 3.22 -2.07
CA ASN B 284 -13.62 2.35 -0.98
C ASN B 284 -12.48 2.90 -0.16
N TYR B 285 -11.83 3.95 -0.63
CA TYR B 285 -10.68 4.51 0.07
C TYR B 285 -10.87 5.97 0.51
N LEU B 286 -11.23 6.85 -0.42
CA LEU B 286 -11.44 8.27 -0.09
C LEU B 286 -12.73 8.58 0.65
N LEU B 287 -13.87 8.17 0.09
CA LEU B 287 -15.17 8.40 0.75
C LEU B 287 -15.41 7.45 1.94
N THR B 288 -14.44 7.44 2.85
CA THR B 288 -14.52 6.72 4.09
C THR B 288 -14.10 7.71 5.15
N ASP B 289 -14.42 7.40 6.41
CA ASP B 289 -14.00 8.28 7.47
C ASP B 289 -12.50 8.48 7.45
N GLU B 290 -11.75 7.38 7.34
CA GLU B 290 -10.29 7.45 7.27
C GLU B 290 -9.77 8.25 6.08
N GLY B 291 -10.41 8.04 4.93
CA GLY B 291 -9.99 8.70 3.70
C GLY B 291 -10.17 10.20 3.84
N LEU B 292 -11.35 10.60 4.30
CA LEU B 292 -11.66 12.00 4.43
C LEU B 292 -10.83 12.62 5.52
N GLU B 293 -10.70 11.93 6.65
CA GLU B 293 -9.93 12.43 7.79
C GLU B 293 -8.48 12.70 7.40
N ALA B 294 -7.91 11.83 6.58
CA ALA B 294 -6.55 12.03 6.11
C ALA B 294 -6.39 13.35 5.35
N VAL B 295 -7.36 13.69 4.52
CA VAL B 295 -7.29 14.91 3.71
C VAL B 295 -7.63 16.12 4.57
N ASN B 296 -8.65 15.97 5.42
CA ASN B 296 -9.12 17.03 6.31
C ASN B 296 -8.05 17.48 7.31
N LYS B 297 -7.21 16.54 7.73
CA LYS B 297 -6.10 16.85 8.64
C LYS B 297 -4.98 17.59 7.95
N ASP B 298 -4.96 17.55 6.62
CA ASP B 298 -4.00 18.31 5.86
C ASP B 298 -4.56 19.72 5.64
N LYS B 299 -5.66 19.84 4.88
CA LYS B 299 -6.42 21.08 4.80
C LYS B 299 -7.90 20.76 4.98
N PRO B 300 -8.58 21.45 5.92
CA PRO B 300 -9.98 21.15 6.17
C PRO B 300 -10.83 21.24 4.89
N LEU B 301 -11.71 20.26 4.73
CA LEU B 301 -12.56 20.16 3.58
C LEU B 301 -13.79 21.05 3.64
N GLY B 302 -14.28 21.34 4.85
CA GLY B 302 -15.57 21.99 5.03
C GLY B 302 -16.56 20.96 5.53
N ALA B 303 -17.82 21.07 5.12
CA ALA B 303 -18.83 20.10 5.52
C ALA B 303 -18.83 18.94 4.54
N VAL B 304 -18.34 17.78 4.96
CA VAL B 304 -18.10 16.71 4.01
C VAL B 304 -19.41 16.12 3.53
N ALA B 305 -19.40 15.51 2.35
CA ALA B 305 -20.58 14.89 1.75
C ALA B 305 -20.95 13.57 2.41
N LEU B 306 -19.99 12.97 3.11
CA LEU B 306 -20.19 11.67 3.72
C LEU B 306 -20.90 11.85 5.06
N LYS B 307 -22.15 11.37 5.12
CA LYS B 307 -23.01 11.44 6.31
C LYS B 307 -22.30 11.14 7.63
N SER B 308 -21.63 9.99 7.71
CA SER B 308 -21.07 9.51 8.97
C SER B 308 -19.92 10.35 9.53
N TYR B 309 -19.14 10.96 8.64
CA TYR B 309 -18.03 11.82 9.06
C TYR B 309 -18.49 13.26 9.33
N GLU B 310 -19.48 13.72 8.60
CA GLU B 310 -20.01 15.05 8.78
C GLU B 310 -20.66 15.20 10.14
N GLU B 311 -21.16 14.09 10.67
CA GLU B 311 -21.78 14.09 11.99
C GLU B 311 -20.78 14.39 13.12
N GLU B 312 -19.50 14.28 12.81
CA GLU B 312 -18.44 14.60 13.76
C GLU B 312 -17.94 16.03 13.54
N LEU B 313 -17.78 16.42 12.27
CA LEU B 313 -17.34 17.76 11.97
C LEU B 313 -18.40 18.82 12.26
N ALA B 314 -19.67 18.43 12.24
CA ALA B 314 -20.78 19.39 12.46
C ALA B 314 -20.65 20.17 13.78
N LYS B 315 -20.05 19.50 14.79
CA LYS B 315 -19.73 20.07 16.11
C LYS B 315 -18.92 21.35 16.05
N ASP B 316 -17.86 21.33 15.25
CA ASP B 316 -16.92 22.45 15.08
C ASP B 316 -17.65 23.76 14.71
N PRO B 317 -17.60 24.77 15.60
CA PRO B 317 -18.24 26.05 15.29
C PRO B 317 -17.75 26.70 14.00
N ARG B 318 -16.55 26.35 13.55
CA ARG B 318 -16.04 26.83 12.26
C ARG B 318 -16.86 26.21 11.12
N ILE B 319 -17.21 24.93 11.27
CA ILE B 319 -18.06 24.26 10.29
C ILE B 319 -19.48 24.83 10.38
N ALA B 320 -19.94 25.11 11.60
CA ALA B 320 -21.25 25.75 11.81
C ALA B 320 -21.33 27.08 11.06
N ALA B 321 -20.27 27.90 11.17
CA ALA B 321 -20.18 29.19 10.47
C ALA B 321 -20.16 29.01 8.93
N THR B 322 -19.41 28.01 8.48
CA THR B 322 -19.35 27.64 7.09
C THR B 322 -20.76 27.40 6.55
N MET B 323 -21.55 26.63 7.29
CA MET B 323 -22.90 26.21 6.85
C MET B 323 -23.93 27.33 6.96
N GLU B 324 -23.77 28.20 7.96
CA GLU B 324 -24.60 29.40 8.04
C GLU B 324 -24.36 30.34 6.85
N ASN B 325 -23.10 30.59 6.52
CA ASN B 325 -22.83 31.35 5.32
C ASN B 325 -23.35 30.64 4.09
N ALA B 326 -23.19 29.31 4.05
CA ALA B 326 -23.70 28.50 2.95
C ALA B 326 -25.21 28.65 2.76
N GLN B 327 -25.93 28.75 3.86
CA GLN B 327 -27.36 28.83 3.80
C GLN B 327 -27.84 30.19 3.31
N LYS B 328 -27.08 31.22 3.60
CA LYS B 328 -27.44 32.59 3.17
C LYS B 328 -27.03 32.81 1.73
N GLY B 329 -26.12 31.97 1.25
CA GLY B 329 -25.78 31.97 -0.15
C GLY B 329 -26.63 30.97 -0.91
N GLU B 330 -26.01 30.37 -1.92
CA GLU B 330 -26.76 29.68 -2.94
C GLU B 330 -25.82 28.67 -3.58
N ILE B 331 -26.32 27.48 -3.86
CA ILE B 331 -25.47 26.53 -4.56
C ILE B 331 -25.19 27.03 -5.99
N MET B 332 -23.96 26.88 -6.44
CA MET B 332 -23.61 27.25 -7.79
C MET B 332 -24.34 26.39 -8.83
N PRO B 333 -24.81 27.01 -9.93
CA PRO B 333 -25.23 26.25 -11.09
C PRO B 333 -24.06 25.42 -11.61
N ASN B 334 -24.34 24.34 -12.31
CA ASN B 334 -23.26 23.55 -12.94
C ASN B 334 -23.32 23.60 -14.47
N ILE B 335 -24.14 24.50 -14.99
CA ILE B 335 -24.36 24.61 -16.41
C ILE B 335 -23.07 25.07 -17.12
N PRO B 336 -22.92 24.74 -18.42
CA PRO B 336 -21.67 25.05 -19.10
C PRO B 336 -21.39 26.53 -19.22
N GLN B 337 -22.40 27.35 -18.99
CA GLN B 337 -22.29 28.80 -19.15
C GLN B 337 -21.62 29.44 -17.97
N MET B 338 -21.38 28.66 -16.91
CA MET B 338 -20.70 29.15 -15.72
C MET B 338 -19.28 29.63 -16.03
N SER B 339 -18.68 29.02 -17.02
CA SER B 339 -17.33 29.31 -17.40
C SER B 339 -17.25 30.74 -17.95
N ALA B 340 -18.20 31.11 -18.80
CA ALA B 340 -18.25 32.43 -19.40
C ALA B 340 -18.67 33.47 -18.34
N PHE B 341 -19.54 33.05 -17.43
CA PHE B 341 -19.98 33.91 -16.33
C PHE B 341 -18.82 34.36 -15.46
N TRP B 342 -18.02 33.40 -14.98
CA TRP B 342 -16.88 33.70 -14.13
C TRP B 342 -15.83 34.59 -14.80
N TYR B 343 -15.51 34.29 -16.05
CA TYR B 343 -14.57 35.09 -16.82
C TYR B 343 -15.04 36.55 -16.98
N ALA B 344 -16.34 36.74 -17.21
CA ALA B 344 -16.92 38.07 -17.31
C ALA B 344 -16.84 38.85 -16.00
N VAL B 345 -17.15 38.19 -14.89
CA VAL B 345 -17.15 38.81 -13.55
C VAL B 345 -15.71 39.05 -13.04
N ARG B 346 -14.80 38.15 -13.37
CA ARG B 346 -13.35 38.37 -13.14
C ARG B 346 -12.87 39.68 -13.77
N THR B 347 -13.18 39.86 -15.04
CA THR B 347 -12.77 41.04 -15.76
C THR B 347 -13.43 42.29 -15.20
N ALA B 348 -14.70 42.17 -14.80
CA ALA B 348 -15.45 43.34 -14.32
C ALA B 348 -14.84 43.84 -13.02
N VAL B 349 -14.58 42.91 -12.11
CA VAL B 349 -14.01 43.25 -10.82
C VAL B 349 -12.60 43.81 -10.95
N ILE B 350 -11.73 43.14 -11.68
CA ILE B 350 -10.41 43.68 -11.93
C ILE B 350 -10.45 45.09 -12.55
N ASN B 351 -11.17 45.26 -13.65
CA ASN B 351 -11.25 46.58 -14.33
C ASN B 351 -11.82 47.69 -13.46
N ALA B 352 -12.83 47.38 -12.64
CA ALA B 352 -13.46 48.39 -11.80
C ALA B 352 -12.55 48.73 -10.65
N ALA B 353 -11.92 47.71 -10.09
CA ALA B 353 -10.95 47.90 -9.01
C ALA B 353 -9.71 48.70 -9.42
N SER B 354 -9.22 48.50 -10.64
CA SER B 354 -8.01 49.16 -11.07
C SER B 354 -8.32 50.55 -11.59
N GLY B 355 -9.60 50.80 -11.81
CA GLY B 355 -10.05 52.09 -12.32
C GLY B 355 -9.96 52.17 -13.83
N ARG B 356 -9.73 51.04 -14.49
CA ARG B 356 -9.74 50.99 -15.96
C ARG B 356 -11.11 51.31 -16.51
N GLN B 357 -12.15 50.83 -15.81
CA GLN B 357 -13.53 51.14 -16.14
C GLN B 357 -14.24 51.58 -14.89
N THR B 358 -15.29 52.38 -15.06
CA THR B 358 -16.21 52.65 -13.96
C THR B 358 -16.95 51.36 -13.63
N VAL B 359 -17.55 51.31 -12.45
CA VAL B 359 -18.40 50.19 -12.08
C VAL B 359 -19.47 49.94 -13.17
N ASP B 360 -20.19 50.99 -13.58
CA ASP B 360 -21.21 50.87 -14.62
C ASP B 360 -20.68 50.23 -15.91
N GLU B 361 -19.53 50.69 -16.39
CA GLU B 361 -18.97 50.22 -17.66
C GLU B 361 -18.57 48.77 -17.54
N ALA B 362 -17.88 48.45 -16.46
CA ALA B 362 -17.40 47.09 -16.19
C ALA B 362 -18.54 46.05 -16.17
N LEU B 363 -19.59 46.35 -15.42
CA LEU B 363 -20.70 45.43 -15.26
C LEU B 363 -21.57 45.38 -16.52
N LYS B 364 -21.61 46.47 -17.29
CA LYS B 364 -22.30 46.44 -18.55
C LYS B 364 -21.63 45.42 -19.48
N ASP B 365 -20.31 45.49 -19.57
CA ASP B 365 -19.54 44.52 -20.37
C ASP B 365 -19.72 43.10 -19.83
N ALA B 366 -19.82 42.97 -18.51
CA ALA B 366 -20.06 41.67 -17.95
C ALA B 366 -21.41 41.15 -18.44
N GLN B 367 -22.39 42.04 -18.48
CA GLN B 367 -23.73 41.70 -18.96
C GLN B 367 -23.77 41.33 -20.44
N THR B 368 -23.09 42.13 -21.28
CA THR B 368 -22.89 41.86 -22.72
C THR B 368 -22.10 40.59 -22.98
N ASN B 369 -21.28 40.16 -22.03
CA ASN B 369 -20.28 39.11 -22.29
C ASN B 369 -19.16 39.55 -23.26
N ALA B 370 -18.90 40.86 -23.28
CA ALA B 370 -17.93 41.52 -24.15
C ALA B 370 -16.45 41.07 -24.00
N ALA B 371 -16.00 40.79 -22.79
CA ALA B 371 -14.64 40.31 -22.61
C ALA B 371 -14.42 38.92 -23.27
N ALA B 372 -15.27 37.95 -22.95
CA ALA B 372 -15.16 36.63 -23.58
C ALA B 372 -15.28 36.76 -25.09
N GLU B 373 -16.25 37.53 -25.56
CA GLU B 373 -16.45 37.67 -27.01
C GLU B 373 -15.21 38.20 -27.72
N PHE B 374 -14.58 39.25 -27.18
CA PHE B 374 -13.32 39.74 -27.74
C PHE B 374 -12.20 38.68 -27.68
N ALA B 375 -12.05 38.00 -26.54
CA ALA B 375 -11.03 36.97 -26.41
C ALA B 375 -11.25 35.95 -27.50
N ALA B 376 -12.51 35.77 -27.81
CA ALA B 376 -12.92 34.76 -28.76
C ALA B 376 -12.71 35.21 -30.21
N LEU B 377 -12.85 36.52 -30.45
CA LEU B 377 -12.61 37.10 -31.75
C LEU B 377 -11.15 36.92 -32.14
N LEU B 378 -10.23 37.41 -31.31
CA LEU B 378 -8.82 37.26 -31.59
C LEU B 378 -8.46 35.81 -31.76
N HIS B 379 -8.97 34.99 -30.86
CA HIS B 379 -8.65 33.59 -30.85
C HIS B 379 -9.02 32.90 -32.18
N SER B 380 -10.23 33.16 -32.68
CA SER B 380 -10.69 32.50 -33.90
C SER B 380 -9.96 33.00 -35.17
N LEU B 381 -9.43 34.21 -35.12
CA LEU B 381 -8.50 34.69 -36.15
C LEU B 381 -7.21 33.89 -36.13
N LEU B 382 -6.61 33.72 -34.95
CA LEU B 382 -5.39 32.91 -34.81
C LEU B 382 -5.62 31.45 -35.17
N GLU B 383 -6.83 30.97 -34.93
CA GLU B 383 -7.22 29.62 -35.27
C GLU B 383 -7.30 29.51 -36.78
N ALA B 384 -7.96 30.48 -37.40
CA ALA B 384 -8.13 30.49 -38.84
C ALA B 384 -6.76 30.51 -39.50
N ASN B 385 -5.88 31.38 -38.98
CA ASN B 385 -4.54 31.57 -39.55
C ASN B 385 -3.66 30.35 -39.48
N CYS B 386 -3.75 29.64 -38.36
CA CYS B 386 -2.95 28.45 -38.19
C CYS B 386 -3.50 27.31 -39.05
N SER B 387 -4.81 27.30 -39.28
CA SER B 387 -5.40 26.30 -40.16
C SER B 387 -4.99 26.53 -41.60
N LEU B 388 -4.88 27.80 -41.98
CA LEU B 388 -4.38 28.18 -43.28
C LEU B 388 -2.94 27.78 -43.50
N ALA B 389 -2.07 28.10 -42.54
CA ALA B 389 -0.70 27.63 -42.58
C ALA B 389 -0.66 26.11 -42.83
N LEU B 390 -1.55 25.36 -42.17
CA LEU B 390 -1.64 23.93 -42.37
C LEU B 390 -2.07 23.60 -43.78
N ALA B 391 -3.11 24.25 -44.26
CA ALA B 391 -3.57 24.05 -45.61
C ALA B 391 -2.42 24.17 -46.61
N GLU B 392 -1.66 25.26 -46.51
CA GLU B 392 -0.52 25.54 -47.40
C GLU B 392 0.57 24.46 -47.35
N GLU B 393 0.93 24.04 -46.14
CA GLU B 393 1.86 22.94 -45.99
C GLU B 393 1.36 21.69 -46.70
N LEU B 394 0.14 21.30 -46.42
CA LEU B 394 -0.42 20.10 -47.00
C LEU B 394 -0.50 20.18 -48.52
N LEU B 395 -0.92 21.31 -49.06
CA LEU B 395 -1.03 21.50 -50.51
C LEU B 395 0.28 21.31 -51.22
N LEU B 396 1.30 22.06 -50.77
CA LEU B 396 2.67 21.96 -51.28
C LEU B 396 3.25 20.56 -51.13
N ASP B 397 3.10 19.99 -49.95
CA ASP B 397 3.52 18.62 -49.68
C ASP B 397 2.97 17.60 -50.70
N GLY B 398 1.65 17.60 -50.86
CA GLY B 398 0.98 16.64 -51.72
C GLY B 398 0.98 16.95 -53.20
N TRP B 399 0.71 18.18 -53.58
CA TRP B 399 0.55 18.44 -55.00
C TRP B 399 1.61 19.37 -55.58
N GLY B 400 2.55 19.80 -54.73
CA GLY B 400 3.64 20.67 -55.15
C GLY B 400 4.69 19.88 -55.86
N PRO B 401 5.75 20.54 -56.36
CA PRO B 401 6.84 19.87 -57.06
C PRO B 401 7.55 18.86 -56.17
N PRO B 402 7.95 17.70 -56.76
CA PRO B 402 8.64 16.61 -56.07
C PRO B 402 9.62 17.08 -55.00
N LEU B 403 9.43 16.60 -53.78
CA LEU B 403 10.21 17.02 -52.62
C LEU B 403 11.65 16.49 -52.72
N ASP B 404 12.48 16.83 -51.74
CA ASP B 404 13.87 16.38 -51.71
C ASP B 404 13.94 14.87 -51.40
N PRO B 405 14.59 14.07 -52.28
CA PRO B 405 14.80 12.65 -51.93
C PRO B 405 15.51 12.49 -50.59
N GLU B 406 16.70 13.11 -50.44
CA GLU B 406 17.57 13.03 -49.23
C GLU B 406 17.13 13.84 -47.98
N GLY B 407 16.38 14.92 -48.18
CA GLY B 407 15.81 15.71 -47.07
C GLY B 407 14.83 14.89 -46.26
N PRO B 408 14.63 15.25 -44.97
CA PRO B 408 13.93 14.40 -43.98
C PRO B 408 12.51 13.99 -44.39
N TYR B 409 11.90 13.07 -43.65
CA TYR B 409 10.65 12.48 -44.11
C TYR B 409 9.43 12.82 -43.24
N SER B 410 9.62 12.74 -41.93
CA SER B 410 8.58 12.92 -40.92
C SER B 410 8.69 14.25 -40.16
N TYR B 411 7.61 15.03 -40.21
CA TYR B 411 7.57 16.36 -39.63
C TYR B 411 6.63 16.41 -38.45
N CYS B 412 6.83 17.41 -37.61
CA CYS B 412 5.81 17.81 -36.65
C CYS B 412 4.92 18.77 -37.43
N ASN B 413 3.62 18.53 -37.34
CA ASN B 413 2.65 19.29 -38.12
C ASN B 413 2.35 20.63 -37.49
N THR B 414 1.97 21.59 -38.34
CA THR B 414 1.56 22.92 -37.90
C THR B 414 0.48 22.81 -36.82
N THR B 415 0.71 23.43 -35.66
CA THR B 415 -0.29 23.55 -34.60
C THR B 415 -0.27 24.91 -33.96
N LEU B 416 -1.37 25.21 -33.26
CA LEU B 416 -1.49 26.40 -32.47
C LEU B 416 -1.61 25.98 -31.01
N ASP B 417 -0.70 26.50 -30.17
CA ASP B 417 -0.78 26.22 -28.76
C ASP B 417 -1.79 27.15 -28.10
N GLN B 418 -2.03 26.95 -26.81
CA GLN B 418 -3.08 27.68 -26.07
C GLN B 418 -2.71 29.13 -25.73
N ILE B 419 -1.50 29.53 -26.09
CA ILE B 419 -1.07 30.93 -25.98
C ILE B 419 -1.38 31.70 -27.28
N GLY B 420 -1.54 30.97 -28.38
CA GLY B 420 -1.80 31.58 -29.67
C GLY B 420 -0.62 31.60 -30.63
N THR B 421 0.45 30.90 -30.29
CA THR B 421 1.59 30.80 -31.18
C THR B 421 1.33 29.68 -32.18
N CYS B 422 1.54 29.97 -33.46
CA CYS B 422 1.41 28.95 -34.49
C CYS B 422 2.79 28.39 -34.82
N TRP B 423 3.01 27.15 -34.40
CA TRP B 423 4.25 26.43 -34.63
C TRP B 423 4.20 25.84 -36.02
N PRO B 424 5.12 26.26 -36.90
CA PRO B 424 5.07 25.80 -38.29
C PRO B 424 5.51 24.35 -38.44
N ARG B 425 5.21 23.77 -39.60
CA ARG B 425 5.66 22.42 -39.91
C ARG B 425 7.19 22.36 -39.78
N SER B 426 7.69 21.36 -39.06
CA SER B 426 9.11 21.32 -38.73
C SER B 426 9.66 19.91 -38.75
N ALA B 427 10.94 19.79 -39.09
CA ALA B 427 11.58 18.49 -39.20
C ALA B 427 11.78 17.85 -37.83
N ALA B 428 11.62 16.53 -37.75
CA ALA B 428 11.93 15.79 -36.53
C ALA B 428 13.34 16.11 -36.03
N GLY B 429 13.45 16.48 -34.76
CA GLY B 429 14.74 16.82 -34.16
C GLY B 429 15.04 18.31 -34.09
N ALA B 430 14.16 19.12 -34.68
CA ALA B 430 14.39 20.56 -34.78
C ALA B 430 13.90 21.32 -33.56
N LEU B 431 14.72 22.28 -33.11
CA LEU B 431 14.30 23.24 -32.10
C LEU B 431 13.83 24.52 -32.79
N VAL B 432 12.53 24.79 -32.68
CA VAL B 432 11.89 25.86 -33.44
C VAL B 432 11.69 27.11 -32.58
N GLU B 433 12.03 28.27 -33.14
CA GLU B 433 11.76 29.56 -32.51
C GLU B 433 10.57 30.27 -33.14
N ARG B 434 9.75 30.92 -32.33
CA ARG B 434 8.74 31.85 -32.82
C ARG B 434 8.82 33.09 -31.98
N PRO B 435 8.50 34.26 -32.56
CA PRO B 435 8.51 35.47 -31.74
C PRO B 435 7.42 35.36 -30.66
N CYS B 436 7.67 35.95 -29.50
CA CYS B 436 6.72 35.92 -28.39
C CYS B 436 5.43 36.57 -28.83
N PRO B 437 4.27 36.06 -28.34
CA PRO B 437 3.01 36.59 -28.83
C PRO B 437 2.90 38.06 -28.43
N GLU B 438 2.21 38.83 -29.25
CA GLU B 438 2.12 40.28 -29.04
C GLU B 438 1.13 40.59 -27.92
N TYR B 439 0.17 39.71 -27.75
CA TYR B 439 -0.90 39.89 -26.79
C TYR B 439 -1.25 38.56 -26.17
N PHE B 440 -1.36 38.52 -24.85
CA PHE B 440 -1.85 37.35 -24.15
C PHE B 440 -2.49 37.73 -22.83
N ASN B 441 -3.77 37.36 -22.70
CA ASN B 441 -4.55 37.66 -21.50
C ASN B 441 -4.44 39.12 -21.07
N GLY B 442 -4.84 40.02 -21.97
CA GLY B 442 -4.89 41.47 -21.68
C GLY B 442 -3.52 42.11 -21.41
N VAL B 443 -2.46 41.38 -21.75
CA VAL B 443 -1.10 41.83 -21.53
C VAL B 443 -0.30 41.77 -22.83
N LYS B 444 0.44 42.84 -23.11
CA LYS B 444 1.29 42.92 -24.29
C LYS B 444 2.72 42.52 -23.94
N TYR B 445 3.37 41.83 -24.88
CA TYR B 445 4.73 41.34 -24.67
C TYR B 445 5.70 41.90 -25.70
N ASN B 446 6.99 41.75 -25.42
CA ASN B 446 8.05 42.19 -26.32
C ASN B 446 8.31 41.13 -27.40
N THR B 447 7.82 41.40 -28.62
CA THR B 447 7.88 40.45 -29.75
C THR B 447 9.29 40.18 -30.32
N THR B 448 10.27 41.01 -29.94
CA THR B 448 11.64 40.79 -30.39
C THR B 448 12.36 39.67 -29.62
N ARG B 449 11.65 39.09 -28.65
CA ARG B 449 12.13 37.91 -27.90
C ARG B 449 11.42 36.71 -28.48
N ASN B 450 12.01 35.52 -28.33
CA ASN B 450 11.46 34.29 -28.89
C ASN B 450 10.95 33.28 -27.87
N ALA B 451 9.99 32.48 -28.30
CA ALA B 451 9.57 31.29 -27.59
C ALA B 451 10.21 30.11 -28.29
N TYR B 452 10.31 28.98 -27.59
CA TYR B 452 11.05 27.85 -28.11
C TYR B 452 10.29 26.55 -27.93
N ARG B 453 10.25 25.75 -28.97
CA ARG B 453 9.62 24.44 -28.87
C ARG B 453 10.33 23.41 -29.71
N GLU B 454 10.45 22.21 -29.14
CA GLU B 454 11.15 21.13 -29.79
C GLU B 454 10.20 20.20 -30.55
N CYS B 455 10.58 19.91 -31.79
CA CYS B 455 9.97 18.84 -32.54
C CYS B 455 10.81 17.59 -32.28
N LEU B 456 10.22 16.60 -31.60
CA LEU B 456 10.96 15.42 -31.20
C LEU B 456 11.34 14.55 -32.38
N GLU B 457 12.34 13.69 -32.17
CA GLU B 457 12.91 12.83 -33.23
C GLU B 457 11.87 11.88 -33.84
N ASN B 458 10.77 11.70 -33.11
CA ASN B 458 9.70 10.82 -33.53
C ASN B 458 8.60 11.53 -34.35
N GLY B 459 8.80 12.81 -34.63
CA GLY B 459 7.85 13.57 -35.43
C GLY B 459 6.67 14.09 -34.64
N THR B 460 6.78 14.07 -33.30
CA THR B 460 5.78 14.71 -32.43
C THR B 460 6.36 15.94 -31.72
N TRP B 461 5.49 16.91 -31.45
CA TRP B 461 5.88 18.09 -30.68
C TRP B 461 6.14 17.74 -29.21
N ALA B 462 7.18 18.31 -28.63
CA ALA B 462 7.35 18.30 -27.18
C ALA B 462 6.09 18.92 -26.57
N SER B 463 5.70 18.41 -25.41
CA SER B 463 4.51 18.92 -24.73
C SER B 463 4.82 20.24 -24.03
N LYS B 464 6.06 20.42 -23.61
CA LYS B 464 6.45 21.65 -22.94
C LYS B 464 6.97 22.68 -23.93
N ILE B 465 6.46 23.89 -23.78
CA ILE B 465 6.87 25.01 -24.62
C ILE B 465 7.55 26.09 -23.77
N ASN B 466 8.75 26.47 -24.18
CA ASN B 466 9.57 27.44 -23.45
C ASN B 466 9.18 28.89 -23.72
N TYR B 467 8.44 29.48 -22.78
CA TYR B 467 8.04 30.86 -22.89
C TYR B 467 8.80 31.78 -21.94
N SER B 468 9.86 31.25 -21.35
CA SER B 468 10.62 31.93 -20.29
C SER B 468 11.18 33.31 -20.67
N GLN B 469 11.36 33.56 -21.96
CA GLN B 469 11.98 34.80 -22.43
C GLN B 469 10.98 35.90 -22.78
N CYS B 470 9.69 35.59 -22.70
CA CYS B 470 8.63 36.55 -23.06
C CYS B 470 8.24 37.48 -21.91
N GLU B 471 8.70 38.72 -22.00
CA GLU B 471 8.43 39.73 -20.99
C GLU B 471 7.35 40.67 -21.47
N PRO B 472 6.56 41.23 -20.52
CA PRO B 472 5.58 42.27 -20.86
C PRO B 472 6.20 43.65 -20.81
N ILE B 473 6.13 44.43 -21.88
CA ILE B 473 6.66 45.81 -21.79
C ILE B 473 5.58 46.91 -21.85
N LEU B 474 5.64 47.81 -20.86
CA LEU B 474 4.91 49.08 -20.81
C LEU B 474 5.91 50.23 -20.78
N LYS C 3 -23.83 1.65 31.14
CA LYS C 3 -24.16 2.30 29.84
C LYS C 3 -23.89 3.82 29.85
N ILE C 4 -22.81 4.22 29.18
CA ILE C 4 -22.46 5.63 29.08
C ILE C 4 -23.32 6.31 27.99
N GLU C 5 -23.76 7.52 28.29
CA GLU C 5 -24.60 8.31 27.39
C GLU C 5 -23.85 8.78 26.14
N GLU C 6 -24.46 8.59 24.98
CA GLU C 6 -23.87 9.05 23.72
C GLU C 6 -24.21 10.53 23.50
N GLY C 7 -23.22 11.32 23.10
CA GLY C 7 -23.42 12.75 22.82
C GLY C 7 -23.14 13.69 23.97
N LYS C 8 -22.43 13.20 24.99
CA LYS C 8 -21.98 14.04 26.10
C LYS C 8 -20.69 13.46 26.68
N LEU C 9 -20.05 14.21 27.57
CA LEU C 9 -18.84 13.73 28.24
C LEU C 9 -19.02 13.81 29.74
N VAL C 10 -18.80 12.70 30.43
CA VAL C 10 -18.75 12.68 31.88
C VAL C 10 -17.30 12.49 32.28
N ILE C 11 -16.80 13.39 33.15
CA ILE C 11 -15.41 13.37 33.58
C ILE C 11 -15.29 13.16 35.09
N TRP C 12 -14.39 12.26 35.48
CA TRP C 12 -14.06 12.03 36.88
C TRP C 12 -12.66 12.55 37.17
N ILE C 13 -12.55 13.35 38.23
CA ILE C 13 -11.26 13.80 38.75
C ILE C 13 -11.34 13.81 40.28
N ASN C 14 -10.19 13.79 40.95
CA ASN C 14 -10.14 13.73 42.41
C ASN C 14 -10.56 15.06 43.04
N GLY C 15 -11.31 14.96 44.14
CA GLY C 15 -11.84 16.14 44.84
C GLY C 15 -10.83 17.17 45.34
N ASP C 16 -9.55 16.79 45.39
CA ASP C 16 -8.48 17.70 45.81
C ASP C 16 -7.93 18.54 44.67
N LYS C 17 -8.27 18.18 43.44
CA LYS C 17 -7.78 18.90 42.26
C LYS C 17 -8.72 19.99 41.76
N GLY C 18 -8.28 20.73 40.75
CA GLY C 18 -9.02 21.90 40.25
C GLY C 18 -10.19 21.56 39.36
N TYR C 19 -11.21 20.92 39.93
CA TYR C 19 -12.35 20.46 39.15
C TYR C 19 -13.31 21.56 38.68
N ASN C 20 -13.40 22.68 39.41
CA ASN C 20 -14.17 23.83 38.96
C ASN C 20 -13.51 24.53 37.77
N GLY C 21 -12.18 24.61 37.80
CA GLY C 21 -11.41 25.04 36.65
C GLY C 21 -11.71 24.15 35.45
N LEU C 22 -11.71 22.83 35.67
CA LEU C 22 -12.00 21.87 34.61
C LEU C 22 -13.41 22.06 34.02
N ALA C 23 -14.39 22.25 34.89
CA ALA C 23 -15.76 22.53 34.47
C ALA C 23 -15.87 23.81 33.63
N GLU C 24 -14.97 24.78 33.88
CA GLU C 24 -14.87 25.99 33.03
C GLU C 24 -14.42 25.65 31.61
N VAL C 25 -13.38 24.81 31.50
CA VAL C 25 -12.91 24.33 30.20
C VAL C 25 -14.04 23.55 29.51
N GLY C 26 -14.77 22.76 30.31
CA GLY C 26 -15.95 22.03 29.84
C GLY C 26 -17.07 22.95 29.40
N LYS C 27 -17.16 24.13 30.02
CA LYS C 27 -18.14 25.13 29.62
C LYS C 27 -17.79 25.73 28.26
N LYS C 28 -16.50 25.93 28.00
CA LYS C 28 -16.03 26.46 26.73
C LYS C 28 -16.27 25.45 25.62
N PHE C 29 -16.12 24.18 25.97
CA PHE C 29 -16.35 23.09 25.02
C PHE C 29 -17.82 23.06 24.61
N GLU C 30 -18.70 23.24 25.59
CA GLU C 30 -20.14 23.21 25.39
C GLU C 30 -20.66 24.38 24.54
N LYS C 31 -20.14 25.58 24.79
CA LYS C 31 -20.45 26.74 23.97
C LYS C 31 -20.13 26.43 22.51
N ASP C 32 -18.92 25.92 22.31
CA ASP C 32 -18.40 25.67 20.96
C ASP C 32 -19.17 24.54 20.26
N THR C 33 -19.21 23.36 20.88
CA THR C 33 -19.72 22.15 20.22
C THR C 33 -21.17 21.78 20.55
N GLY C 34 -21.77 22.44 21.55
CA GLY C 34 -23.08 22.04 22.04
C GLY C 34 -23.08 20.75 22.85
N ILE C 35 -21.90 20.24 23.14
CA ILE C 35 -21.74 18.99 23.90
C ILE C 35 -21.56 19.24 25.39
N LYS C 36 -22.59 18.88 26.14
CA LYS C 36 -22.63 19.00 27.59
C LYS C 36 -21.50 18.19 28.24
N VAL C 37 -20.66 18.86 29.03
CA VAL C 37 -19.56 18.23 29.75
C VAL C 37 -19.86 18.30 31.25
N THR C 38 -19.99 17.14 31.89
CA THR C 38 -20.22 17.07 33.33
C THR C 38 -18.97 16.60 34.04
N VAL C 39 -18.52 17.37 35.03
CA VAL C 39 -17.36 17.00 35.83
C VAL C 39 -17.81 16.53 37.21
N GLU C 40 -17.42 15.31 37.59
CA GLU C 40 -17.74 14.76 38.90
C GLU C 40 -16.46 14.44 39.65
N HIS C 41 -16.58 14.36 40.97
CA HIS C 41 -15.47 14.01 41.87
C HIS C 41 -15.94 13.04 42.97
N PRO C 42 -16.14 11.74 42.61
CA PRO C 42 -16.54 10.73 43.58
C PRO C 42 -15.41 10.36 44.54
N ASP C 43 -15.79 9.90 45.74
CA ASP C 43 -14.83 9.37 46.70
C ASP C 43 -14.22 8.08 46.16
N LYS C 44 -12.93 7.87 46.42
CA LYS C 44 -12.30 6.59 46.11
C LYS C 44 -12.45 6.28 44.62
N LEU C 45 -12.26 7.30 43.79
CA LEU C 45 -12.57 7.18 42.38
C LEU C 45 -11.67 6.18 41.66
N GLU C 46 -10.42 6.09 42.10
CA GLU C 46 -9.44 5.14 41.51
C GLU C 46 -9.79 3.67 41.78
N GLU C 47 -10.72 3.43 42.71
CA GLU C 47 -11.21 2.10 43.00
C GLU C 47 -12.57 1.88 42.35
N LYS C 48 -13.38 2.94 42.29
CA LYS C 48 -14.71 2.84 41.66
C LYS C 48 -14.59 2.67 40.16
N PHE C 49 -13.64 3.39 39.55
CA PHE C 49 -13.47 3.32 38.10
C PHE C 49 -13.38 1.90 37.55
N PRO C 50 -12.43 1.08 38.05
CA PRO C 50 -12.31 -0.29 37.51
C PRO C 50 -13.51 -1.17 37.85
N GLN C 51 -14.24 -0.86 38.92
CA GLN C 51 -15.47 -1.57 39.27
C GLN C 51 -16.56 -1.30 38.23
N VAL C 52 -16.88 -0.04 38.00
CA VAL C 52 -17.97 0.35 37.10
C VAL C 52 -17.59 0.25 35.61
N ALA C 53 -16.35 0.60 35.26
CA ALA C 53 -15.86 0.49 33.87
C ALA C 53 -15.87 -0.96 33.39
N ALA C 54 -15.67 -1.89 34.34
CA ALA C 54 -15.70 -3.33 34.06
C ALA C 54 -17.01 -3.78 33.44
N THR C 55 -18.06 -2.95 33.56
CA THR C 55 -19.40 -3.31 33.09
C THR C 55 -19.90 -2.45 31.92
N GLY C 56 -19.00 -1.70 31.29
CA GLY C 56 -19.37 -0.77 30.21
C GLY C 56 -20.05 0.47 30.74
N ASP C 57 -19.58 0.94 31.89
CA ASP C 57 -20.21 2.04 32.61
C ASP C 57 -19.14 2.99 33.17
N GLY C 58 -19.55 4.13 33.73
CA GLY C 58 -18.62 5.08 34.32
C GLY C 58 -18.37 6.31 33.47
N PRO C 59 -17.27 7.04 33.74
CA PRO C 59 -16.98 8.27 33.03
C PRO C 59 -16.45 8.02 31.61
N ASP C 60 -16.57 9.03 30.76
CA ASP C 60 -15.96 9.00 29.44
C ASP C 60 -14.43 9.19 29.61
N ILE C 61 -14.06 10.06 30.54
CA ILE C 61 -12.65 10.36 30.77
C ILE C 61 -12.32 10.21 32.25
N ILE C 62 -11.14 9.69 32.54
CA ILE C 62 -10.71 9.57 33.93
C ILE C 62 -9.36 10.24 34.22
N PHE C 63 -9.32 10.98 35.32
CA PHE C 63 -8.12 11.66 35.77
C PHE C 63 -7.56 10.99 37.02
N TRP C 64 -6.27 10.63 36.94
CA TRP C 64 -5.53 10.15 38.08
C TRP C 64 -4.05 10.18 37.74
N ALA C 65 -3.20 10.03 38.76
CA ALA C 65 -1.78 9.84 38.51
C ALA C 65 -1.58 8.55 37.75
N HIS C 66 -0.56 8.52 36.91
CA HIS C 66 -0.34 7.44 35.97
C HIS C 66 -0.18 6.04 36.55
N ASP C 67 0.20 5.95 37.82
CA ASP C 67 0.52 4.65 38.42
C ASP C 67 -0.61 3.64 38.34
N ARG C 68 -1.86 4.08 38.36
CA ARG C 68 -3.00 3.16 38.30
C ARG C 68 -3.38 2.74 36.88
N PHE C 69 -2.87 3.49 35.90
CA PHE C 69 -3.30 3.34 34.52
C PHE C 69 -2.81 2.05 33.85
N GLY C 70 -1.64 1.57 34.26
CA GLY C 70 -1.13 0.28 33.78
C GLY C 70 -2.09 -0.84 34.12
N GLY C 71 -2.57 -0.85 35.37
CA GLY C 71 -3.55 -1.81 35.84
C GLY C 71 -4.89 -1.71 35.13
N TYR C 72 -5.24 -0.49 34.73
CA TYR C 72 -6.45 -0.25 33.95
C TYR C 72 -6.29 -0.77 32.50
N ALA C 73 -5.17 -0.44 31.87
CA ALA C 73 -4.94 -0.82 30.47
C ALA C 73 -4.89 -2.34 30.32
N GLN C 74 -4.27 -2.98 31.31
CA GLN C 74 -4.12 -4.42 31.38
C GLN C 74 -5.48 -5.09 31.39
N SER C 75 -6.39 -4.56 32.20
CA SER C 75 -7.75 -5.08 32.30
C SER C 75 -8.61 -4.71 31.09
N GLY C 76 -8.01 -3.98 30.14
CA GLY C 76 -8.67 -3.55 28.91
C GLY C 76 -9.72 -2.48 29.07
N LEU C 77 -9.53 -1.57 30.04
CA LEU C 77 -10.52 -0.54 30.36
C LEU C 77 -10.25 0.81 29.71
N LEU C 78 -9.03 1.02 29.24
CA LEU C 78 -8.65 2.27 28.60
C LEU C 78 -8.54 2.12 27.10
N ALA C 79 -9.08 3.10 26.37
CA ALA C 79 -8.93 3.15 24.92
C ALA C 79 -7.52 3.65 24.57
N GLU C 80 -6.95 3.11 23.51
CA GLU C 80 -5.66 3.59 23.04
C GLU C 80 -5.82 4.99 22.48
N ILE C 81 -4.93 5.91 22.87
CA ILE C 81 -4.98 7.28 22.36
C ILE C 81 -4.10 7.46 21.14
N THR C 82 -4.54 8.33 20.23
CA THR C 82 -3.88 8.48 18.93
C THR C 82 -3.53 9.95 18.60
N PRO C 83 -2.64 10.57 19.39
CA PRO C 83 -2.21 11.92 19.00
C PRO C 83 -1.19 11.89 17.86
N ASP C 84 -1.24 12.86 16.97
CA ASP C 84 -0.26 12.95 15.88
C ASP C 84 1.13 13.40 16.38
N LYS C 85 2.11 13.34 15.50
CA LYS C 85 3.49 13.78 15.77
C LYS C 85 3.54 15.20 16.35
N ALA C 86 2.88 16.14 15.66
CA ALA C 86 2.83 17.56 16.04
C ALA C 86 2.32 17.82 17.46
N PHE C 87 1.34 17.03 17.90
CA PHE C 87 0.80 17.15 19.27
C PHE C 87 1.75 16.60 20.32
N GLN C 88 2.45 15.53 19.95
CA GLN C 88 3.41 14.89 20.85
C GLN C 88 4.59 15.79 21.13
N ASP C 89 5.03 16.57 20.14
CA ASP C 89 6.08 17.55 20.33
C ASP C 89 5.70 18.67 21.32
N LYS C 90 4.41 18.90 21.51
CA LYS C 90 3.93 19.95 22.40
C LYS C 90 4.12 19.59 23.88
N LEU C 91 4.27 18.30 24.16
CA LEU C 91 4.46 17.80 25.52
C LEU C 91 5.85 17.20 25.71
N TYR C 92 6.38 17.30 26.93
CA TYR C 92 7.67 16.72 27.29
C TYR C 92 7.67 15.20 27.10
N PRO C 93 8.73 14.65 26.47
CA PRO C 93 8.86 13.21 26.25
C PRO C 93 8.70 12.35 27.52
N PHE C 94 9.32 12.76 28.64
CA PHE C 94 9.26 11.96 29.87
C PHE C 94 7.85 11.83 30.46
N THR C 95 6.97 12.78 30.15
CA THR C 95 5.58 12.67 30.58
C THR C 95 4.82 11.63 29.74
N TRP C 96 5.17 11.50 28.47
CA TRP C 96 4.62 10.44 27.61
C TRP C 96 5.09 9.07 28.09
N ASP C 97 6.37 8.98 28.48
CA ASP C 97 6.94 7.72 28.98
C ASP C 97 6.09 7.15 30.11
N ALA C 98 5.63 8.03 31.00
CA ALA C 98 4.86 7.65 32.18
C ALA C 98 3.47 7.11 31.84
N VAL C 99 2.95 7.48 30.67
CA VAL C 99 1.65 6.95 30.19
C VAL C 99 1.79 5.87 29.09
N ARG C 100 2.99 5.32 28.92
CA ARG C 100 3.21 4.23 27.96
C ARG C 100 3.12 2.86 28.65
N TYR C 101 2.19 2.04 28.17
CA TYR C 101 2.05 0.69 28.66
C TYR C 101 2.05 -0.30 27.49
N ASN C 102 3.04 -1.20 27.48
CA ASN C 102 3.17 -2.17 26.40
C ASN C 102 3.45 -1.50 25.06
N GLY C 103 4.17 -0.39 25.08
CA GLY C 103 4.45 0.37 23.86
C GLY C 103 3.30 1.24 23.41
N LYS C 104 2.09 0.94 23.90
CA LYS C 104 0.90 1.72 23.56
C LYS C 104 0.76 2.92 24.49
N LEU C 105 0.33 4.05 23.94
CA LEU C 105 0.00 5.21 24.76
C LEU C 105 -1.45 5.07 25.24
N ILE C 106 -1.63 5.12 26.56
CA ILE C 106 -2.94 4.82 27.14
C ILE C 106 -3.63 5.97 27.88
N ALA C 107 -3.01 7.16 27.84
CA ALA C 107 -3.54 8.37 28.52
C ALA C 107 -2.79 9.63 28.13
N TYR C 108 -3.41 10.78 28.34
CA TYR C 108 -2.74 12.05 28.12
C TYR C 108 -2.12 12.51 29.42
N PRO C 109 -0.81 12.85 29.39
CA PRO C 109 -0.18 13.46 30.55
C PRO C 109 -0.66 14.90 30.72
N ILE C 110 -0.88 15.31 31.97
CA ILE C 110 -1.36 16.65 32.28
C ILE C 110 -0.31 17.46 33.04
N ALA C 111 0.20 16.89 34.14
CA ALA C 111 1.14 17.61 35.02
C ALA C 111 1.89 16.68 35.97
N VAL C 112 3.08 17.12 36.34
CA VAL C 112 3.95 16.39 37.25
C VAL C 112 3.72 16.87 38.69
N GLU C 113 3.41 15.93 39.57
CA GLU C 113 3.17 16.23 40.99
C GLU C 113 4.25 15.59 41.86
N ALA C 114 4.88 16.38 42.71
CA ALA C 114 5.72 15.83 43.77
C ALA C 114 5.40 16.53 45.08
N LEU C 115 5.48 15.79 46.18
CA LEU C 115 5.32 16.38 47.50
C LEU C 115 6.50 17.31 47.83
N SER C 116 6.24 18.36 48.59
CA SER C 116 7.27 19.26 49.10
C SER C 116 6.97 19.54 50.56
N LEU C 117 7.95 20.08 51.27
CA LEU C 117 7.75 20.63 52.61
C LEU C 117 7.11 22.03 52.52
N ILE C 118 5.96 22.18 53.16
CA ILE C 118 5.30 23.47 53.23
C ILE C 118 5.45 23.90 54.68
N TYR C 119 5.88 25.14 54.88
CA TYR C 119 6.16 25.65 56.23
C TYR C 119 5.68 27.08 56.44
N ASN C 120 5.32 27.36 57.70
CA ASN C 120 4.83 28.65 58.12
C ASN C 120 6.01 29.58 58.43
N LYS C 121 6.21 30.61 57.60
CA LYS C 121 7.39 31.48 57.71
C LYS C 121 7.40 32.30 58.99
N ASP C 122 6.22 32.53 59.55
CA ASP C 122 6.13 33.29 60.79
C ASP C 122 6.48 32.45 62.00
N LEU C 123 6.06 31.20 62.03
CA LEU C 123 6.40 30.28 63.11
C LEU C 123 7.83 29.74 62.96
N LEU C 124 8.21 29.43 61.71
CA LEU C 124 9.53 28.94 61.35
C LEU C 124 10.11 29.72 60.19
N PRO C 125 10.91 30.76 60.48
CA PRO C 125 11.58 31.41 59.34
C PRO C 125 12.60 30.46 58.69
N ASN C 126 13.23 29.59 59.50
CA ASN C 126 14.19 28.60 59.00
C ASN C 126 13.75 27.14 59.15
N PRO C 127 13.09 26.58 58.12
CA PRO C 127 12.66 25.20 58.22
C PRO C 127 13.86 24.24 58.39
N PRO C 128 13.67 23.14 59.13
CA PRO C 128 14.74 22.16 59.35
C PRO C 128 15.26 21.52 58.05
N LYS C 129 16.55 21.22 58.01
CA LYS C 129 17.10 20.54 56.86
C LYS C 129 16.99 19.03 56.99
N THR C 130 16.67 18.54 58.19
CA THR C 130 16.66 17.09 58.46
C THR C 130 15.47 16.65 59.30
N TRP C 131 15.00 15.41 59.06
CA TRP C 131 13.92 14.81 59.86
C TRP C 131 14.29 14.70 61.33
N GLU C 132 15.59 14.56 61.60
CA GLU C 132 16.09 14.37 62.96
C GLU C 132 15.93 15.59 63.89
N GLU C 133 15.91 16.80 63.33
CA GLU C 133 15.71 17.98 64.18
C GLU C 133 14.25 18.17 64.57
N ILE C 134 13.33 17.50 63.87
CA ILE C 134 11.91 17.70 64.08
C ILE C 134 11.42 17.44 65.52
N PRO C 135 11.84 16.32 66.14
CA PRO C 135 11.48 16.11 67.55
C PRO C 135 11.75 17.32 68.47
N ALA C 136 12.99 17.79 68.51
CA ALA C 136 13.35 18.92 69.35
C ALA C 136 12.52 20.17 68.95
N LEU C 137 12.33 20.32 67.65
CA LEU C 137 11.59 21.45 67.08
C LEU C 137 10.15 21.44 67.57
N ASP C 138 9.58 20.23 67.67
CA ASP C 138 8.22 20.07 68.20
C ASP C 138 8.11 20.41 69.66
N LYS C 139 9.15 20.07 70.42
CA LYS C 139 9.21 20.43 71.82
C LYS C 139 9.21 21.95 72.00
N GLU C 140 9.98 22.66 71.19
CA GLU C 140 10.04 24.14 71.24
C GLU C 140 8.65 24.72 70.95
N LEU C 141 7.95 24.15 69.97
CA LEU C 141 6.65 24.66 69.52
C LEU C 141 5.46 24.28 70.40
N LYS C 142 5.52 23.11 71.05
CA LYS C 142 4.48 22.70 72.03
C LYS C 142 4.44 23.64 73.23
N ALA C 143 5.59 24.21 73.57
CA ALA C 143 5.65 25.20 74.61
C ALA C 143 4.98 26.52 74.19
N LYS C 144 4.75 26.72 72.88
CA LYS C 144 4.04 27.91 72.40
C LYS C 144 2.60 27.56 72.00
N GLY C 145 2.15 26.37 72.42
CA GLY C 145 0.81 25.89 72.11
C GLY C 145 0.59 25.51 70.65
N LYS C 146 1.67 25.27 69.93
CA LYS C 146 1.61 24.93 68.52
C LYS C 146 2.20 23.54 68.36
N SER C 147 2.44 23.11 67.12
CA SER C 147 3.14 21.86 66.88
C SER C 147 4.05 22.00 65.65
N ALA C 148 4.97 21.06 65.49
CA ALA C 148 5.96 21.15 64.43
C ALA C 148 5.44 20.76 63.05
N LEU C 149 4.73 19.64 62.96
CA LEU C 149 4.47 18.99 61.71
C LEU C 149 3.22 18.11 61.73
N MET C 150 2.34 18.31 60.74
CA MET C 150 1.17 17.48 60.54
C MET C 150 0.96 17.25 59.08
N PHE C 151 0.79 15.98 58.72
CA PHE C 151 0.48 15.58 57.34
C PHE C 151 -0.33 14.30 57.34
N ASN C 152 -0.89 13.95 56.19
CA ASN C 152 -1.80 12.82 56.12
C ASN C 152 -1.09 11.51 56.41
N LEU C 153 -1.44 10.87 57.52
CA LEU C 153 -0.81 9.61 57.91
C LEU C 153 -1.60 8.40 57.42
N GLN C 154 -2.75 8.64 56.79
CA GLN C 154 -3.64 7.58 56.34
C GLN C 154 -3.35 7.09 54.92
N GLU C 155 -2.59 7.88 54.14
CA GLU C 155 -2.26 7.52 52.76
C GLU C 155 -0.75 7.35 52.62
N PRO C 156 -0.30 6.16 52.20
CA PRO C 156 1.10 5.81 52.18
C PRO C 156 1.92 6.75 51.31
N TYR C 157 1.26 7.40 50.37
CA TYR C 157 1.88 8.39 49.50
C TYR C 157 2.68 9.47 50.26
N PHE C 158 2.22 9.84 51.44
CA PHE C 158 2.83 10.92 52.21
C PHE C 158 4.01 10.54 53.09
N THR C 159 4.08 9.28 53.51
CA THR C 159 5.17 8.86 54.39
C THR C 159 6.21 8.15 53.57
N TRP C 160 5.83 7.72 52.37
CA TRP C 160 6.76 7.10 51.44
C TRP C 160 8.08 7.84 51.31
N PRO C 161 8.05 9.18 51.06
CA PRO C 161 9.33 9.88 50.90
C PRO C 161 10.36 9.54 51.98
N LEU C 162 9.89 9.38 53.21
CA LEU C 162 10.73 9.06 54.37
C LEU C 162 11.12 7.58 54.46
N ILE C 163 10.22 6.70 54.05
CA ILE C 163 10.51 5.28 53.99
C ILE C 163 11.55 5.01 52.88
N ALA C 164 11.51 5.80 51.81
CA ALA C 164 12.39 5.60 50.65
C ALA C 164 13.75 6.23 50.90
N ALA C 165 13.78 7.25 51.74
CA ALA C 165 14.97 8.07 51.94
C ALA C 165 16.25 7.24 52.11
N ASP C 166 16.21 6.28 53.02
CA ASP C 166 17.43 5.55 53.38
C ASP C 166 17.56 4.19 52.68
N GLY C 167 16.69 3.94 51.70
CA GLY C 167 16.88 2.78 50.84
C GLY C 167 15.66 1.93 50.54
N GLY C 168 14.51 2.29 51.08
CA GLY C 168 13.30 1.57 50.74
C GLY C 168 12.93 1.83 49.31
N TYR C 169 12.39 0.82 48.62
CA TYR C 169 11.91 0.98 47.25
C TYR C 169 10.71 0.09 46.93
N ALA C 170 9.95 0.48 45.92
CA ALA C 170 8.83 -0.33 45.46
C ALA C 170 9.35 -1.56 44.74
N PHE C 171 9.53 -1.45 43.42
CA PHE C 171 10.02 -2.53 42.60
C PHE C 171 11.35 -2.17 42.00
N LYS C 172 12.31 -3.10 42.04
CA LYS C 172 13.67 -2.81 41.57
C LYS C 172 13.73 -2.66 40.06
N TYR C 173 14.27 -1.53 39.62
CA TYR C 173 14.36 -1.25 38.20
C TYR C 173 15.76 -1.61 37.68
N GLU C 174 15.80 -2.36 36.58
CA GLU C 174 17.03 -2.63 35.86
C GLU C 174 16.77 -3.35 34.55
N ASN C 175 17.63 -3.06 33.57
CA ASN C 175 17.45 -3.53 32.19
C ASN C 175 16.06 -3.15 31.65
N GLY C 176 15.74 -1.87 31.72
CA GLY C 176 14.47 -1.34 31.23
C GLY C 176 13.21 -2.01 31.78
N LYS C 177 13.32 -2.66 32.95
CA LYS C 177 12.23 -3.47 33.50
C LYS C 177 12.17 -3.41 35.01
N TYR C 178 10.95 -3.37 35.52
CA TYR C 178 10.73 -3.51 36.96
C TYR C 178 10.63 -4.97 37.31
N ASP C 179 11.48 -5.38 38.24
CA ASP C 179 11.51 -6.76 38.72
C ASP C 179 10.48 -6.92 39.83
N ILE C 180 9.36 -7.55 39.49
CA ILE C 180 8.23 -7.69 40.41
C ILE C 180 8.47 -8.72 41.51
N LYS C 181 9.61 -9.40 41.44
CA LYS C 181 10.03 -10.36 42.47
C LYS C 181 11.00 -9.69 43.44
N ASP C 182 11.38 -8.45 43.15
CA ASP C 182 12.34 -7.75 43.99
C ASP C 182 11.69 -6.49 44.56
N VAL C 183 11.10 -6.64 45.74
CA VAL C 183 10.36 -5.58 46.43
C VAL C 183 11.22 -5.09 47.58
N GLY C 184 11.31 -3.77 47.75
CA GLY C 184 12.22 -3.16 48.74
C GLY C 184 11.49 -2.46 49.87
N VAL C 185 10.47 -3.11 50.39
CA VAL C 185 9.59 -2.52 51.36
C VAL C 185 10.00 -2.96 52.77
N ASP C 186 10.89 -3.94 52.85
CA ASP C 186 11.25 -4.55 54.12
C ASP C 186 12.76 -4.53 54.35
N ASN C 187 13.49 -3.70 53.60
CA ASN C 187 14.94 -3.60 53.80
C ASN C 187 15.32 -2.70 54.98
N ALA C 188 16.60 -2.65 55.31
CA ALA C 188 17.10 -1.82 56.41
C ALA C 188 16.61 -0.36 56.31
N GLY C 189 16.69 0.22 55.11
CA GLY C 189 16.24 1.60 54.86
C GLY C 189 14.78 1.84 55.20
N ALA C 190 13.91 1.01 54.61
CA ALA C 190 12.48 1.08 54.90
C ALA C 190 12.20 0.96 56.41
N LYS C 191 12.86 0.01 57.08
CA LYS C 191 12.70 -0.16 58.52
C LYS C 191 13.12 1.09 59.30
N ALA C 192 14.21 1.72 58.87
CA ALA C 192 14.73 2.88 59.56
C ALA C 192 13.73 4.02 59.44
N GLY C 193 13.28 4.26 58.20
CA GLY C 193 12.32 5.32 57.91
C GLY C 193 11.03 5.19 58.68
N LEU C 194 10.46 3.99 58.71
CA LEU C 194 9.17 3.78 59.36
C LEU C 194 9.31 3.81 60.87
N THR C 195 10.46 3.36 61.35
CA THR C 195 10.74 3.41 62.80
C THR C 195 10.78 4.86 63.29
N PHE C 196 11.41 5.74 62.50
CA PHE C 196 11.44 7.13 62.87
C PHE C 196 10.04 7.71 62.94
N LEU C 197 9.20 7.36 61.97
CA LEU C 197 7.83 7.85 61.96
C LEU C 197 7.05 7.35 63.16
N VAL C 198 7.16 6.05 63.43
CA VAL C 198 6.47 5.44 64.56
C VAL C 198 6.95 6.10 65.85
N ASP C 199 8.26 6.31 65.98
CA ASP C 199 8.78 6.97 67.17
C ASP C 199 8.26 8.39 67.35
N LEU C 200 8.12 9.15 66.27
CA LEU C 200 7.54 10.49 66.38
C LEU C 200 6.20 10.40 67.09
N ILE C 201 5.46 9.35 66.75
CA ILE C 201 4.11 9.14 67.27
C ILE C 201 4.15 8.65 68.71
N LYS C 202 5.01 7.68 69.00
CA LYS C 202 5.18 7.22 70.37
C LYS C 202 5.56 8.39 71.26
N ASN C 203 6.41 9.28 70.75
CA ASN C 203 6.88 10.41 71.53
C ASN C 203 5.94 11.61 71.48
N LYS C 204 4.78 11.41 70.86
CA LYS C 204 3.70 12.40 70.81
C LYS C 204 4.07 13.70 70.09
N HIS C 205 4.93 13.57 69.09
CA HIS C 205 5.20 14.67 68.17
C HIS C 205 4.23 14.63 66.98
N MET C 206 3.55 13.48 66.82
CA MET C 206 2.45 13.31 65.87
C MET C 206 1.36 12.40 66.40
N ASN C 207 0.19 12.48 65.79
CA ASN C 207 -0.96 11.68 66.16
C ASN C 207 -1.36 10.74 65.01
N ALA C 208 -1.50 9.45 65.33
CA ALA C 208 -1.74 8.39 64.34
C ALA C 208 -3.05 8.55 63.55
N ASP C 209 -4.03 9.20 64.18
CA ASP C 209 -5.31 9.60 63.57
C ASP C 209 -5.20 10.67 62.48
N THR C 210 -4.13 11.46 62.48
CA THR C 210 -4.04 12.62 61.57
C THR C 210 -4.26 12.26 60.07
N ASP C 211 -5.26 12.89 59.46
CA ASP C 211 -5.55 12.63 58.06
C ASP C 211 -5.43 13.91 57.24
N TYR C 212 -5.88 13.87 55.99
CA TYR C 212 -5.72 15.00 55.10
C TYR C 212 -6.41 16.27 55.60
N SER C 213 -7.69 16.19 55.99
CA SER C 213 -8.39 17.41 56.39
C SER C 213 -7.90 17.97 57.71
N ILE C 214 -7.63 17.10 58.67
CA ILE C 214 -7.03 17.50 59.95
C ILE C 214 -5.74 18.28 59.71
N ALA C 215 -4.83 17.68 58.94
CA ALA C 215 -3.56 18.32 58.63
C ALA C 215 -3.74 19.66 57.91
N GLU C 216 -4.57 19.68 56.88
CA GLU C 216 -4.77 20.88 56.10
C GLU C 216 -5.35 22.03 56.93
N ALA C 217 -6.33 21.71 57.76
CA ALA C 217 -7.00 22.70 58.58
C ALA C 217 -6.05 23.25 59.65
N ALA C 218 -5.29 22.36 60.30
CA ALA C 218 -4.35 22.78 61.33
C ALA C 218 -3.35 23.75 60.71
N PHE C 219 -2.74 23.36 59.60
CA PHE C 219 -1.76 24.23 58.95
C PHE C 219 -2.32 25.57 58.52
N ASN C 220 -3.51 25.56 57.93
CA ASN C 220 -4.04 26.80 57.37
C ASN C 220 -4.62 27.70 58.45
N LYS C 221 -4.67 27.19 59.66
CA LYS C 221 -5.18 27.92 60.81
C LYS C 221 -4.01 28.42 61.65
N GLY C 222 -2.79 28.18 61.19
CA GLY C 222 -1.58 28.58 61.92
C GLY C 222 -1.32 27.79 63.20
N GLU C 223 -1.75 26.53 63.26
CA GLU C 223 -1.62 25.73 64.48
C GLU C 223 -0.43 24.79 64.45
N THR C 224 0.01 24.45 63.24
CA THR C 224 1.19 23.64 63.07
C THR C 224 2.18 24.37 62.15
N ALA C 225 3.48 24.18 62.39
CA ALA C 225 4.52 24.95 61.68
C ALA C 225 4.78 24.45 60.28
N MET C 226 4.55 23.15 60.08
CA MET C 226 4.92 22.47 58.83
C MET C 226 3.92 21.44 58.39
N THR C 227 3.81 21.27 57.08
CA THR C 227 3.02 20.20 56.53
C THR C 227 3.71 19.66 55.31
N ILE C 228 3.24 18.50 54.86
CA ILE C 228 3.73 17.87 53.64
C ILE C 228 2.54 17.69 52.71
N ASN C 229 2.59 18.35 51.56
CA ASN C 229 1.50 18.29 50.60
C ASN C 229 1.99 18.63 49.22
N GLY C 230 1.09 18.53 48.24
CA GLY C 230 1.45 18.81 46.85
C GLY C 230 0.96 20.17 46.40
N PRO C 231 1.20 20.50 45.12
CA PRO C 231 0.78 21.76 44.52
C PRO C 231 -0.72 22.09 44.63
N TRP C 232 -1.61 21.10 44.52
CA TRP C 232 -3.04 21.34 44.66
C TRP C 232 -3.41 22.03 45.97
N ALA C 233 -2.53 21.91 46.96
CA ALA C 233 -2.81 22.43 48.29
C ALA C 233 -2.52 23.91 48.46
N TRP C 234 -1.76 24.51 47.54
CA TRP C 234 -1.28 25.89 47.73
C TRP C 234 -2.39 26.93 47.68
N SER C 235 -3.38 26.66 46.83
CA SER C 235 -4.53 27.49 46.67
C SER C 235 -5.17 27.84 48.02
N ASN C 236 -5.50 26.80 48.82
CA ASN C 236 -6.11 26.97 50.13
C ASN C 236 -5.24 27.74 51.12
N ILE C 237 -3.93 27.56 51.01
CA ILE C 237 -3.00 28.31 51.83
C ILE C 237 -2.98 29.80 51.47
N ASP C 238 -3.06 30.09 50.17
CA ASP C 238 -3.26 31.46 49.69
C ASP C 238 -4.47 32.11 50.33
N THR C 239 -5.58 31.38 50.39
CA THR C 239 -6.83 31.93 50.94
C THR C 239 -6.65 32.18 52.45
N SER C 240 -5.97 31.25 53.13
CA SER C 240 -5.82 31.29 54.58
C SER C 240 -4.94 32.42 55.04
N LYS C 241 -4.17 32.99 54.12
CA LYS C 241 -3.31 34.15 54.40
C LYS C 241 -2.07 33.81 55.25
N VAL C 242 -1.89 32.53 55.57
CA VAL C 242 -0.67 32.06 56.22
C VAL C 242 0.49 32.39 55.30
N ASN C 243 1.52 33.02 55.86
CA ASN C 243 2.76 33.29 55.15
C ASN C 243 3.59 32.01 55.01
N TYR C 244 3.48 31.33 53.87
CA TYR C 244 4.06 30.01 53.71
C TYR C 244 5.20 29.94 52.69
N GLY C 245 6.11 29.00 52.94
CA GLY C 245 7.12 28.66 51.96
C GLY C 245 6.95 27.22 51.53
N VAL C 246 7.42 26.91 50.32
CA VAL C 246 7.46 25.56 49.80
C VAL C 246 8.93 25.26 49.55
N THR C 247 9.44 24.22 50.21
CA THR C 247 10.86 23.91 50.14
C THR C 247 11.18 22.41 50.00
N VAL C 248 12.48 22.14 49.88
CA VAL C 248 12.99 20.78 49.78
C VAL C 248 12.63 20.00 51.06
N LEU C 249 12.25 18.74 50.88
CA LEU C 249 11.89 17.87 51.99
C LEU C 249 13.14 17.64 52.84
N PRO C 250 12.96 17.45 54.16
CA PRO C 250 14.10 17.19 55.03
C PRO C 250 14.80 15.88 54.70
N THR C 251 16.08 15.81 55.02
CA THR C 251 16.86 14.60 54.81
C THR C 251 16.67 13.60 55.97
N PHE C 252 16.95 12.34 55.70
CA PHE C 252 16.93 11.32 56.75
C PHE C 252 18.20 10.50 56.67
N LYS C 253 18.89 10.39 57.80
CA LYS C 253 20.25 9.84 57.85
C LYS C 253 21.14 10.43 56.75
N GLY C 254 21.01 11.73 56.50
CA GLY C 254 21.78 12.40 55.49
C GLY C 254 21.30 12.20 54.06
N GLN C 255 20.30 11.35 53.88
CA GLN C 255 19.80 11.06 52.53
C GLN C 255 18.56 11.85 52.22
N PRO C 256 18.42 12.33 50.97
CA PRO C 256 17.24 13.07 50.56
C PRO C 256 15.96 12.24 50.69
N SER C 257 14.86 12.87 51.03
CA SER C 257 13.60 12.19 50.98
C SER C 257 13.26 11.97 49.53
N LYS C 258 12.64 10.82 49.23
CA LYS C 258 12.44 10.38 47.86
C LYS C 258 10.96 10.23 47.54
N PRO C 259 10.28 11.34 47.26
CA PRO C 259 8.86 11.23 46.96
C PRO C 259 8.62 10.42 45.69
N PHE C 260 7.54 9.65 45.65
CA PHE C 260 7.10 9.04 44.42
C PHE C 260 6.40 10.10 43.58
N VAL C 261 7.00 10.40 42.43
CA VAL C 261 6.49 11.41 41.52
C VAL C 261 5.34 10.91 40.65
N GLY C 262 4.26 11.67 40.62
CA GLY C 262 3.09 11.32 39.84
C GLY C 262 2.96 12.16 38.60
N VAL C 263 2.29 11.63 37.59
CA VAL C 263 1.92 12.42 36.45
C VAL C 263 0.42 12.32 36.37
N LEU C 264 -0.26 13.46 36.61
CA LEU C 264 -1.71 13.48 36.45
C LEU C 264 -2.01 13.23 34.98
N SER C 265 -2.97 12.34 34.72
CA SER C 265 -3.20 11.87 33.38
C SER C 265 -4.68 11.70 33.07
N ALA C 266 -5.02 11.85 31.80
CA ALA C 266 -6.40 11.68 31.34
C ALA C 266 -6.53 10.48 30.42
N GLY C 267 -7.24 9.47 30.90
CA GLY C 267 -7.46 8.26 30.13
C GLY C 267 -8.89 8.23 29.61
N ILE C 268 -9.06 7.65 28.43
CA ILE C 268 -10.39 7.52 27.87
C ILE C 268 -10.87 6.11 28.14
N ASN C 269 -12.09 6.01 28.64
CA ASN C 269 -12.79 4.76 28.89
C ASN C 269 -13.00 3.97 27.58
N ALA C 270 -12.53 2.72 27.58
CA ALA C 270 -12.61 1.86 26.40
C ALA C 270 -14.05 1.60 25.96
N ALA C 271 -14.98 1.70 26.92
CA ALA C 271 -16.40 1.44 26.66
C ALA C 271 -17.19 2.71 26.29
N SER C 272 -16.54 3.88 26.37
CA SER C 272 -17.18 5.14 26.00
C SER C 272 -17.48 5.25 24.49
N PRO C 273 -18.73 5.61 24.14
CA PRO C 273 -19.10 5.81 22.72
C PRO C 273 -18.69 7.20 22.20
N ASN C 274 -18.02 8.00 23.05
CA ASN C 274 -17.70 9.38 22.74
C ASN C 274 -16.22 9.66 22.66
N LYS C 275 -15.47 8.69 22.15
CA LYS C 275 -14.01 8.76 22.10
C LYS C 275 -13.45 9.95 21.32
N GLU C 276 -14.09 10.27 20.20
CA GLU C 276 -13.68 11.44 19.40
C GLU C 276 -13.88 12.74 20.16
N LEU C 277 -15.05 12.88 20.77
CA LEU C 277 -15.36 14.05 21.60
C LEU C 277 -14.34 14.24 22.73
N ALA C 278 -13.99 13.15 23.40
CA ALA C 278 -12.99 13.15 24.47
C ALA C 278 -11.60 13.58 23.97
N LYS C 279 -11.18 13.05 22.82
CA LYS C 279 -9.89 13.37 22.20
C LYS C 279 -9.84 14.86 21.81
N GLU C 280 -10.94 15.30 21.23
CA GLU C 280 -11.19 16.65 20.81
C GLU C 280 -11.10 17.60 22.05
N PHE C 281 -11.76 17.23 23.16
CA PHE C 281 -11.74 18.00 24.41
C PHE C 281 -10.35 18.10 25.04
N LEU C 282 -9.64 16.98 25.05
CA LEU C 282 -8.36 16.91 25.73
C LEU C 282 -7.26 17.60 24.93
N GLU C 283 -7.30 17.40 23.62
CA GLU C 283 -6.26 17.93 22.75
C GLU C 283 -6.45 19.40 22.41
N ASN C 284 -7.67 19.78 22.07
CA ASN C 284 -7.96 21.14 21.59
C ASN C 284 -8.49 22.12 22.63
N TYR C 285 -8.84 21.62 23.81
CA TYR C 285 -9.37 22.48 24.86
C TYR C 285 -8.55 22.47 26.15
N LEU C 286 -8.31 21.28 26.72
CA LEU C 286 -7.59 21.20 27.99
C LEU C 286 -6.07 21.39 27.87
N LEU C 287 -5.44 20.67 26.94
CA LEU C 287 -4.01 20.81 26.74
C LEU C 287 -3.69 22.05 25.90
N THR C 288 -4.27 23.18 26.31
CA THR C 288 -3.91 24.49 25.79
C THR C 288 -3.54 25.35 26.99
N ASP C 289 -2.79 26.42 26.75
CA ASP C 289 -2.46 27.33 27.85
C ASP C 289 -3.72 27.79 28.58
N GLU C 290 -4.75 28.17 27.81
CA GLU C 290 -6.04 28.57 28.40
C GLU C 290 -6.74 27.45 29.16
N GLY C 291 -6.65 26.23 28.63
CA GLY C 291 -7.24 25.06 29.27
C GLY C 291 -6.58 24.80 30.60
N LEU C 292 -5.24 24.74 30.59
CA LEU C 292 -4.46 24.49 31.78
C LEU C 292 -4.53 25.63 32.79
N GLU C 293 -4.47 26.86 32.31
CA GLU C 293 -4.51 28.00 33.19
C GLU C 293 -5.80 28.00 33.99
N ALA C 294 -6.91 27.65 33.33
CA ALA C 294 -8.22 27.60 34.00
C ALA C 294 -8.24 26.64 35.19
N VAL C 295 -7.62 25.48 35.02
CA VAL C 295 -7.55 24.49 36.10
C VAL C 295 -6.52 24.93 37.16
N ASN C 296 -5.34 25.37 36.70
CA ASN C 296 -4.27 25.82 37.59
C ASN C 296 -4.67 26.98 38.50
N LYS C 297 -5.55 27.85 38.00
CA LYS C 297 -6.06 28.94 38.81
C LYS C 297 -7.08 28.50 39.85
N ASP C 298 -7.63 27.30 39.69
CA ASP C 298 -8.50 26.73 40.71
C ASP C 298 -7.60 26.07 41.75
N LYS C 299 -6.88 25.04 41.34
CA LYS C 299 -5.87 24.39 42.18
C LYS C 299 -4.65 24.14 41.33
N PRO C 300 -3.46 24.65 41.76
CA PRO C 300 -2.22 24.49 40.99
C PRO C 300 -1.92 23.04 40.59
N LEU C 301 -1.51 22.85 39.35
CA LEU C 301 -1.29 21.52 38.79
C LEU C 301 0.08 20.97 39.11
N GLY C 302 1.04 21.85 39.30
CA GLY C 302 2.42 21.43 39.52
C GLY C 302 3.15 21.81 38.26
N ALA C 303 4.10 20.97 37.83
CA ALA C 303 4.79 21.21 36.56
C ALA C 303 3.98 20.59 35.43
N VAL C 304 3.37 21.43 34.60
CA VAL C 304 2.47 20.91 33.58
C VAL C 304 3.24 20.19 32.47
N ALA C 305 2.56 19.26 31.81
CA ALA C 305 3.12 18.46 30.72
C ALA C 305 3.28 19.26 29.40
N LEU C 306 2.54 20.36 29.28
CA LEU C 306 2.56 21.19 28.07
C LEU C 306 3.74 22.15 28.07
N LYS C 307 4.65 21.98 27.11
CA LYS C 307 5.89 22.75 27.03
C LYS C 307 5.69 24.25 27.18
N SER C 308 4.74 24.80 26.41
CA SER C 308 4.58 26.25 26.28
C SER C 308 4.05 26.96 27.53
N TYR C 309 3.31 26.23 28.37
CA TYR C 309 2.79 26.78 29.65
C TYR C 309 3.72 26.54 30.83
N GLU C 310 4.45 25.42 30.80
CA GLU C 310 5.43 25.09 31.85
C GLU C 310 6.57 26.10 31.86
N GLU C 311 6.88 26.67 30.70
CA GLU C 311 7.91 27.68 30.61
C GLU C 311 7.58 28.95 31.38
N GLU C 312 6.31 29.11 31.74
CA GLU C 312 5.86 30.25 32.52
C GLU C 312 5.84 29.89 33.99
N LEU C 313 5.31 28.70 34.29
CA LEU C 313 5.22 28.24 35.68
C LEU C 313 6.59 27.92 36.27
N ALA C 314 7.56 27.64 35.41
CA ALA C 314 8.93 27.29 35.84
C ALA C 314 9.58 28.40 36.69
N LYS C 315 9.13 29.63 36.47
CA LYS C 315 9.58 30.80 37.24
C LYS C 315 9.27 30.68 38.74
N ASP C 316 8.05 30.26 39.05
CA ASP C 316 7.55 30.16 40.42
C ASP C 316 8.47 29.28 41.27
N PRO C 317 9.13 29.87 42.28
CA PRO C 317 9.97 29.09 43.19
C PRO C 317 9.26 27.89 43.84
N ARG C 318 7.93 27.94 43.96
CA ARG C 318 7.13 26.80 44.46
C ARG C 318 7.18 25.64 43.45
N ILE C 319 7.10 25.98 42.16
CA ILE C 319 7.30 24.99 41.10
C ILE C 319 8.75 24.48 41.06
N ALA C 320 9.71 25.38 41.29
CA ALA C 320 11.12 25.01 41.39
C ALA C 320 11.35 23.98 42.49
N ALA C 321 10.74 24.21 43.65
CA ALA C 321 10.82 23.29 44.78
C ALA C 321 10.21 21.94 44.45
N THR C 322 9.05 21.99 43.81
CA THR C 322 8.33 20.80 43.37
C THR C 322 9.26 19.93 42.54
N MET C 323 9.95 20.55 41.59
CA MET C 323 10.85 19.83 40.68
C MET C 323 12.12 19.29 41.35
N GLU C 324 12.63 20.00 42.34
CA GLU C 324 13.80 19.54 43.07
C GLU C 324 13.45 18.31 43.90
N ASN C 325 12.30 18.35 44.56
CA ASN C 325 11.82 17.18 45.25
C ASN C 325 11.55 16.03 44.27
N ALA C 326 10.96 16.35 43.11
CA ALA C 326 10.71 15.38 42.04
C ALA C 326 11.98 14.70 41.55
N GLN C 327 13.06 15.46 41.50
CA GLN C 327 14.33 14.95 41.01
C GLN C 327 15.01 14.03 42.01
N LYS C 328 14.78 14.28 43.29
CA LYS C 328 15.40 13.45 44.33
C LYS C 328 14.58 12.19 44.59
N GLY C 329 13.30 12.22 44.21
CA GLY C 329 12.49 11.03 44.18
C GLY C 329 12.62 10.30 42.85
N GLU C 330 11.52 9.71 42.41
CA GLU C 330 11.54 8.73 41.34
C GLU C 330 10.14 8.67 40.73
N ILE C 331 10.07 8.56 39.42
CA ILE C 331 8.77 8.43 38.78
C ILE C 331 8.14 7.09 39.17
N MET C 332 6.86 7.11 39.46
CA MET C 332 6.17 5.87 39.84
C MET C 332 6.14 4.89 38.67
N PRO C 333 6.35 3.59 38.97
CA PRO C 333 6.04 2.56 38.01
C PRO C 333 4.56 2.62 37.65
N ASN C 334 4.19 2.16 36.45
CA ASN C 334 2.77 2.14 36.09
C ASN C 334 2.19 0.74 35.99
N ILE C 335 3.00 -0.25 36.38
CA ILE C 335 2.65 -1.66 36.30
C ILE C 335 1.41 -2.01 37.14
N PRO C 336 0.66 -3.06 36.77
CA PRO C 336 -0.58 -3.40 37.47
C PRO C 336 -0.37 -3.72 38.95
N GLN C 337 0.87 -4.06 39.31
CA GLN C 337 1.18 -4.51 40.65
C GLN C 337 1.27 -3.36 41.62
N MET C 338 1.22 -2.13 41.10
CA MET C 338 1.27 -0.93 41.93
C MET C 338 0.07 -0.89 42.88
N SER C 339 -1.06 -1.41 42.39
CA SER C 339 -2.27 -1.51 43.19
C SER C 339 -2.01 -2.27 44.50
N ALA C 340 -1.43 -3.46 44.37
CA ALA C 340 -1.14 -4.32 45.50
C ALA C 340 -0.04 -3.71 46.39
N PHE C 341 0.93 -3.05 45.77
CA PHE C 341 2.00 -2.37 46.50
C PHE C 341 1.47 -1.27 47.42
N TRP C 342 0.59 -0.42 46.90
CA TRP C 342 0.07 0.67 47.73
C TRP C 342 -0.77 0.17 48.87
N TYR C 343 -1.59 -0.85 48.63
CA TYR C 343 -2.48 -1.41 49.65
C TYR C 343 -1.69 -2.05 50.77
N ALA C 344 -0.61 -2.73 50.41
CA ALA C 344 0.31 -3.33 51.38
C ALA C 344 0.99 -2.29 52.27
N VAL C 345 1.49 -1.23 51.67
CA VAL C 345 2.17 -0.17 52.40
C VAL C 345 1.21 0.68 53.23
N ARG C 346 0.01 0.95 52.73
CA ARG C 346 -1.05 1.58 53.53
C ARG C 346 -1.23 0.83 54.84
N THR C 347 -1.48 -0.47 54.74
CA THR C 347 -1.69 -1.33 55.89
C THR C 347 -0.49 -1.31 56.83
N ALA C 348 0.72 -1.34 56.27
CA ALA C 348 1.91 -1.42 57.12
C ALA C 348 2.04 -0.18 58.00
N VAL C 349 1.99 0.99 57.35
CA VAL C 349 2.05 2.26 58.02
C VAL C 349 0.95 2.45 59.07
N ILE C 350 -0.31 2.18 58.71
CA ILE C 350 -1.42 2.30 59.67
C ILE C 350 -1.23 1.37 60.88
N ASN C 351 -0.97 0.09 60.64
CA ASN C 351 -0.72 -0.88 61.69
C ASN C 351 0.47 -0.54 62.59
N ALA C 352 1.56 -0.05 62.00
CA ALA C 352 2.76 0.31 62.76
C ALA C 352 2.52 1.57 63.58
N ALA C 353 1.86 2.55 62.97
CA ALA C 353 1.50 3.80 63.65
C ALA C 353 0.54 3.59 64.83
N SER C 354 -0.44 2.71 64.67
CA SER C 354 -1.44 2.51 65.71
C SER C 354 -0.89 1.65 66.83
N GLY C 355 0.23 0.99 66.56
CA GLY C 355 0.81 0.05 67.51
C GLY C 355 0.20 -1.34 67.48
N ARG C 356 -0.66 -1.60 66.49
CA ARG C 356 -1.19 -2.97 66.27
C ARG C 356 -0.07 -3.95 65.97
N GLN C 357 0.94 -3.49 65.26
CA GLN C 357 2.10 -4.32 64.90
C GLN C 357 3.34 -3.50 65.10
N THR C 358 4.45 -4.15 65.38
CA THR C 358 5.75 -3.49 65.40
C THR C 358 6.09 -3.12 63.97
N VAL C 359 7.12 -2.31 63.79
CA VAL C 359 7.60 -1.95 62.45
C VAL C 359 8.04 -3.20 61.65
N ASP C 360 8.81 -4.08 62.28
CA ASP C 360 9.25 -5.34 61.66
C ASP C 360 8.12 -6.25 61.17
N GLU C 361 7.11 -6.45 62.02
CA GLU C 361 5.98 -7.31 61.66
C GLU C 361 5.24 -6.68 60.49
N ALA C 362 4.93 -5.39 60.63
CA ALA C 362 4.17 -4.64 59.65
C ALA C 362 4.78 -4.71 58.27
N LEU C 363 6.06 -4.43 58.18
CA LEU C 363 6.78 -4.39 56.92
C LEU C 363 7.06 -5.76 56.32
N LYS C 364 7.20 -6.77 57.19
CA LYS C 364 7.25 -8.16 56.74
C LYS C 364 5.99 -8.52 55.98
N ASP C 365 4.82 -8.22 56.56
CA ASP C 365 3.54 -8.53 55.93
C ASP C 365 3.42 -7.76 54.64
N ALA C 366 3.94 -6.54 54.64
CA ALA C 366 3.92 -5.70 53.45
C ALA C 366 4.76 -6.32 52.34
N GLN C 367 5.97 -6.74 52.69
CA GLN C 367 6.85 -7.46 51.79
C GLN C 367 6.09 -8.60 51.08
N THR C 368 5.52 -9.51 51.87
CA THR C 368 4.79 -10.67 51.40
C THR C 368 3.60 -10.32 50.49
N ASN C 369 2.87 -9.25 50.83
CA ASN C 369 1.76 -8.80 50.00
C ASN C 369 2.22 -8.16 48.71
N ALA C 370 3.09 -7.16 48.82
CA ALA C 370 3.63 -6.42 47.67
C ALA C 370 4.31 -7.27 46.60
N ALA C 371 5.01 -8.33 47.01
CA ALA C 371 5.68 -9.22 46.07
C ALA C 371 4.81 -10.40 45.67
N ALA C 372 3.55 -10.40 46.13
CA ALA C 372 2.62 -11.51 45.91
C ALA C 372 3.29 -12.88 46.09
N GLU C 373 3.88 -13.11 47.27
CA GLU C 373 4.66 -14.33 47.49
C GLU C 373 3.81 -15.56 47.66
N PHE C 374 2.65 -15.40 48.31
CA PHE C 374 1.66 -16.46 48.35
C PHE C 374 1.38 -16.98 46.94
N ALA C 375 1.24 -16.05 45.99
CA ALA C 375 1.10 -16.42 44.58
C ALA C 375 2.33 -17.14 43.97
N ALA C 376 3.55 -16.62 44.16
CA ALA C 376 4.75 -17.27 43.60
C ALA C 376 4.93 -18.67 44.18
N LEU C 377 4.67 -18.80 45.47
CA LEU C 377 4.76 -20.07 46.17
C LEU C 377 3.74 -21.04 45.63
N LEU C 378 2.49 -20.61 45.58
CA LEU C 378 1.43 -21.46 45.04
C LEU C 378 1.74 -21.88 43.62
N HIS C 379 2.15 -20.91 42.81
CA HIS C 379 2.44 -21.13 41.42
C HIS C 379 3.44 -22.26 41.26
N SER C 380 4.56 -22.20 41.98
CA SER C 380 5.60 -23.19 41.82
C SER C 380 5.19 -24.60 42.28
N LEU C 381 4.26 -24.67 43.23
CA LEU C 381 3.63 -25.94 43.56
C LEU C 381 2.83 -26.46 42.38
N LEU C 382 2.03 -25.60 41.74
CA LEU C 382 1.21 -26.02 40.58
C LEU C 382 2.10 -26.39 39.42
N GLU C 383 3.24 -25.73 39.32
CA GLU C 383 4.24 -26.02 38.30
C GLU C 383 4.84 -27.39 38.57
N ALA C 384 5.23 -27.63 39.82
CA ALA C 384 5.74 -28.94 40.20
C ALA C 384 4.75 -30.05 39.87
N ASN C 385 3.50 -29.84 40.28
CA ASN C 385 2.44 -30.84 40.12
C ASN C 385 2.17 -31.16 38.67
N CYS C 386 2.19 -30.15 37.81
CA CYS C 386 1.87 -30.30 36.41
C CYS C 386 2.97 -31.04 35.66
N SER C 387 4.20 -30.82 36.10
CA SER C 387 5.35 -31.56 35.62
C SER C 387 5.32 -33.03 36.02
N LEU C 388 4.85 -33.30 37.24
CA LEU C 388 4.65 -34.66 37.71
C LEU C 388 3.57 -35.40 36.90
N ALA C 389 2.49 -34.70 36.61
CA ALA C 389 1.41 -35.30 35.85
C ALA C 389 1.99 -35.72 34.52
N LEU C 390 2.87 -34.89 33.95
CA LEU C 390 3.56 -35.22 32.70
C LEU C 390 4.48 -36.44 32.83
N ALA C 391 5.36 -36.42 33.82
CA ALA C 391 6.18 -37.57 34.15
C ALA C 391 5.37 -38.88 34.16
N GLU C 392 4.31 -38.94 34.97
CA GLU C 392 3.48 -40.15 35.06
C GLU C 392 2.92 -40.61 33.72
N GLU C 393 2.34 -39.68 32.95
CA GLU C 393 1.88 -39.95 31.58
C GLU C 393 2.99 -40.59 30.73
N LEU C 394 4.12 -39.90 30.67
CA LEU C 394 5.23 -40.35 29.88
C LEU C 394 5.73 -41.73 30.30
N LEU C 395 5.82 -41.98 31.60
CA LEU C 395 6.34 -43.25 32.13
C LEU C 395 5.47 -44.43 31.73
N LEU C 396 4.18 -44.31 32.03
CA LEU C 396 3.15 -45.28 31.66
C LEU C 396 3.07 -45.49 30.14
N ASP C 397 2.99 -44.38 29.41
CA ASP C 397 3.11 -44.39 27.95
C ASP C 397 4.26 -45.32 27.48
N GLY C 398 5.49 -45.03 27.87
CA GLY C 398 6.66 -45.80 27.42
C GLY C 398 7.00 -46.96 28.34
N TYR C 409 0.43 -40.64 18.24
CA TYR C 409 1.58 -39.77 18.03
C TYR C 409 1.32 -38.24 18.08
N SER C 410 0.08 -37.73 17.93
CA SER C 410 -0.04 -36.25 18.09
C SER C 410 -1.05 -35.54 18.98
N TYR C 411 -0.53 -35.20 20.14
CA TYR C 411 -1.25 -34.66 21.25
C TYR C 411 -0.96 -33.19 21.42
N CYS C 412 -1.82 -32.52 22.16
CA CYS C 412 -1.48 -31.26 22.78
C CYS C 412 -0.72 -31.59 24.07
N ASN C 413 0.42 -30.93 24.24
CA ASN C 413 1.31 -31.21 25.35
C ASN C 413 0.85 -30.54 26.64
N THR C 414 1.13 -31.18 27.77
CA THR C 414 0.80 -30.63 29.07
C THR C 414 1.29 -29.18 29.15
N THR C 415 0.41 -28.27 29.55
CA THR C 415 0.81 -26.90 29.90
C THR C 415 0.07 -26.39 31.11
N LEU C 416 0.57 -25.30 31.63
CA LEU C 416 -0.05 -24.62 32.73
C LEU C 416 -0.38 -23.23 32.23
N ASP C 417 -1.67 -22.86 32.26
CA ASP C 417 -2.05 -21.52 31.83
C ASP C 417 -1.80 -20.50 32.93
N GLN C 418 -2.02 -19.23 32.60
CA GLN C 418 -1.70 -18.15 33.53
C GLN C 418 -2.63 -18.05 34.74
N ILE C 419 -3.63 -18.93 34.81
CA ILE C 419 -4.56 -18.97 35.93
C ILE C 419 -4.14 -20.07 36.91
N GLY C 420 -3.31 -20.98 36.43
CA GLY C 420 -2.84 -22.05 37.29
C GLY C 420 -3.47 -23.40 37.04
N THR C 421 -4.19 -23.55 35.93
CA THR C 421 -4.78 -24.83 35.57
C THR C 421 -3.78 -25.61 34.73
N CYS C 422 -3.58 -26.87 35.09
CA CYS C 422 -2.67 -27.73 34.37
C CYS C 422 -3.50 -28.58 33.42
N TRP C 423 -3.38 -28.25 32.13
CA TRP C 423 -4.02 -28.99 31.06
C TRP C 423 -3.18 -30.20 30.72
N PRO C 424 -3.72 -31.41 30.95
CA PRO C 424 -2.96 -32.62 30.71
C PRO C 424 -2.79 -32.89 29.22
N ARG C 425 -1.84 -33.77 28.91
CA ARG C 425 -1.66 -34.23 27.56
C ARG C 425 -2.98 -34.79 27.02
N SER C 426 -3.38 -34.32 25.84
CA SER C 426 -4.69 -34.67 25.32
C SER C 426 -4.65 -34.91 23.82
N ALA C 427 -5.58 -35.73 23.34
CA ALA C 427 -5.65 -36.09 21.92
C ALA C 427 -6.16 -34.93 21.06
N ALA C 428 -5.62 -34.79 19.85
CA ALA C 428 -6.08 -33.80 18.87
C ALA C 428 -7.56 -33.93 18.69
N GLY C 429 -8.29 -32.82 18.82
CA GLY C 429 -9.73 -32.82 18.63
C GLY C 429 -10.52 -32.96 19.92
N ALA C 430 -9.83 -33.12 21.05
CA ALA C 430 -10.51 -33.33 22.33
C ALA C 430 -10.84 -32.02 23.04
N LEU C 431 -12.05 -31.96 23.58
CA LEU C 431 -12.44 -30.88 24.47
C LEU C 431 -12.15 -31.33 25.90
N VAL C 432 -11.24 -30.65 26.56
CA VAL C 432 -10.76 -31.08 27.86
C VAL C 432 -11.41 -30.25 28.96
N GLU C 433 -11.81 -30.92 30.04
CA GLU C 433 -12.30 -30.24 31.24
C GLU C 433 -11.37 -30.42 32.43
N ARG C 434 -11.16 -29.32 33.16
CA ARG C 434 -10.44 -29.35 34.45
C ARG C 434 -11.30 -28.62 35.47
N PRO C 435 -11.24 -29.03 36.75
CA PRO C 435 -11.97 -28.28 37.77
C PRO C 435 -11.44 -26.85 37.80
N CYS C 436 -12.31 -25.89 38.12
CA CYS C 436 -11.91 -24.49 38.28
C CYS C 436 -10.83 -24.35 39.35
N PRO C 437 -9.91 -23.38 39.18
CA PRO C 437 -8.84 -23.32 40.18
C PRO C 437 -9.43 -22.98 41.55
N GLU C 438 -8.82 -23.51 42.61
CA GLU C 438 -9.32 -23.28 43.97
C GLU C 438 -9.01 -21.87 44.45
N TYR C 439 -7.93 -21.31 43.93
CA TYR C 439 -7.48 -19.98 44.30
C TYR C 439 -6.97 -19.27 43.06
N PHE C 440 -7.37 -18.00 42.91
CA PHE C 440 -6.82 -17.12 41.89
C PHE C 440 -6.90 -15.65 42.32
N ASN C 441 -5.79 -14.94 42.25
CA ASN C 441 -5.72 -13.54 42.68
C ASN C 441 -6.49 -13.20 43.94
N GLY C 442 -6.17 -13.86 45.05
CA GLY C 442 -6.81 -13.55 46.35
C GLY C 442 -8.28 -13.94 46.48
N VAL C 443 -8.78 -14.71 45.52
CA VAL C 443 -10.17 -15.11 45.53
C VAL C 443 -10.26 -16.62 45.38
N LYS C 444 -11.15 -17.22 46.17
CA LYS C 444 -11.43 -18.64 46.10
C LYS C 444 -12.63 -18.92 45.19
N TYR C 445 -12.57 -20.03 44.46
CA TYR C 445 -13.59 -20.40 43.50
C TYR C 445 -14.20 -21.76 43.83
N ASN C 446 -15.40 -21.99 43.30
CA ASN C 446 -16.10 -23.25 43.49
C ASN C 446 -15.51 -24.29 42.56
N THR C 447 -14.74 -25.23 43.11
CA THR C 447 -14.03 -26.26 42.33
C THR C 447 -14.91 -27.39 41.76
N THR C 448 -16.19 -27.44 42.14
CA THR C 448 -17.09 -28.42 41.56
C THR C 448 -17.60 -28.00 40.18
N ARG C 449 -17.15 -26.83 39.73
CA ARG C 449 -17.39 -26.34 38.38
C ARG C 449 -16.13 -26.52 37.54
N ASN C 450 -16.31 -26.64 36.23
CA ASN C 450 -15.20 -26.93 35.31
C ASN C 450 -14.82 -25.79 34.38
N ALA C 451 -13.55 -25.75 34.03
CA ALA C 451 -13.08 -24.91 32.94
C ALA C 451 -12.94 -25.83 31.73
N TYR C 452 -12.85 -25.21 30.55
CA TYR C 452 -12.92 -25.98 29.31
C TYR C 452 -11.91 -25.46 28.29
N ARG C 453 -11.13 -26.37 27.73
CA ARG C 453 -10.19 -26.00 26.69
C ARG C 453 -10.11 -27.03 25.58
N GLU C 454 -10.08 -26.55 24.35
CA GLU C 454 -9.98 -27.41 23.19
C GLU C 454 -8.55 -27.70 22.71
N CYS C 455 -8.29 -28.97 22.47
CA CYS C 455 -7.07 -29.38 21.83
C CYS C 455 -7.38 -29.51 20.36
N LEU C 456 -6.81 -28.62 19.55
CA LEU C 456 -7.22 -28.55 18.14
C LEU C 456 -6.77 -29.79 17.35
N GLU C 457 -7.44 -30.02 16.21
CA GLU C 457 -7.13 -31.15 15.34
C GLU C 457 -5.66 -31.21 14.91
N ASN C 458 -4.96 -30.07 14.99
CA ASN C 458 -3.58 -29.97 14.55
C ASN C 458 -2.57 -30.16 15.69
N GLY C 459 -3.05 -30.60 16.84
CA GLY C 459 -2.19 -30.93 17.94
C GLY C 459 -1.74 -29.70 18.71
N THR C 460 -2.44 -28.61 18.57
CA THR C 460 -2.13 -27.41 19.32
C THR C 460 -3.33 -26.99 20.17
N TRP C 461 -3.07 -26.42 21.33
CA TRP C 461 -4.12 -25.91 22.19
C TRP C 461 -4.74 -24.65 21.60
N ALA C 462 -6.06 -24.60 21.61
CA ALA C 462 -6.80 -23.37 21.40
C ALA C 462 -6.26 -22.31 22.34
N SER C 463 -6.21 -21.07 21.85
CA SER C 463 -5.61 -19.97 22.63
C SER C 463 -6.60 -19.47 23.67
N LYS C 464 -7.88 -19.56 23.36
CA LYS C 464 -8.91 -19.21 24.32
C LYS C 464 -9.27 -20.37 25.25
N ILE C 465 -9.32 -20.06 26.54
CA ILE C 465 -9.77 -21.01 27.54
C ILE C 465 -11.08 -20.53 28.18
N ASN C 466 -12.10 -21.38 28.09
CA ASN C 466 -13.40 -21.08 28.68
C ASN C 466 -13.41 -21.19 30.20
N TYR C 467 -13.43 -20.04 30.87
CA TYR C 467 -13.48 -20.00 32.32
C TYR C 467 -14.82 -19.46 32.81
N SER C 468 -15.80 -19.43 31.91
CA SER C 468 -17.09 -18.78 32.18
C SER C 468 -17.86 -19.35 33.36
N GLN C 469 -17.56 -20.60 33.73
CA GLN C 469 -18.30 -21.33 34.75
C GLN C 469 -17.71 -21.26 36.15
N CYS C 470 -16.55 -20.62 36.26
CA CYS C 470 -15.87 -20.49 37.54
C CYS C 470 -16.36 -19.29 38.37
N GLU C 471 -17.17 -19.59 39.39
CA GLU C 471 -17.72 -18.55 40.26
C GLU C 471 -16.85 -18.44 41.50
N PRO C 472 -16.61 -17.18 41.96
CA PRO C 472 -16.01 -16.95 43.26
C PRO C 472 -16.90 -17.53 44.35
N ILE C 473 -16.32 -17.78 45.52
CA ILE C 473 -17.11 -18.05 46.71
C ILE C 473 -17.24 -16.72 47.46
N LEU C 474 -18.46 -16.25 47.67
CA LEU C 474 -18.65 -14.95 48.35
C LEU C 474 -19.01 -15.13 49.82
N LYS D 3 -31.37 -9.61 -42.82
CA LYS D 3 -32.03 -10.38 -41.72
C LYS D 3 -31.40 -11.77 -41.54
N ILE D 4 -30.61 -11.94 -40.48
CA ILE D 4 -29.97 -13.22 -40.17
C ILE D 4 -30.96 -14.15 -39.47
N GLU D 5 -30.89 -15.44 -39.83
CA GLU D 5 -31.78 -16.46 -39.30
C GLU D 5 -31.50 -16.76 -37.83
N GLU D 6 -32.56 -16.90 -37.05
CA GLU D 6 -32.45 -17.22 -35.63
C GLU D 6 -32.44 -18.74 -35.46
N GLY D 7 -31.51 -19.23 -34.64
CA GLY D 7 -31.41 -20.67 -34.38
C GLY D 7 -30.44 -21.44 -35.26
N LYS D 8 -29.55 -20.72 -35.94
CA LYS D 8 -28.49 -21.33 -36.74
C LYS D 8 -27.28 -20.39 -36.79
N LEU D 9 -26.17 -20.89 -37.32
CA LEU D 9 -24.96 -20.09 -37.46
C LEU D 9 -24.46 -20.12 -38.90
N VAL D 10 -24.30 -18.94 -39.51
CA VAL D 10 -23.67 -18.84 -40.83
C VAL D 10 -22.28 -18.25 -40.64
N ILE D 11 -21.27 -18.95 -41.17
CA ILE D 11 -19.88 -18.55 -40.98
C ILE D 11 -19.19 -18.24 -42.32
N TRP D 12 -18.48 -17.12 -42.36
CA TRP D 12 -17.71 -16.73 -43.52
C TRP D 12 -16.24 -16.83 -43.18
N ILE D 13 -15.50 -17.50 -44.06
CA ILE D 13 -14.04 -17.55 -43.98
C ILE D 13 -13.51 -17.46 -45.42
N ASN D 14 -12.24 -17.11 -45.58
CA ASN D 14 -11.62 -16.98 -46.90
C ASN D 14 -11.43 -18.34 -47.56
N GLY D 15 -11.60 -18.38 -48.90
CA GLY D 15 -11.48 -19.63 -49.66
C GLY D 15 -10.12 -20.34 -49.63
N ASP D 16 -9.08 -19.61 -49.24
CA ASP D 16 -7.74 -20.19 -49.12
C ASP D 16 -7.53 -20.96 -47.82
N LYS D 17 -8.40 -20.74 -46.85
CA LYS D 17 -8.27 -21.33 -45.51
C LYS D 17 -9.03 -22.66 -45.33
N GLY D 18 -8.82 -23.31 -44.19
CA GLY D 18 -9.34 -24.66 -43.97
C GLY D 18 -10.83 -24.72 -43.67
N TYR D 19 -11.65 -24.37 -44.65
CA TYR D 19 -13.10 -24.25 -44.41
C TYR D 19 -13.82 -25.59 -44.29
N ASN D 20 -13.29 -26.62 -44.94
CA ASN D 20 -13.86 -27.97 -44.78
C ASN D 20 -13.59 -28.55 -43.40
N GLY D 21 -12.41 -28.27 -42.87
CA GLY D 21 -12.09 -28.56 -41.47
C GLY D 21 -13.05 -27.82 -40.53
N LEU D 22 -13.29 -26.55 -40.81
CA LEU D 22 -14.24 -25.76 -40.03
C LEU D 22 -15.65 -26.33 -40.07
N ALA D 23 -16.10 -26.73 -41.26
CA ALA D 23 -17.41 -27.39 -41.39
C ALA D 23 -17.48 -28.71 -40.62
N GLU D 24 -16.33 -29.35 -40.41
CA GLU D 24 -16.28 -30.54 -39.54
C GLU D 24 -16.56 -30.17 -38.09
N VAL D 25 -15.93 -29.10 -37.63
CA VAL D 25 -16.16 -28.59 -36.27
C VAL D 25 -17.62 -28.16 -36.15
N GLY D 26 -18.14 -27.56 -37.21
CA GLY D 26 -19.57 -27.23 -37.31
C GLY D 26 -20.49 -28.43 -37.28
N LYS D 27 -20.01 -29.55 -37.82
CA LYS D 27 -20.77 -30.80 -37.78
C LYS D 27 -20.88 -31.36 -36.37
N LYS D 28 -19.80 -31.23 -35.61
CA LYS D 28 -19.75 -31.71 -34.22
C LYS D 28 -20.67 -30.88 -33.35
N PHE D 29 -20.73 -29.59 -33.67
CA PHE D 29 -21.60 -28.63 -32.99
C PHE D 29 -23.06 -29.01 -33.22
N GLU D 30 -23.38 -29.41 -34.45
CA GLU D 30 -24.74 -29.76 -34.85
C GLU D 30 -25.22 -31.08 -34.24
N LYS D 31 -24.34 -32.08 -34.18
CA LYS D 31 -24.65 -33.33 -33.49
C LYS D 31 -25.00 -33.00 -32.06
N ASP D 32 -24.13 -32.22 -31.42
CA ASP D 32 -24.29 -31.87 -30.02
C ASP D 32 -25.56 -31.02 -29.82
N THR D 33 -25.61 -29.81 -30.39
CA THR D 33 -26.68 -28.86 -30.07
C THR D 33 -27.93 -28.87 -30.97
N GLY D 34 -27.90 -29.61 -32.07
CA GLY D 34 -28.99 -29.56 -33.06
C GLY D 34 -29.00 -28.27 -33.87
N ILE D 35 -27.98 -27.43 -33.67
CA ILE D 35 -27.85 -26.14 -34.35
C ILE D 35 -27.03 -26.22 -35.65
N LYS D 36 -27.73 -26.16 -36.77
CA LYS D 36 -27.15 -26.19 -38.11
C LYS D 36 -26.10 -25.08 -38.32
N VAL D 37 -24.86 -25.47 -38.58
CA VAL D 37 -23.78 -24.52 -38.86
C VAL D 37 -23.43 -24.60 -40.34
N THR D 38 -23.57 -23.48 -41.04
CA THR D 38 -23.23 -23.41 -42.46
C THR D 38 -21.95 -22.57 -42.65
N VAL D 39 -20.98 -23.14 -43.35
CA VAL D 39 -19.72 -22.46 -43.63
C VAL D 39 -19.70 -22.03 -45.11
N GLU D 40 -19.55 -20.72 -45.35
CA GLU D 40 -19.42 -20.17 -46.70
C GLU D 40 -18.08 -19.49 -46.89
N HIS D 41 -17.67 -19.40 -48.16
CA HIS D 41 -16.43 -18.69 -48.57
C HIS D 41 -16.66 -17.82 -49.82
N PRO D 42 -17.30 -16.65 -49.64
CA PRO D 42 -17.55 -15.75 -50.75
C PRO D 42 -16.25 -15.07 -51.23
N ASP D 43 -16.24 -14.62 -52.48
CA ASP D 43 -15.17 -13.78 -52.99
C ASP D 43 -15.20 -12.43 -52.33
N LYS D 44 -14.03 -11.87 -52.05
CA LYS D 44 -13.93 -10.50 -51.57
C LYS D 44 -14.74 -10.32 -50.29
N LEU D 45 -14.62 -11.30 -49.39
CA LEU D 45 -15.49 -11.36 -48.23
C LEU D 45 -15.26 -10.19 -47.27
N GLU D 46 -14.00 -9.72 -47.20
CA GLU D 46 -13.64 -8.60 -46.32
C GLU D 46 -14.25 -7.28 -46.78
N GLU D 47 -14.77 -7.26 -48.00
CA GLU D 47 -15.43 -6.08 -48.56
C GLU D 47 -16.93 -6.24 -48.52
N LYS D 48 -17.42 -7.46 -48.75
CA LYS D 48 -18.86 -7.74 -48.67
C LYS D 48 -19.41 -7.66 -47.25
N PHE D 49 -18.64 -8.13 -46.28
CA PHE D 49 -19.10 -8.10 -44.89
C PHE D 49 -19.58 -6.73 -44.42
N PRO D 50 -18.75 -5.67 -44.58
CA PRO D 50 -19.22 -4.35 -44.13
C PRO D 50 -20.37 -3.80 -44.97
N GLN D 51 -20.50 -4.24 -46.21
CA GLN D 51 -21.64 -3.88 -47.07
C GLN D 51 -22.94 -4.46 -46.56
N VAL D 52 -22.96 -5.79 -46.40
CA VAL D 52 -24.20 -6.49 -45.97
C VAL D 52 -24.50 -6.37 -44.46
N ALA D 53 -23.45 -6.39 -43.62
CA ALA D 53 -23.60 -6.24 -42.17
C ALA D 53 -24.18 -4.88 -41.81
N ALA D 54 -23.91 -3.88 -42.66
CA ALA D 54 -24.43 -2.52 -42.51
C ALA D 54 -25.95 -2.45 -42.49
N THR D 55 -26.58 -3.52 -42.95
CA THR D 55 -28.05 -3.55 -43.10
C THR D 55 -28.72 -4.56 -42.17
N GLY D 56 -27.95 -5.13 -41.24
CA GLY D 56 -28.46 -6.17 -40.33
C GLY D 56 -28.51 -7.50 -41.05
N ASP D 57 -27.50 -7.76 -41.86
CA ASP D 57 -27.46 -8.94 -42.72
C ASP D 57 -26.05 -9.55 -42.73
N GLY D 58 -25.92 -10.75 -43.31
CA GLY D 58 -24.62 -11.42 -43.44
C GLY D 58 -24.41 -12.57 -42.48
N PRO D 59 -23.13 -12.92 -42.21
CA PRO D 59 -22.85 -14.07 -41.37
C PRO D 59 -23.04 -13.79 -39.90
N ASP D 60 -23.15 -14.86 -39.12
CA ASP D 60 -23.20 -14.74 -37.68
C ASP D 60 -21.78 -14.49 -37.18
N ILE D 61 -20.83 -15.17 -37.81
CA ILE D 61 -19.41 -15.06 -37.47
C ILE D 61 -18.59 -14.74 -38.71
N ILE D 62 -17.56 -13.93 -38.53
CA ILE D 62 -16.63 -13.65 -39.63
C ILE D 62 -15.17 -13.95 -39.30
N PHE D 63 -14.49 -14.54 -40.28
CA PHE D 63 -13.07 -14.84 -40.17
C PHE D 63 -12.26 -13.96 -41.10
N TRP D 64 -11.28 -13.27 -40.52
CA TRP D 64 -10.27 -12.56 -41.30
C TRP D 64 -9.10 -12.23 -40.39
N ALA D 65 -8.00 -11.79 -40.98
CA ALA D 65 -6.91 -11.20 -40.21
C ALA D 65 -7.40 -9.94 -39.50
N HIS D 66 -6.89 -9.72 -38.29
CA HIS D 66 -7.34 -8.67 -37.40
C HIS D 66 -7.32 -7.26 -37.97
N ASP D 67 -6.53 -7.03 -39.01
CA ASP D 67 -6.30 -5.67 -39.52
C ASP D 67 -7.59 -4.98 -39.97
N ARG D 68 -8.55 -5.75 -40.48
CA ARG D 68 -9.82 -5.16 -40.90
C ARG D 68 -10.81 -4.92 -39.76
N PHE D 69 -10.61 -5.61 -38.64
CA PHE D 69 -11.58 -5.63 -37.56
C PHE D 69 -11.77 -4.31 -36.82
N GLY D 70 -10.71 -3.51 -36.76
CA GLY D 70 -10.81 -2.18 -36.18
C GLY D 70 -11.82 -1.35 -36.95
N GLY D 71 -11.69 -1.38 -38.28
CA GLY D 71 -12.61 -0.72 -39.19
C GLY D 71 -14.04 -1.18 -39.03
N TYR D 72 -14.20 -2.45 -38.73
CA TYR D 72 -15.52 -3.03 -38.47
C TYR D 72 -16.11 -2.55 -37.14
N ALA D 73 -15.30 -2.61 -36.09
CA ALA D 73 -15.75 -2.25 -34.74
C ALA D 73 -16.14 -0.78 -34.66
N GLN D 74 -15.36 0.05 -35.35
CA GLN D 74 -15.61 1.48 -35.48
C GLN D 74 -16.99 1.78 -36.07
N SER D 75 -17.35 1.03 -37.12
CA SER D 75 -18.64 1.17 -37.78
C SER D 75 -19.77 0.49 -36.99
N GLY D 76 -19.41 -0.09 -35.86
CA GLY D 76 -20.35 -0.75 -34.96
C GLY D 76 -20.91 -2.07 -35.47
N LEU D 77 -20.10 -2.81 -36.22
CA LEU D 77 -20.56 -4.04 -36.87
C LEU D 77 -20.24 -5.32 -36.09
N LEU D 78 -19.29 -5.22 -35.17
CA LEU D 78 -18.90 -6.36 -34.35
C LEU D 78 -19.44 -6.25 -32.94
N ALA D 79 -19.99 -7.36 -32.43
CA ALA D 79 -20.42 -7.46 -31.05
C ALA D 79 -19.21 -7.58 -30.14
N GLU D 80 -19.29 -6.98 -28.95
CA GLU D 80 -18.22 -7.14 -27.97
C GLU D 80 -18.22 -8.59 -27.45
N ILE D 81 -17.04 -9.19 -27.38
CA ILE D 81 -16.91 -10.56 -26.89
C ILE D 81 -16.57 -10.56 -25.39
N THR D 82 -17.08 -11.57 -24.68
CA THR D 82 -17.01 -11.60 -23.23
C THR D 82 -16.47 -12.92 -22.67
N PRO D 83 -15.20 -13.25 -22.98
CA PRO D 83 -14.63 -14.47 -22.38
C PRO D 83 -14.19 -14.23 -20.94
N ASP D 84 -14.34 -15.23 -20.08
CA ASP D 84 -13.88 -15.09 -18.70
C ASP D 84 -12.36 -15.14 -18.59
N LYS D 85 -11.85 -14.84 -17.40
CA LYS D 85 -10.43 -14.91 -17.07
C LYS D 85 -9.79 -16.24 -17.51
N ALA D 86 -10.38 -17.35 -17.06
CA ALA D 86 -9.90 -18.71 -17.34
C ALA D 86 -9.70 -19.03 -18.82
N PHE D 87 -10.58 -18.50 -19.67
CA PHE D 87 -10.47 -18.71 -21.11
C PHE D 87 -9.37 -17.86 -21.74
N GLN D 88 -9.15 -16.67 -21.16
CA GLN D 88 -8.14 -15.75 -21.64
C GLN D 88 -6.73 -16.28 -21.38
N ASP D 89 -6.56 -16.98 -20.27
CA ASP D 89 -5.30 -17.65 -19.95
C ASP D 89 -4.93 -18.76 -20.94
N LYS D 90 -5.93 -19.34 -21.60
CA LYS D 90 -5.70 -20.42 -22.57
C LYS D 90 -5.04 -19.92 -23.86
N LEU D 91 -5.15 -18.61 -24.11
CA LEU D 91 -4.57 -18.00 -25.32
C LEU D 91 -3.42 -17.03 -24.98
N TYR D 92 -2.46 -16.91 -25.91
CA TYR D 92 -1.32 -15.99 -25.75
C TYR D 92 -1.79 -14.54 -25.65
N PRO D 93 -1.24 -13.79 -24.68
CA PRO D 93 -1.62 -12.39 -24.50
C PRO D 93 -1.48 -11.54 -25.77
N PHE D 94 -0.38 -11.72 -26.52
CA PHE D 94 -0.14 -10.87 -27.69
C PHE D 94 -1.17 -11.05 -28.81
N THR D 95 -1.84 -12.21 -28.83
CA THR D 95 -2.89 -12.44 -29.81
C THR D 95 -4.15 -11.70 -29.43
N TRP D 96 -4.39 -11.55 -28.12
CA TRP D 96 -5.52 -10.76 -27.63
C TRP D 96 -5.29 -9.30 -27.94
N ASP D 97 -4.04 -8.84 -27.79
CA ASP D 97 -3.68 -7.44 -28.08
C ASP D 97 -4.10 -7.03 -29.48
N ALA D 98 -3.93 -7.96 -30.43
CA ALA D 98 -4.25 -7.72 -31.84
C ALA D 98 -5.76 -7.64 -32.14
N VAL D 99 -6.58 -8.12 -31.22
CA VAL D 99 -8.04 -8.00 -31.36
C VAL D 99 -8.66 -6.98 -30.39
N ARG D 100 -7.81 -6.18 -29.73
CA ARG D 100 -8.30 -5.13 -28.82
C ARG D 100 -8.44 -3.81 -29.54
N TYR D 101 -9.68 -3.31 -29.57
CA TYR D 101 -9.97 -2.01 -30.13
C TYR D 101 -10.70 -1.12 -29.12
N ASN D 102 -10.09 0.02 -28.79
CA ASN D 102 -10.64 0.93 -27.81
C ASN D 102 -10.75 0.28 -26.43
N GLY D 103 -9.80 -0.59 -26.10
CA GLY D 103 -9.84 -1.32 -24.84
C GLY D 103 -10.82 -2.50 -24.85
N LYS D 104 -11.75 -2.49 -25.80
CA LYS D 104 -12.74 -3.55 -25.93
C LYS D 104 -12.17 -4.68 -26.77
N LEU D 105 -12.48 -5.91 -26.40
CA LEU D 105 -12.14 -7.08 -27.20
C LEU D 105 -13.25 -7.30 -28.22
N ILE D 106 -12.86 -7.36 -29.49
CA ILE D 106 -13.84 -7.36 -30.59
C ILE D 106 -13.82 -8.61 -31.48
N ALA D 107 -12.95 -9.56 -31.15
CA ALA D 107 -12.82 -10.83 -31.89
C ALA D 107 -12.00 -11.87 -31.14
N TYR D 108 -12.18 -13.14 -31.48
CA TYR D 108 -11.35 -14.20 -30.95
C TYR D 108 -10.15 -14.42 -31.86
N PRO D 109 -8.94 -14.44 -31.29
CA PRO D 109 -7.75 -14.78 -32.07
C PRO D 109 -7.68 -16.30 -32.33
N ILE D 110 -7.27 -16.67 -33.54
CA ILE D 110 -7.23 -18.07 -33.96
C ILE D 110 -5.80 -18.54 -34.21
N ALA D 111 -5.08 -17.79 -35.04
CA ALA D 111 -3.72 -18.16 -35.39
C ALA D 111 -2.92 -16.99 -35.98
N VAL D 112 -1.61 -17.07 -35.78
CA VAL D 112 -0.66 -16.10 -36.31
C VAL D 112 -0.16 -16.55 -37.70
N GLU D 113 -0.32 -15.71 -38.70
CA GLU D 113 0.13 -16.01 -40.05
C GLU D 113 1.23 -15.03 -40.43
N ALA D 114 2.35 -15.55 -40.91
CA ALA D 114 3.35 -14.73 -41.59
C ALA D 114 3.75 -15.42 -42.89
N LEU D 115 4.06 -14.63 -43.91
CA LEU D 115 4.65 -15.17 -45.11
C LEU D 115 6.06 -15.77 -44.88
N SER D 116 6.38 -16.81 -45.63
CA SER D 116 7.71 -17.38 -45.63
C SER D 116 8.16 -17.61 -47.07
N LEU D 117 9.46 -17.84 -47.26
CA LEU D 117 9.99 -18.33 -48.53
C LEU D 117 9.73 -19.83 -48.63
N ILE D 118 9.03 -20.22 -49.70
CA ILE D 118 8.83 -21.63 -49.95
C ILE D 118 9.67 -21.95 -51.17
N TYR D 119 10.42 -23.05 -51.10
CA TYR D 119 11.36 -23.40 -52.18
C TYR D 119 11.40 -24.89 -52.51
N ASN D 120 11.71 -25.18 -53.77
CA ASN D 120 11.80 -26.53 -54.29
C ASN D 120 13.22 -27.04 -54.05
N LYS D 121 13.33 -28.06 -53.20
CA LYS D 121 14.63 -28.57 -52.74
C LYS D 121 15.36 -29.30 -53.83
N ASP D 122 14.63 -29.78 -54.82
CA ASP D 122 15.26 -30.46 -55.94
C ASP D 122 15.82 -29.47 -56.93
N LEU D 123 15.07 -28.40 -57.21
CA LEU D 123 15.57 -27.36 -58.10
C LEU D 123 16.65 -26.51 -57.41
N LEU D 124 16.41 -26.17 -56.14
CA LEU D 124 17.30 -25.32 -55.33
C LEU D 124 17.53 -25.97 -53.98
N PRO D 125 18.61 -26.77 -53.85
CA PRO D 125 18.84 -27.28 -52.50
C PRO D 125 19.26 -26.13 -51.56
N ASN D 126 19.91 -25.08 -52.09
CA ASN D 126 20.32 -23.92 -51.30
C ASN D 126 19.61 -22.63 -51.72
N PRO D 127 18.50 -22.30 -51.04
CA PRO D 127 17.76 -21.08 -51.40
C PRO D 127 18.60 -19.81 -51.11
N PRO D 128 18.44 -18.76 -51.94
CA PRO D 128 19.24 -17.53 -51.77
C PRO D 128 19.00 -16.85 -50.42
N LYS D 129 20.04 -16.24 -49.86
CA LYS D 129 19.86 -15.49 -48.63
C LYS D 129 19.43 -14.06 -48.87
N THR D 130 19.46 -13.62 -50.13
CA THR D 130 19.23 -12.21 -50.45
C THR D 130 18.40 -12.04 -51.71
N TRP D 131 17.55 -11.02 -51.74
CA TRP D 131 16.81 -10.64 -52.95
C TRP D 131 17.71 -10.39 -54.16
N GLU D 132 18.89 -9.84 -53.90
CA GLU D 132 19.84 -9.48 -54.96
C GLU D 132 20.42 -10.66 -55.78
N GLU D 133 20.50 -11.85 -55.19
CA GLU D 133 20.96 -13.03 -55.95
C GLU D 133 19.89 -13.56 -56.90
N ILE D 134 18.63 -13.18 -56.67
CA ILE D 134 17.51 -13.71 -57.46
C ILE D 134 17.60 -13.51 -58.97
N PRO D 135 17.96 -12.29 -59.43
CA PRO D 135 18.19 -12.08 -60.86
C PRO D 135 19.07 -13.13 -61.52
N ALA D 136 20.31 -13.26 -61.05
CA ALA D 136 21.28 -14.22 -61.60
C ALA D 136 20.76 -15.67 -61.51
N LEU D 137 20.08 -15.95 -60.40
CA LEU D 137 19.50 -17.24 -60.14
C LEU D 137 18.41 -17.57 -61.15
N ASP D 138 17.65 -16.55 -61.56
CA ASP D 138 16.64 -16.73 -62.58
C ASP D 138 17.26 -17.02 -63.93
N LYS D 139 18.36 -16.33 -64.23
CA LYS D 139 19.05 -16.57 -65.48
C LYS D 139 19.50 -18.04 -65.56
N GLU D 140 20.04 -18.58 -64.46
CA GLU D 140 20.47 -20.00 -64.41
C GLU D 140 19.31 -20.95 -64.67
N LEU D 141 18.15 -20.65 -64.10
CA LEU D 141 16.98 -21.51 -64.20
C LEU D 141 16.23 -21.39 -65.53
N LYS D 142 16.23 -20.20 -66.15
CA LYS D 142 15.60 -20.01 -67.46
C LYS D 142 16.25 -20.90 -68.51
N ALA D 143 17.56 -21.04 -68.38
CA ALA D 143 18.33 -21.94 -69.24
C ALA D 143 17.93 -23.42 -69.05
N LYS D 144 17.26 -23.76 -67.94
CA LYS D 144 16.72 -25.10 -67.74
C LYS D 144 15.20 -25.13 -67.96
N GLY D 145 14.68 -24.07 -68.58
CA GLY D 145 13.25 -23.97 -68.88
C GLY D 145 12.37 -23.79 -67.66
N LYS D 146 12.98 -23.33 -66.58
CA LYS D 146 12.28 -23.10 -65.33
C LYS D 146 12.37 -21.61 -65.02
N SER D 147 11.91 -21.22 -63.84
CA SER D 147 12.13 -19.86 -63.36
C SER D 147 12.46 -19.86 -61.87
N ALA D 148 12.92 -18.71 -61.37
CA ALA D 148 13.38 -18.64 -59.99
C ALA D 148 12.26 -18.47 -58.97
N LEU D 149 11.35 -17.54 -59.24
CA LEU D 149 10.40 -17.10 -58.24
C LEU D 149 9.09 -16.60 -58.84
N MET D 150 7.97 -17.06 -58.29
CA MET D 150 6.67 -16.56 -58.64
C MET D 150 5.80 -16.48 -57.41
N PHE D 151 5.18 -15.33 -57.21
CA PHE D 151 4.23 -15.11 -56.12
C PHE D 151 3.16 -14.10 -56.53
N ASN D 152 2.12 -13.95 -55.72
CA ASN D 152 1.02 -13.11 -56.10
C ASN D 152 1.41 -11.64 -56.16
N LEU D 153 1.39 -11.06 -57.34
CA LEU D 153 1.74 -9.64 -57.49
C LEU D 153 0.54 -8.71 -57.46
N GLN D 154 -0.66 -9.28 -57.34
CA GLN D 154 -1.90 -8.51 -57.37
C GLN D 154 -2.34 -8.05 -55.98
N GLU D 155 -1.79 -8.65 -54.93
CA GLU D 155 -2.14 -8.30 -53.56
C GLU D 155 -0.92 -7.74 -52.85
N PRO D 156 -1.05 -6.52 -52.29
CA PRO D 156 0.08 -5.81 -51.72
C PRO D 156 0.70 -6.52 -50.52
N TYR D 157 -0.07 -7.44 -49.93
CA TYR D 157 0.37 -8.27 -48.82
C TYR D 157 1.67 -9.03 -49.12
N PHE D 158 1.83 -9.41 -50.39
CA PHE D 158 2.95 -10.27 -50.79
C PHE D 158 4.25 -9.54 -51.09
N THR D 159 4.15 -8.30 -51.56
CA THR D 159 5.33 -7.56 -51.90
C THR D 159 5.72 -6.68 -50.73
N TRP D 160 4.75 -6.41 -49.87
CA TRP D 160 5.03 -5.63 -48.66
C TRP D 160 6.36 -6.00 -47.97
N PRO D 161 6.58 -7.29 -47.66
CA PRO D 161 7.82 -7.63 -46.94
C PRO D 161 9.07 -6.96 -47.55
N LEU D 162 9.11 -6.89 -48.88
CA LEU D 162 10.22 -6.29 -49.62
C LEU D 162 10.21 -4.77 -49.55
N ILE D 163 9.03 -4.17 -49.62
CA ILE D 163 8.87 -2.72 -49.49
C ILE D 163 9.25 -2.25 -48.09
N ALA D 164 9.00 -3.10 -47.10
CA ALA D 164 9.28 -2.76 -45.70
C ALA D 164 10.71 -3.04 -45.33
N ALA D 165 11.34 -3.98 -46.05
CA ALA D 165 12.69 -4.40 -45.73
C ALA D 165 13.63 -3.25 -45.41
N ASP D 166 13.75 -2.28 -46.32
CA ASP D 166 14.76 -1.20 -46.17
C ASP D 166 14.21 0.08 -45.53
N GLY D 167 13.01 0.00 -44.95
CA GLY D 167 12.53 1.10 -44.12
C GLY D 167 11.14 1.63 -44.38
N GLY D 168 10.45 1.06 -45.37
CA GLY D 168 9.06 1.43 -45.63
C GLY D 168 8.18 0.96 -44.49
N TYR D 169 7.18 1.77 -44.13
CA TYR D 169 6.25 1.40 -43.05
C TYR D 169 4.84 1.94 -43.31
N ALA D 170 3.85 1.32 -42.68
CA ALA D 170 2.46 1.76 -42.82
C ALA D 170 2.26 3.01 -41.99
N PHE D 171 1.94 2.85 -40.70
CA PHE D 171 1.73 3.99 -39.79
C PHE D 171 2.75 4.00 -38.66
N LYS D 172 3.38 5.16 -38.41
CA LYS D 172 4.46 5.23 -37.41
C LYS D 172 3.93 4.98 -36.01
N TYR D 173 4.51 4.00 -35.34
CA TYR D 173 4.11 3.67 -33.98
C TYR D 173 5.04 4.34 -32.97
N GLU D 174 4.43 4.99 -31.97
CA GLU D 174 5.15 5.56 -30.83
C GLU D 174 4.20 6.15 -29.79
N ASN D 175 4.60 6.02 -28.52
CA ASN D 175 3.78 6.38 -27.38
C ASN D 175 2.46 5.61 -27.40
N GLY D 176 2.56 4.29 -27.53
CA GLY D 176 1.39 3.41 -27.59
C GLY D 176 0.33 3.76 -28.63
N LYS D 177 0.74 4.47 -29.68
CA LYS D 177 -0.20 5.02 -30.66
C LYS D 177 0.36 5.05 -32.06
N TYR D 178 -0.48 4.65 -33.02
CA TYR D 178 -0.17 4.82 -34.43
C TYR D 178 -0.51 6.22 -34.88
N ASP D 179 0.50 6.92 -35.38
CA ASP D 179 0.34 8.27 -35.90
C ASP D 179 -0.12 8.18 -37.36
N ILE D 180 -1.40 8.49 -37.57
CA ILE D 180 -2.04 8.34 -38.89
C ILE D 180 -1.67 9.47 -39.86
N LYS D 181 -0.88 10.44 -39.37
CA LYS D 181 -0.37 11.53 -40.20
C LYS D 181 1.05 11.20 -40.68
N ASP D 182 1.62 10.14 -40.12
CA ASP D 182 2.96 9.73 -40.47
C ASP D 182 2.91 8.38 -41.18
N VAL D 183 2.84 8.41 -42.51
CA VAL D 183 2.77 7.22 -43.35
C VAL D 183 4.12 7.03 -44.02
N GLY D 184 4.62 5.78 -44.04
CA GLY D 184 5.98 5.49 -44.51
C GLY D 184 6.01 4.70 -45.79
N VAL D 185 5.17 5.10 -46.73
CA VAL D 185 4.97 4.38 -47.96
C VAL D 185 5.80 5.02 -49.07
N ASP D 186 6.35 6.20 -48.82
CA ASP D 186 7.04 6.95 -49.87
C ASP D 186 8.45 7.37 -49.47
N ASN D 187 9.02 6.71 -48.47
CA ASN D 187 10.40 6.98 -48.07
C ASN D 187 11.43 6.26 -48.96
N ALA D 188 12.70 6.55 -48.72
CA ALA D 188 13.80 5.95 -49.48
C ALA D 188 13.66 4.41 -49.53
N GLY D 189 13.42 3.82 -48.36
CA GLY D 189 13.28 2.37 -48.21
C GLY D 189 12.20 1.75 -49.09
N ALA D 190 10.97 2.23 -48.91
CA ALA D 190 9.87 1.88 -49.79
C ALA D 190 10.23 2.03 -51.29
N LYS D 191 10.85 3.14 -51.68
CA LYS D 191 11.25 3.34 -53.08
C LYS D 191 12.24 2.27 -53.56
N ALA D 192 13.21 1.96 -52.70
CA ALA D 192 14.24 1.00 -53.03
C ALA D 192 13.60 -0.37 -53.24
N GLY D 193 12.77 -0.78 -52.28
CA GLY D 193 12.07 -2.06 -52.31
C GLY D 193 11.22 -2.26 -53.56
N LEU D 194 10.43 -1.26 -53.90
CA LEU D 194 9.53 -1.36 -55.04
C LEU D 194 10.30 -1.28 -56.35
N THR D 195 11.40 -0.52 -56.35
CA THR D 195 12.20 -0.39 -57.56
C THR D 195 12.82 -1.74 -57.90
N PHE D 196 13.29 -2.46 -56.87
CA PHE D 196 13.82 -3.78 -57.10
C PHE D 196 12.79 -4.70 -57.73
N LEU D 197 11.55 -4.66 -57.23
CA LEU D 197 10.47 -5.47 -57.77
C LEU D 197 10.14 -5.12 -59.22
N VAL D 198 9.97 -3.83 -59.50
CA VAL D 198 9.68 -3.37 -60.84
C VAL D 198 10.82 -3.79 -61.78
N ASP D 199 12.06 -3.66 -61.32
CA ASP D 199 13.20 -4.05 -62.16
C ASP D 199 13.23 -5.54 -62.47
N LEU D 200 12.85 -6.37 -61.50
CA LEU D 200 12.75 -7.81 -61.76
C LEU D 200 11.81 -8.05 -62.94
N ILE D 201 10.77 -7.23 -63.02
CA ILE D 201 9.76 -7.36 -64.05
C ILE D 201 10.26 -6.81 -65.38
N LYS D 202 10.82 -5.60 -65.35
CA LYS D 202 11.41 -5.02 -66.55
C LYS D 202 12.44 -5.97 -67.15
N ASN D 203 13.19 -6.64 -66.27
CA ASN D 203 14.22 -7.60 -66.71
C ASN D 203 13.70 -9.02 -66.94
N LYS D 204 12.37 -9.18 -66.88
CA LYS D 204 11.68 -10.41 -67.26
C LYS D 204 12.06 -11.60 -66.38
N HIS D 205 12.42 -11.31 -65.14
CA HIS D 205 12.55 -12.33 -64.10
C HIS D 205 11.22 -12.62 -63.42
N MET D 206 10.23 -11.73 -63.63
CA MET D 206 8.85 -11.92 -63.22
C MET D 206 7.87 -11.25 -64.20
N ASN D 207 6.62 -11.71 -64.17
CA ASN D 207 5.53 -11.19 -65.01
C ASN D 207 4.49 -10.46 -64.16
N ALA D 208 4.14 -9.24 -64.59
CA ALA D 208 3.23 -8.35 -63.84
C ALA D 208 1.80 -8.91 -63.65
N ASP D 209 1.38 -9.77 -64.58
CA ASP D 209 0.13 -10.54 -64.53
C ASP D 209 0.07 -11.62 -63.44
N THR D 210 1.23 -12.06 -62.92
CA THR D 210 1.26 -13.18 -61.99
C THR D 210 0.38 -12.96 -60.73
N ASP D 211 -0.59 -13.85 -60.53
CA ASP D 211 -1.52 -13.76 -59.39
C ASP D 211 -1.45 -15.04 -58.56
N TYR D 212 -2.33 -15.18 -57.59
CA TYR D 212 -2.25 -16.30 -56.66
C TYR D 212 -2.27 -17.66 -57.35
N SER D 213 -3.23 -17.87 -58.24
CA SER D 213 -3.41 -19.22 -58.76
C SER D 213 -2.29 -19.59 -59.71
N ILE D 214 -1.92 -18.65 -60.56
CA ILE D 214 -0.80 -18.82 -61.47
C ILE D 214 0.45 -19.19 -60.68
N ALA D 215 0.79 -18.41 -59.65
CA ALA D 215 1.94 -18.69 -58.82
C ALA D 215 1.82 -20.05 -58.13
N GLU D 216 0.67 -20.37 -57.55
CA GLU D 216 0.50 -21.62 -56.84
C GLU D 216 0.64 -22.84 -57.77
N ALA D 217 0.04 -22.73 -58.95
CA ALA D 217 0.06 -23.82 -59.93
C ALA D 217 1.47 -24.07 -60.47
N ALA D 218 2.18 -23.00 -60.81
CA ALA D 218 3.54 -23.11 -61.32
C ALA D 218 4.44 -23.78 -60.28
N PHE D 219 4.42 -23.30 -59.04
CA PHE D 219 5.24 -23.93 -58.00
C PHE D 219 4.91 -25.40 -57.79
N ASN D 220 3.63 -25.74 -57.76
CA ASN D 220 3.23 -27.09 -57.40
C ASN D 220 3.40 -28.04 -58.58
N LYS D 221 3.75 -27.48 -59.73
CA LYS D 221 4.00 -28.26 -60.93
C LYS D 221 5.49 -28.38 -61.19
N GLY D 222 6.30 -27.82 -60.29
CA GLY D 222 7.76 -27.89 -60.40
C GLY D 222 8.35 -26.96 -61.44
N GLU D 223 7.61 -25.92 -61.80
CA GLU D 223 8.01 -25.05 -62.90
C GLU D 223 8.79 -23.84 -62.43
N THR D 224 8.59 -23.47 -61.17
CA THR D 224 9.34 -22.37 -60.58
C THR D 224 10.03 -22.82 -59.27
N ALA D 225 11.25 -22.34 -59.03
CA ALA D 225 12.04 -22.79 -57.87
C ALA D 225 11.54 -22.32 -56.51
N MET D 226 10.86 -21.17 -56.50
CA MET D 226 10.53 -20.48 -55.26
C MET D 226 9.19 -19.78 -55.32
N THR D 227 8.55 -19.69 -54.17
CA THR D 227 7.32 -18.93 -54.08
C THR D 227 7.26 -18.34 -52.70
N ILE D 228 6.39 -17.35 -52.56
CA ILE D 228 6.15 -16.69 -51.29
C ILE D 228 4.68 -16.86 -50.94
N ASN D 229 4.42 -17.54 -49.84
CA ASN D 229 3.06 -17.79 -49.41
C ASN D 229 3.01 -18.08 -47.93
N GLY D 230 1.80 -18.29 -47.41
CA GLY D 230 1.64 -18.58 -46.00
C GLY D 230 1.30 -20.03 -45.68
N PRO D 231 1.17 -20.36 -44.39
CA PRO D 231 0.89 -21.72 -43.92
C PRO D 231 -0.28 -22.44 -44.61
N TRP D 232 -1.35 -21.74 -44.94
CA TRP D 232 -2.50 -22.32 -45.67
C TRP D 232 -2.11 -22.97 -47.01
N ALA D 233 -1.02 -22.54 -47.59
CA ALA D 233 -0.59 -23.09 -48.86
C ALA D 233 0.16 -24.43 -48.78
N TRP D 234 0.60 -24.86 -47.59
CA TRP D 234 1.50 -26.02 -47.48
C TRP D 234 0.79 -27.30 -47.84
N SER D 235 -0.48 -27.37 -47.47
CA SER D 235 -1.36 -28.49 -47.76
C SER D 235 -1.32 -28.92 -49.23
N ASN D 236 -1.52 -27.95 -50.13
CA ASN D 236 -1.45 -28.22 -51.57
C ASN D 236 -0.08 -28.67 -52.07
N ILE D 237 0.98 -28.18 -51.43
CA ILE D 237 2.31 -28.60 -51.79
C ILE D 237 2.54 -30.06 -51.36
N ASP D 238 1.98 -30.43 -50.22
CA ASP D 238 1.99 -31.82 -49.76
C ASP D 238 1.37 -32.76 -50.77
N THR D 239 0.22 -32.37 -51.33
CA THR D 239 -0.47 -33.16 -52.33
C THR D 239 0.35 -33.24 -53.64
N SER D 240 0.99 -32.14 -54.02
CA SER D 240 1.74 -32.05 -55.26
C SER D 240 3.00 -32.93 -55.26
N LYS D 241 3.48 -33.28 -54.07
CA LYS D 241 4.64 -34.15 -53.90
C LYS D 241 5.98 -33.44 -54.15
N VAL D 242 5.92 -32.15 -54.49
CA VAL D 242 7.13 -31.35 -54.62
C VAL D 242 7.88 -31.43 -53.29
N ASN D 243 9.18 -31.69 -53.36
CA ASN D 243 10.01 -31.68 -52.17
C ASN D 243 10.34 -30.24 -51.80
N TYR D 244 9.60 -29.69 -50.84
CA TYR D 244 9.67 -28.25 -50.52
C TYR D 244 10.22 -27.95 -49.14
N GLY D 245 10.84 -26.79 -49.02
CA GLY D 245 11.24 -26.28 -47.72
C GLY D 245 10.52 -24.99 -47.47
N VAL D 246 10.43 -24.62 -46.19
CA VAL D 246 9.91 -23.32 -45.79
C VAL D 246 11.03 -22.64 -44.99
N THR D 247 11.44 -21.45 -45.42
CA THR D 247 12.57 -20.79 -44.79
C THR D 247 12.40 -19.29 -44.59
N VAL D 248 13.43 -18.69 -43.99
CA VAL D 248 13.46 -17.25 -43.81
C VAL D 248 13.44 -16.57 -45.18
N LEU D 249 12.68 -15.47 -45.26
CA LEU D 249 12.64 -14.61 -46.43
C LEU D 249 14.02 -13.98 -46.71
N PRO D 250 14.32 -13.73 -48.00
CA PRO D 250 15.59 -13.15 -48.39
C PRO D 250 15.74 -11.75 -47.81
N THR D 251 16.99 -11.33 -47.59
CA THR D 251 17.27 -9.97 -47.18
C THR D 251 17.26 -9.01 -48.40
N PHE D 252 17.07 -7.72 -48.11
CA PHE D 252 17.22 -6.67 -49.12
C PHE D 252 18.12 -5.57 -48.57
N LYS D 253 19.14 -5.19 -49.33
CA LYS D 253 20.17 -4.26 -48.84
C LYS D 253 20.72 -4.67 -47.46
N GLY D 254 20.81 -5.99 -47.25
CA GLY D 254 21.27 -6.53 -45.98
C GLY D 254 20.24 -6.51 -44.86
N GLN D 255 19.04 -5.98 -45.16
CA GLN D 255 17.97 -5.91 -44.16
C GLN D 255 16.95 -7.03 -44.32
N PRO D 256 16.46 -7.58 -43.20
CA PRO D 256 15.49 -8.67 -43.26
C PRO D 256 14.19 -8.19 -43.91
N SER D 257 13.53 -9.09 -44.63
CA SER D 257 12.22 -8.77 -45.15
C SER D 257 11.25 -8.71 -43.99
N LYS D 258 10.34 -7.74 -44.01
CA LYS D 258 9.46 -7.49 -42.89
C LYS D 258 7.99 -7.73 -43.25
N PRO D 259 7.55 -8.99 -43.18
CA PRO D 259 6.17 -9.29 -43.52
C PRO D 259 5.22 -8.71 -42.49
N PHE D 260 4.07 -8.22 -42.94
CA PHE D 260 3.01 -7.80 -42.03
C PHE D 260 2.36 -9.05 -41.48
N VAL D 261 2.48 -9.24 -40.17
CA VAL D 261 1.97 -10.42 -39.51
C VAL D 261 0.47 -10.28 -39.23
N GLY D 262 -0.29 -11.29 -39.60
CA GLY D 262 -1.71 -11.28 -39.37
C GLY D 262 -2.10 -12.19 -38.22
N VAL D 263 -3.26 -11.94 -37.64
CA VAL D 263 -3.85 -12.86 -36.69
C VAL D 263 -5.21 -13.18 -37.23
N LEU D 264 -5.40 -14.43 -37.63
CA LEU D 264 -6.71 -14.86 -38.06
C LEU D 264 -7.64 -14.76 -36.84
N SER D 265 -8.82 -14.18 -37.05
CA SER D 265 -9.68 -13.82 -35.95
C SER D 265 -11.15 -14.06 -36.28
N ALA D 266 -11.92 -14.43 -35.25
CA ALA D 266 -13.35 -14.64 -35.40
C ALA D 266 -14.13 -13.57 -34.66
N GLY D 267 -14.84 -12.76 -35.43
CA GLY D 267 -15.64 -11.70 -34.88
C GLY D 267 -17.10 -12.06 -35.00
N ILE D 268 -17.89 -11.60 -34.04
CA ILE D 268 -19.31 -11.83 -34.06
C ILE D 268 -20.01 -10.59 -34.60
N ASN D 269 -20.87 -10.82 -35.59
CA ASN D 269 -21.74 -9.80 -36.16
C ASN D 269 -22.65 -9.19 -35.08
N ALA D 270 -22.60 -7.86 -34.97
CA ALA D 270 -23.37 -7.13 -33.97
C ALA D 270 -24.88 -7.26 -34.19
N ALA D 271 -25.27 -7.56 -35.43
CA ALA D 271 -26.68 -7.70 -35.79
C ALA D 271 -27.21 -9.13 -35.66
N SER D 272 -26.31 -10.09 -35.40
CA SER D 272 -26.68 -11.50 -35.24
C SER D 272 -27.51 -11.78 -33.98
N PRO D 273 -28.65 -12.50 -34.14
CA PRO D 273 -29.49 -12.84 -32.97
C PRO D 273 -28.98 -14.07 -32.24
N ASN D 274 -27.86 -14.61 -32.71
CA ASN D 274 -27.32 -15.89 -32.26
C ASN D 274 -25.96 -15.77 -31.57
N LYS D 275 -25.74 -14.67 -30.86
CA LYS D 275 -24.46 -14.39 -30.22
C LYS D 275 -24.00 -15.42 -29.20
N GLU D 276 -24.94 -15.97 -28.42
CA GLU D 276 -24.61 -17.03 -27.47
C GLU D 276 -24.13 -18.29 -28.18
N LEU D 277 -24.88 -18.72 -29.19
CA LEU D 277 -24.52 -19.87 -30.01
C LEU D 277 -23.11 -19.72 -30.60
N ALA D 278 -22.81 -18.53 -31.09
CA ALA D 278 -21.50 -18.22 -31.67
C ALA D 278 -20.38 -18.28 -30.63
N LYS D 279 -20.66 -17.76 -29.44
CA LYS D 279 -19.72 -17.78 -28.32
C LYS D 279 -19.45 -19.22 -27.87
N GLU D 280 -20.53 -20.00 -27.77
CA GLU D 280 -20.45 -21.45 -27.48
C GLU D 280 -19.53 -22.10 -28.49
N PHE D 281 -19.82 -21.86 -29.77
CA PHE D 281 -19.12 -22.52 -30.88
C PHE D 281 -17.64 -22.22 -30.89
N LEU D 282 -17.30 -20.96 -30.67
CA LEU D 282 -15.92 -20.52 -30.78
C LEU D 282 -15.10 -20.94 -29.57
N GLU D 283 -15.71 -20.84 -28.39
CA GLU D 283 -15.01 -21.12 -27.13
C GLU D 283 -14.92 -22.60 -26.79
N ASN D 284 -16.03 -23.32 -26.96
CA ASN D 284 -16.12 -24.72 -26.56
C ASN D 284 -15.90 -25.74 -27.68
N TYR D 285 -15.85 -25.27 -28.91
CA TYR D 285 -15.69 -26.17 -30.04
C TYR D 285 -14.45 -25.91 -30.88
N LEU D 286 -14.32 -24.67 -31.40
CA LEU D 286 -13.21 -24.33 -32.27
C LEU D 286 -11.89 -24.11 -31.53
N LEU D 287 -11.92 -23.32 -30.46
CA LEU D 287 -10.68 -23.08 -29.71
C LEU D 287 -10.37 -24.23 -28.74
N THR D 288 -10.50 -25.45 -29.25
CA THR D 288 -10.05 -26.65 -28.56
C THR D 288 -9.02 -27.32 -29.46
N ASP D 289 -8.16 -28.15 -28.89
CA ASP D 289 -7.18 -28.86 -29.71
C ASP D 289 -7.86 -29.62 -30.86
N GLU D 290 -8.99 -30.27 -30.55
CA GLU D 290 -9.78 -30.98 -31.58
C GLU D 290 -10.37 -30.05 -32.61
N GLY D 291 -10.85 -28.89 -32.18
CA GLY D 291 -11.39 -27.88 -33.08
C GLY D 291 -10.33 -27.36 -34.05
N LEU D 292 -9.19 -26.98 -33.49
CA LEU D 292 -8.07 -26.45 -34.27
C LEU D 292 -7.40 -27.50 -35.14
N GLU D 293 -7.24 -28.71 -34.61
CA GLU D 293 -6.62 -29.78 -35.36
C GLU D 293 -7.41 -30.10 -36.61
N ALA D 294 -8.75 -30.07 -36.51
CA ALA D 294 -9.63 -30.34 -37.65
C ALA D 294 -9.43 -29.34 -38.79
N VAL D 295 -9.25 -28.07 -38.44
CA VAL D 295 -9.01 -27.03 -39.43
C VAL D 295 -7.59 -27.14 -39.97
N ASN D 296 -6.62 -27.23 -39.08
CA ASN D 296 -5.20 -27.33 -39.45
C ASN D 296 -4.90 -28.49 -40.39
N LYS D 297 -5.66 -29.57 -40.26
CA LYS D 297 -5.47 -30.74 -41.12
C LYS D 297 -6.06 -30.56 -42.50
N ASP D 298 -6.96 -29.58 -42.65
CA ASP D 298 -7.42 -29.19 -43.96
C ASP D 298 -6.40 -28.21 -44.60
N LYS D 299 -6.20 -27.07 -43.97
CA LYS D 299 -5.16 -26.13 -44.34
C LYS D 299 -4.49 -25.62 -43.09
N PRO D 300 -3.15 -25.76 -42.99
CA PRO D 300 -2.39 -25.29 -41.83
C PRO D 300 -2.68 -23.83 -41.42
N LEU D 301 -2.88 -23.63 -40.12
CA LEU D 301 -3.29 -22.33 -39.61
C LEU D 301 -2.11 -21.39 -39.34
N GLY D 302 -0.94 -21.97 -39.12
CA GLY D 302 0.23 -21.21 -38.74
C GLY D 302 0.49 -21.46 -37.29
N ALA D 303 0.88 -20.42 -36.56
CA ALA D 303 1.04 -20.53 -35.12
C ALA D 303 -0.28 -20.22 -34.44
N VAL D 304 -0.94 -21.24 -33.92
CA VAL D 304 -2.27 -21.06 -33.36
C VAL D 304 -2.22 -20.22 -32.08
N ALA D 305 -3.36 -19.58 -31.77
CA ALA D 305 -3.46 -18.72 -30.60
C ALA D 305 -3.63 -19.49 -29.29
N LEU D 306 -4.03 -20.76 -29.40
CA LEU D 306 -4.29 -21.63 -28.24
C LEU D 306 -3.00 -22.25 -27.72
N LYS D 307 -2.66 -21.91 -26.47
CA LYS D 307 -1.40 -22.32 -25.84
C LYS D 307 -1.12 -23.81 -25.94
N SER D 308 -2.13 -24.62 -25.63
CA SER D 308 -1.95 -26.07 -25.52
C SER D 308 -1.70 -26.79 -26.85
N TYR D 309 -2.17 -26.22 -27.95
CA TYR D 309 -1.96 -26.84 -29.27
C TYR D 309 -0.76 -26.27 -30.00
N GLU D 310 -0.45 -25.00 -29.76
CA GLU D 310 0.73 -24.36 -30.30
C GLU D 310 2.01 -25.05 -29.82
N GLU D 311 1.99 -25.54 -28.59
CA GLU D 311 3.13 -26.25 -28.02
C GLU D 311 3.52 -27.51 -28.80
N GLU D 312 2.58 -28.04 -29.59
CA GLU D 312 2.81 -29.22 -30.42
C GLU D 312 3.29 -28.78 -31.80
N LEU D 313 2.62 -27.79 -32.38
CA LEU D 313 2.98 -27.29 -33.69
C LEU D 313 4.34 -26.59 -33.70
N ALA D 314 4.76 -26.07 -32.56
CA ALA D 314 6.03 -25.38 -32.43
C ALA D 314 7.23 -26.23 -32.90
N LYS D 315 7.05 -27.55 -32.86
CA LYS D 315 8.09 -28.51 -33.26
C LYS D 315 8.40 -28.44 -34.76
N ASP D 316 7.33 -28.32 -35.55
CA ASP D 316 7.42 -28.30 -37.00
C ASP D 316 8.30 -27.15 -37.49
N PRO D 317 9.46 -27.48 -38.09
CA PRO D 317 10.37 -26.46 -38.62
C PRO D 317 9.70 -25.46 -39.55
N ARG D 318 8.58 -25.85 -40.17
CA ARG D 318 7.79 -24.92 -41.00
C ARG D 318 7.13 -23.83 -40.14
N ILE D 319 6.62 -24.25 -38.97
CA ILE D 319 6.09 -23.30 -38.00
C ILE D 319 7.20 -22.43 -37.41
N ALA D 320 8.36 -23.04 -37.20
CA ALA D 320 9.54 -22.28 -36.74
C ALA D 320 9.92 -21.17 -37.73
N ALA D 321 9.89 -21.50 -39.02
CA ALA D 321 10.21 -20.53 -40.06
C ALA D 321 9.17 -19.41 -40.11
N THR D 322 7.92 -19.80 -39.89
CA THR D 322 6.82 -18.86 -39.85
C THR D 322 7.09 -17.81 -38.77
N MET D 323 7.49 -18.27 -37.60
CA MET D 323 7.69 -17.39 -36.46
C MET D 323 8.91 -16.48 -36.61
N GLU D 324 9.94 -16.96 -37.30
CA GLU D 324 11.15 -16.18 -37.51
C GLU D 324 10.85 -15.05 -38.48
N ASN D 325 10.07 -15.37 -39.50
CA ASN D 325 9.60 -14.35 -40.42
C ASN D 325 8.64 -13.39 -39.69
N ALA D 326 7.77 -13.92 -38.85
CA ALA D 326 6.87 -13.09 -38.04
C ALA D 326 7.59 -12.13 -37.11
N GLN D 327 8.70 -12.59 -36.53
CA GLN D 327 9.49 -11.79 -35.60
C GLN D 327 10.25 -10.67 -36.29
N LYS D 328 10.65 -10.89 -37.53
CA LYS D 328 11.42 -9.89 -38.27
C LYS D 328 10.50 -8.85 -38.89
N GLY D 329 9.23 -9.22 -39.06
CA GLY D 329 8.17 -8.32 -39.49
C GLY D 329 7.53 -7.68 -38.28
N GLU D 330 6.24 -7.36 -38.42
CA GLU D 330 5.56 -6.48 -37.48
C GLU D 330 4.09 -6.86 -37.48
N ILE D 331 3.47 -6.88 -36.30
CA ILE D 331 2.04 -7.15 -36.23
C ILE D 331 1.32 -6.00 -36.92
N MET D 332 0.25 -6.32 -37.65
CA MET D 332 -0.50 -5.30 -38.36
C MET D 332 -1.26 -4.40 -37.39
N PRO D 333 -1.26 -3.07 -37.67
CA PRO D 333 -2.19 -2.18 -37.00
C PRO D 333 -3.62 -2.67 -37.27
N ASN D 334 -4.53 -2.40 -36.34
CA ASN D 334 -5.92 -2.79 -36.56
C ASN D 334 -6.87 -1.61 -36.78
N ILE D 335 -6.28 -0.42 -36.87
CA ILE D 335 -7.00 0.85 -37.02
C ILE D 335 -7.84 0.88 -38.32
N PRO D 336 -8.92 1.67 -38.35
CA PRO D 336 -9.80 1.74 -39.53
C PRO D 336 -9.12 2.18 -40.82
N GLN D 337 -8.00 2.88 -40.67
CA GLN D 337 -7.30 3.47 -41.80
C GLN D 337 -6.50 2.42 -42.57
N MET D 338 -6.43 1.22 -42.01
CA MET D 338 -5.75 0.10 -42.68
C MET D 338 -6.41 -0.18 -44.02
N SER D 339 -7.72 -0.05 -44.07
CA SER D 339 -8.47 -0.20 -45.31
C SER D 339 -7.89 0.68 -46.41
N ALA D 340 -7.77 1.97 -46.13
CA ALA D 340 -7.27 2.94 -47.10
C ALA D 340 -5.79 2.71 -47.43
N PHE D 341 -5.01 2.29 -46.43
CA PHE D 341 -3.60 1.96 -46.63
C PHE D 341 -3.42 0.84 -47.65
N TRP D 342 -4.14 -0.26 -47.46
CA TRP D 342 -3.97 -1.41 -48.35
C TRP D 342 -4.36 -1.07 -49.79
N TYR D 343 -5.46 -0.35 -49.96
CA TYR D 343 -5.96 -0.01 -51.29
C TYR D 343 -5.00 0.91 -52.04
N ALA D 344 -4.41 1.87 -51.32
CA ALA D 344 -3.38 2.73 -51.88
C ALA D 344 -2.14 1.95 -52.33
N VAL D 345 -1.66 1.01 -51.51
CA VAL D 345 -0.47 0.22 -51.85
C VAL D 345 -0.74 -0.77 -52.98
N ARG D 346 -1.93 -1.38 -52.98
CA ARG D 346 -2.37 -2.22 -54.09
C ARG D 346 -2.20 -1.46 -55.40
N THR D 347 -2.84 -0.30 -55.47
CA THR D 347 -2.75 0.58 -56.63
C THR D 347 -1.30 0.92 -56.98
N ALA D 348 -0.49 1.28 -56.00
CA ALA D 348 0.89 1.68 -56.29
C ALA D 348 1.67 0.57 -56.98
N VAL D 349 1.69 -0.61 -56.37
CA VAL D 349 2.34 -1.78 -56.89
C VAL D 349 1.85 -2.17 -58.29
N ILE D 350 0.54 -2.26 -58.48
CA ILE D 350 0.00 -2.66 -59.78
C ILE D 350 0.39 -1.66 -60.88
N ASN D 351 0.19 -0.38 -60.60
CA ASN D 351 0.58 0.70 -61.50
C ASN D 351 2.07 0.70 -61.83
N ALA D 352 2.91 0.47 -60.82
CA ALA D 352 4.36 0.53 -61.01
C ALA D 352 4.87 -0.67 -61.82
N ALA D 353 4.32 -1.84 -61.49
CA ALA D 353 4.62 -3.08 -62.17
C ALA D 353 4.18 -3.08 -63.64
N SER D 354 2.99 -2.57 -63.94
CA SER D 354 2.51 -2.55 -65.33
C SER D 354 3.26 -1.52 -66.18
N GLY D 355 3.94 -0.59 -65.52
CA GLY D 355 4.57 0.55 -66.19
C GLY D 355 3.63 1.72 -66.46
N ARG D 356 2.41 1.67 -65.93
CA ARG D 356 1.49 2.83 -66.02
C ARG D 356 2.11 4.07 -65.38
N GLN D 357 2.85 3.86 -64.29
CA GLN D 357 3.47 4.93 -63.53
C GLN D 357 4.87 4.49 -63.14
N THR D 358 5.78 5.43 -62.99
CA THR D 358 7.10 5.14 -62.43
C THR D 358 6.89 4.78 -60.97
N VAL D 359 7.95 4.29 -60.31
CA VAL D 359 7.89 4.00 -58.89
C VAL D 359 7.61 5.26 -58.05
N ASP D 360 8.32 6.35 -58.35
CA ASP D 360 8.12 7.64 -57.64
C ASP D 360 6.70 8.20 -57.73
N GLU D 361 6.10 8.17 -58.91
CA GLU D 361 4.74 8.67 -59.09
C GLU D 361 3.80 7.79 -58.29
N ALA D 362 3.88 6.48 -58.53
CA ALA D 362 3.00 5.50 -57.89
C ALA D 362 2.98 5.64 -56.37
N LEU D 363 4.15 5.75 -55.76
CA LEU D 363 4.27 5.79 -54.30
C LEU D 363 3.90 7.15 -53.69
N LYS D 364 4.11 8.23 -54.46
CA LYS D 364 3.60 9.55 -54.12
C LYS D 364 2.07 9.50 -53.95
N ASP D 365 1.38 8.99 -54.97
CA ASP D 365 -0.08 8.88 -54.93
C ASP D 365 -0.48 8.02 -53.77
N ALA D 366 0.33 7.00 -53.48
CA ALA D 366 0.06 6.08 -52.40
C ALA D 366 0.10 6.79 -51.05
N GLN D 367 1.12 7.62 -50.86
CA GLN D 367 1.24 8.49 -49.68
C GLN D 367 -0.01 9.39 -49.49
N THR D 368 -0.35 10.14 -50.54
CA THR D 368 -1.52 11.02 -50.58
C THR D 368 -2.85 10.32 -50.27
N ASN D 369 -3.02 9.10 -50.80
CA ASN D 369 -4.26 8.33 -50.60
C ASN D 369 -4.36 7.81 -49.18
N ALA D 370 -3.33 7.07 -48.77
CA ALA D 370 -3.26 6.40 -47.48
C ALA D 370 -3.38 7.32 -46.28
N ALA D 371 -2.85 8.53 -46.39
CA ALA D 371 -2.90 9.47 -45.30
C ALA D 371 -4.15 10.36 -45.35
N ALA D 372 -5.12 9.96 -46.16
CA ALA D 372 -6.32 10.79 -46.45
C ALA D 372 -5.99 12.29 -46.52
N GLU D 373 -4.90 12.61 -47.24
CA GLU D 373 -4.35 13.96 -47.23
C GLU D 373 -5.25 15.00 -47.91
N PHE D 374 -6.00 14.57 -48.91
CA PHE D 374 -7.00 15.42 -49.51
C PHE D 374 -7.96 15.87 -48.43
N ALA D 375 -8.43 14.94 -47.61
CA ALA D 375 -9.36 15.25 -46.51
C ALA D 375 -8.74 16.13 -45.42
N ALA D 376 -7.50 15.86 -44.99
CA ALA D 376 -6.82 16.74 -44.03
C ALA D 376 -6.78 18.19 -44.51
N LEU D 377 -6.43 18.36 -45.79
CA LEU D 377 -6.35 19.65 -46.45
C LEU D 377 -7.70 20.33 -46.52
N LEU D 378 -8.69 19.61 -47.03
CA LEU D 378 -10.08 20.11 -47.03
C LEU D 378 -10.54 20.52 -45.64
N HIS D 379 -10.28 19.67 -44.66
CA HIS D 379 -10.73 19.87 -43.29
C HIS D 379 -10.23 21.19 -42.79
N SER D 380 -8.94 21.44 -42.96
CA SER D 380 -8.35 22.64 -42.40
C SER D 380 -8.87 23.92 -43.08
N LEU D 381 -9.30 23.80 -44.33
CA LEU D 381 -10.01 24.89 -45.00
C LEU D 381 -11.33 25.13 -44.31
N LEU D 382 -12.07 24.06 -44.02
CA LEU D 382 -13.40 24.20 -43.39
C LEU D 382 -13.26 24.72 -41.97
N GLU D 383 -12.16 24.34 -41.33
CA GLU D 383 -11.82 24.85 -40.01
C GLU D 383 -11.53 26.34 -40.10
N ALA D 384 -10.71 26.75 -41.07
CA ALA D 384 -10.42 28.17 -41.26
C ALA D 384 -11.70 28.96 -41.46
N ASN D 385 -12.55 28.47 -42.37
CA ASN D 385 -13.78 29.15 -42.78
C ASN D 385 -14.74 29.33 -41.63
N CYS D 386 -14.86 28.29 -40.79
CA CYS D 386 -15.79 28.26 -39.68
C CYS D 386 -15.41 29.23 -38.59
N SER D 387 -14.11 29.38 -38.40
CA SER D 387 -13.56 30.38 -37.48
C SER D 387 -13.78 31.80 -37.98
N LEU D 388 -13.72 31.97 -39.30
CA LEU D 388 -14.02 33.26 -39.92
C LEU D 388 -15.47 33.64 -39.73
N ALA D 389 -16.34 32.64 -39.87
CA ALA D 389 -17.76 32.88 -39.74
C ALA D 389 -17.99 33.39 -38.33
N LEU D 390 -17.29 32.79 -37.36
CA LEU D 390 -17.31 33.26 -35.97
C LEU D 390 -16.80 34.68 -35.76
N ALA D 391 -15.62 34.96 -36.33
CA ALA D 391 -15.05 36.30 -36.31
C ALA D 391 -16.07 37.36 -36.80
N GLU D 392 -16.60 37.21 -38.01
CA GLU D 392 -17.61 38.16 -38.54
C GLU D 392 -18.79 38.36 -37.60
N GLU D 393 -19.39 37.26 -37.15
CA GLU D 393 -20.47 37.31 -36.14
C GLU D 393 -20.08 38.16 -34.94
N LEU D 394 -18.95 37.85 -34.31
CA LEU D 394 -18.54 38.58 -33.11
C LEU D 394 -18.28 40.05 -33.39
N LEU D 395 -17.68 40.34 -34.54
CA LEU D 395 -17.30 41.71 -34.87
C LEU D 395 -18.52 42.59 -35.01
N LEU D 396 -19.46 42.13 -35.84
CA LEU D 396 -20.74 42.79 -36.07
C LEU D 396 -21.55 42.92 -34.78
N ASP D 397 -21.68 41.80 -34.07
CA ASP D 397 -22.20 41.78 -32.72
C ASP D 397 -21.71 42.99 -31.90
N GLY D 398 -20.41 43.05 -31.64
CA GLY D 398 -19.82 44.13 -30.83
C GLY D 398 -19.34 45.30 -31.66
N TYR D 409 -27.95 36.97 -24.65
CA TYR D 409 -26.74 36.52 -23.95
C TYR D 409 -26.29 35.13 -24.33
N SER D 410 -27.27 34.18 -24.50
CA SER D 410 -26.97 32.70 -24.55
C SER D 410 -27.36 31.77 -25.75
N TYR D 411 -26.36 31.62 -26.59
CA TYR D 411 -26.40 30.94 -27.86
C TYR D 411 -25.71 29.60 -27.77
N CYS D 412 -25.96 28.77 -28.77
CA CYS D 412 -25.09 27.67 -29.10
C CYS D 412 -23.92 28.25 -29.87
N ASN D 413 -22.72 27.90 -29.44
CA ASN D 413 -21.52 28.40 -30.08
C ASN D 413 -21.19 27.74 -31.43
N THR D 414 -20.60 28.50 -32.35
CA THR D 414 -20.14 27.94 -33.61
C THR D 414 -19.34 26.66 -33.36
N THR D 415 -19.70 25.59 -34.07
CA THR D 415 -18.85 24.38 -34.13
C THR D 415 -18.83 23.81 -35.52
N LEU D 416 -17.87 22.92 -35.71
CA LEU D 416 -17.72 22.19 -36.93
C LEU D 416 -17.86 20.71 -36.56
N ASP D 417 -18.88 20.04 -37.09
CA ASP D 417 -19.06 18.62 -36.78
C ASP D 417 -18.10 17.75 -37.57
N GLN D 418 -18.12 16.45 -37.31
CA GLN D 418 -17.13 15.53 -37.89
C GLN D 418 -17.37 15.23 -39.39
N ILE D 419 -18.37 15.89 -39.96
CA ILE D 419 -18.72 15.74 -41.37
C ILE D 419 -18.22 16.94 -42.15
N GLY D 420 -17.91 18.01 -41.44
CA GLY D 420 -17.43 19.22 -42.07
C GLY D 420 -18.43 20.36 -42.22
N THR D 421 -19.59 20.24 -41.59
CA THR D 421 -20.55 21.35 -41.59
C THR D 421 -20.21 22.28 -40.45
N CYS D 422 -20.21 23.58 -40.76
CA CYS D 422 -19.98 24.61 -39.75
C CYS D 422 -21.33 25.12 -39.31
N TRP D 423 -21.68 24.82 -38.07
CA TRP D 423 -22.91 25.29 -37.49
C TRP D 423 -22.66 26.65 -36.87
N PRO D 424 -23.32 27.68 -37.40
CA PRO D 424 -23.07 29.03 -36.91
C PRO D 424 -23.65 29.24 -35.50
N ARG D 425 -23.24 30.33 -34.87
CA ARG D 425 -23.82 30.77 -33.63
C ARG D 425 -25.34 30.93 -33.79
N SER D 426 -26.10 30.30 -32.91
CA SER D 426 -27.55 30.31 -33.04
C SER D 426 -28.23 30.50 -31.70
N ALA D 427 -29.45 31.00 -31.74
CA ALA D 427 -30.28 31.25 -30.55
C ALA D 427 -30.80 29.96 -29.93
N ALA D 428 -30.90 29.93 -28.60
CA ALA D 428 -31.48 28.78 -27.89
C ALA D 428 -32.87 28.49 -28.41
N GLY D 429 -33.14 27.23 -28.72
CA GLY D 429 -34.44 26.83 -29.25
C GLY D 429 -34.58 26.89 -30.77
N ALA D 430 -33.52 27.30 -31.46
CA ALA D 430 -33.55 27.36 -32.92
C ALA D 430 -33.18 26.04 -33.58
N LEU D 431 -33.95 25.69 -34.61
CA LEU D 431 -33.60 24.60 -35.48
C LEU D 431 -32.82 25.23 -36.64
N VAL D 432 -31.56 24.82 -36.78
CA VAL D 432 -30.67 25.43 -37.75
C VAL D 432 -30.52 24.53 -38.99
N GLU D 433 -30.54 25.14 -40.17
CA GLU D 433 -30.25 24.42 -41.39
C GLU D 433 -28.98 24.91 -42.08
N ARG D 434 -28.19 23.96 -42.57
CA ARG D 434 -27.03 24.22 -43.40
C ARG D 434 -27.11 23.36 -44.64
N PRO D 435 -26.54 23.82 -45.76
CA PRO D 435 -26.52 22.94 -46.94
C PRO D 435 -25.70 21.72 -46.64
N CYS D 436 -26.05 20.58 -47.26
CA CYS D 436 -25.29 19.33 -47.12
C CYS D 436 -23.84 19.52 -47.58
N PRO D 437 -22.90 18.82 -46.96
CA PRO D 437 -21.53 19.08 -47.35
C PRO D 437 -21.34 18.72 -48.83
N GLU D 438 -20.48 19.44 -49.53
CA GLU D 438 -20.25 19.16 -50.94
C GLU D 438 -19.42 17.90 -51.13
N TYR D 439 -18.54 17.63 -50.17
CA TYR D 439 -17.69 16.45 -50.21
C TYR D 439 -17.63 15.82 -48.82
N PHE D 440 -17.70 14.50 -48.78
CA PHE D 440 -17.47 13.76 -47.54
C PHE D 440 -16.97 12.35 -47.89
N ASN D 441 -15.91 11.91 -47.22
CA ASN D 441 -15.30 10.58 -47.48
C ASN D 441 -15.30 10.11 -48.94
N GLY D 442 -14.67 10.87 -49.84
CA GLY D 442 -14.60 10.48 -51.26
C GLY D 442 -15.89 10.50 -52.07
N VAL D 443 -16.96 11.03 -51.48
CA VAL D 443 -18.23 11.10 -52.17
C VAL D 443 -18.73 12.55 -52.18
N LYS D 444 -19.29 12.94 -53.33
CA LYS D 444 -19.93 14.24 -53.50
C LYS D 444 -21.43 14.19 -53.21
N TYR D 445 -21.96 15.23 -52.58
CA TYR D 445 -23.37 15.27 -52.20
C TYR D 445 -24.09 16.44 -52.84
N ASN D 446 -25.40 16.29 -53.03
CA ASN D 446 -26.24 17.35 -53.59
C ASN D 446 -26.44 18.46 -52.58
N THR D 447 -25.76 19.59 -52.76
CA THR D 447 -25.78 20.72 -51.83
C THR D 447 -27.07 21.58 -51.84
N THR D 448 -28.02 21.26 -52.70
CA THR D 448 -29.30 21.98 -52.68
C THR D 448 -30.24 21.37 -51.63
N ARG D 449 -29.74 20.34 -50.95
CA ARG D 449 -30.43 19.73 -49.81
C ARG D 449 -29.78 20.19 -48.52
N ASN D 450 -30.54 20.19 -47.44
CA ASN D 450 -30.09 20.70 -46.16
C ASN D 450 -29.93 19.65 -45.07
N ALA D 451 -28.97 19.90 -44.19
CA ALA D 451 -28.83 19.17 -42.94
C ALA D 451 -29.49 20.02 -41.86
N TYR D 452 -29.81 19.41 -40.72
CA TYR D 452 -30.63 20.06 -39.70
C TYR D 452 -30.11 19.74 -38.33
N ARG D 453 -29.91 20.75 -37.51
CA ARG D 453 -29.48 20.56 -36.13
C ARG D 453 -30.14 21.53 -35.18
N GLU D 454 -30.53 21.01 -34.02
CA GLU D 454 -31.24 21.82 -33.03
C GLU D 454 -30.32 22.43 -31.99
N CYS D 455 -30.55 23.71 -31.72
CA CYS D 455 -29.87 24.41 -30.63
C CYS D 455 -30.81 24.39 -29.45
N LEU D 456 -30.48 23.61 -28.43
CA LEU D 456 -31.42 23.36 -27.35
C LEU D 456 -31.73 24.62 -26.53
N GLU D 457 -32.86 24.60 -25.83
CA GLU D 457 -33.26 25.73 -24.99
C GLU D 457 -32.20 26.11 -23.96
N ASN D 458 -31.31 25.16 -23.63
CA ASN D 458 -30.30 25.39 -22.61
C ASN D 458 -28.96 25.87 -23.16
N GLY D 459 -28.95 26.29 -24.42
CA GLY D 459 -27.80 26.88 -25.05
C GLY D 459 -26.77 25.86 -25.43
N THR D 460 -27.17 24.62 -25.63
CA THR D 460 -26.25 23.58 -26.08
C THR D 460 -26.77 22.88 -27.31
N TRP D 461 -25.87 22.47 -28.18
CA TRP D 461 -26.27 21.74 -29.39
C TRP D 461 -26.76 20.35 -29.05
N ALA D 462 -27.90 20.00 -29.63
CA ALA D 462 -28.31 18.61 -29.71
C ALA D 462 -27.12 17.79 -30.22
N SER D 463 -26.95 16.61 -29.64
CA SER D 463 -25.84 15.73 -30.03
C SER D 463 -26.10 15.09 -31.40
N LYS D 464 -27.38 14.81 -31.69
CA LYS D 464 -27.71 14.23 -32.99
C LYS D 464 -27.93 15.29 -34.06
N ILE D 465 -27.30 15.06 -35.20
CA ILE D 465 -27.49 15.90 -36.37
C ILE D 465 -28.24 15.14 -37.48
N ASN D 466 -29.36 15.70 -37.92
CA ASN D 466 -30.14 15.13 -39.00
C ASN D 466 -29.49 15.31 -40.36
N TYR D 467 -28.90 14.24 -40.87
CA TYR D 467 -28.26 14.26 -42.18
C TYR D 467 -29.02 13.41 -43.18
N SER D 468 -30.27 13.10 -42.85
CA SER D 468 -31.08 12.16 -43.62
C SER D 468 -31.33 12.59 -45.08
N GLN D 469 -31.22 13.89 -45.35
CA GLN D 469 -31.60 14.47 -46.65
C GLN D 469 -30.44 14.58 -47.63
N CYS D 470 -29.24 14.26 -47.15
CA CYS D 470 -28.05 14.38 -47.97
C CYS D 470 -27.82 13.16 -48.89
N GLU D 471 -28.15 13.32 -50.17
CA GLU D 471 -27.95 12.24 -51.11
C GLU D 471 -26.63 12.40 -51.83
N PRO D 472 -25.95 11.26 -52.10
CA PRO D 472 -24.77 11.29 -52.95
C PRO D 472 -25.11 11.80 -54.37
N ILE D 473 -24.09 12.30 -55.08
CA ILE D 473 -24.24 12.54 -56.52
C ILE D 473 -23.62 11.31 -57.20
N LEU D 474 -24.38 10.64 -58.05
CA LEU D 474 -23.89 9.44 -58.74
C LEU D 474 -24.04 9.47 -60.29
N ASP D 475 -23.31 8.58 -60.98
CA ASP D 475 -23.19 8.56 -62.44
C ASP D 475 -24.50 8.78 -63.23
N ALA E 1 -11.71 -4.71 48.84
CA ALA E 1 -12.91 -5.58 49.00
C ALA E 1 -12.72 -6.94 48.30
N ALA E 2 -13.41 -7.94 48.83
CA ALA E 2 -13.52 -9.25 48.19
C ALA E 2 -14.54 -9.21 47.07
N ARG E 3 -15.31 -8.11 47.03
CA ARG E 3 -16.23 -7.80 45.94
C ARG E 3 -15.46 -7.25 44.73
N GLU E 4 -14.63 -6.23 45.00
CA GLU E 4 -13.80 -5.57 43.98
C GLU E 4 -12.82 -6.55 43.32
N GLN E 5 -12.19 -7.39 44.14
CA GLN E 5 -11.18 -8.32 43.65
C GLN E 5 -11.77 -9.45 42.78
N ALA E 6 -13.01 -9.83 43.07
CA ALA E 6 -13.67 -10.91 42.33
C ALA E 6 -14.07 -10.46 40.92
N THR E 7 -14.66 -9.28 40.82
CA THR E 7 -15.11 -8.74 39.52
C THR E 7 -13.93 -8.38 38.61
N THR E 8 -12.83 -7.91 39.21
CA THR E 8 -11.62 -7.61 38.44
C THR E 8 -10.93 -8.89 37.94
N ASN E 9 -11.05 -9.98 38.71
CA ASN E 9 -10.68 -11.32 38.27
C ASN E 9 -11.53 -11.80 37.09
N ALA E 10 -12.84 -11.64 37.21
CA ALA E 10 -13.79 -11.97 36.14
C ALA E 10 -13.39 -11.42 34.76
N ARG E 11 -12.66 -10.31 34.77
CA ARG E 11 -12.18 -9.68 33.54
C ARG E 11 -11.09 -10.51 32.92
N ILE E 12 -10.06 -10.78 33.71
CA ILE E 12 -8.92 -11.59 33.28
C ILE E 12 -9.37 -12.98 32.81
N LEU E 13 -10.43 -13.51 33.41
CA LEU E 13 -10.93 -14.83 33.06
C LEU E 13 -11.76 -14.83 31.77
N ALA E 14 -12.40 -13.70 31.49
CA ALA E 14 -13.06 -13.49 30.20
C ALA E 14 -12.00 -13.34 29.11
N ARG E 15 -10.89 -12.69 29.48
CA ARG E 15 -9.78 -12.40 28.57
C ARG E 15 -9.04 -13.68 28.15
N VAL E 16 -8.53 -14.41 29.13
CA VAL E 16 -7.81 -15.66 28.90
C VAL E 16 -8.79 -16.75 28.48
N ALA F 1 -15.64 1.33 -55.57
CA ALA F 1 -15.50 2.29 -54.44
C ALA F 1 -16.66 3.29 -54.42
N ALA F 2 -17.20 3.57 -55.60
CA ALA F 2 -18.22 4.61 -55.81
C ALA F 2 -19.54 4.35 -55.05
N ARG F 3 -20.15 3.20 -55.29
CA ARG F 3 -21.42 2.86 -54.63
C ARG F 3 -21.26 2.41 -53.17
N GLU F 4 -20.16 1.73 -52.86
CA GLU F 4 -19.92 1.17 -51.52
C GLU F 4 -19.39 2.15 -50.47
N GLN F 5 -18.59 3.12 -50.91
CA GLN F 5 -18.13 4.18 -50.03
C GLN F 5 -19.34 5.06 -49.66
N ALA F 6 -20.35 5.08 -50.54
CA ALA F 6 -21.59 5.82 -50.27
C ALA F 6 -22.49 5.06 -49.29
N THR F 7 -22.33 3.74 -49.25
CA THR F 7 -23.00 2.88 -48.25
C THR F 7 -22.38 3.11 -46.86
N THR F 8 -21.06 3.03 -46.79
CA THR F 8 -20.27 3.35 -45.59
C THR F 8 -20.56 4.75 -45.08
N ASN F 9 -20.70 5.72 -46.00
CA ASN F 9 -20.97 7.09 -45.63
C ASN F 9 -22.35 7.31 -45.02
N ALA F 10 -23.34 6.58 -45.53
CA ALA F 10 -24.71 6.67 -45.03
C ALA F 10 -24.83 6.17 -43.59
N ARG F 11 -24.09 5.12 -43.25
CA ARG F 11 -24.05 4.64 -41.87
C ARG F 11 -23.54 5.72 -40.94
N ILE F 12 -22.42 6.33 -41.33
CA ILE F 12 -21.81 7.43 -40.57
C ILE F 12 -22.77 8.61 -40.41
N LEU F 13 -23.45 8.98 -41.49
CA LEU F 13 -24.39 10.10 -41.47
C LEU F 13 -25.65 9.79 -40.67
N ALA F 14 -25.95 8.49 -40.55
CA ALA F 14 -27.07 8.04 -39.72
C ALA F 14 -26.77 8.14 -38.23
N ARG F 15 -25.66 7.54 -37.78
CA ARG F 15 -25.28 7.59 -36.37
C ARG F 15 -25.00 9.01 -35.87
N VAL F 16 -24.39 9.83 -36.72
CA VAL F 16 -24.12 11.24 -36.40
C VAL F 16 -25.37 12.10 -36.57
#